data_2EBY
# 
_entry.id   2EBY 
# 
_audit_conform.dict_name       mmcif_pdbx.dic 
_audit_conform.dict_version    5.388 
_audit_conform.dict_location   http://mmcif.pdb.org/dictionaries/ascii/mmcif_pdbx.dic 
# 
loop_
_database_2.database_id 
_database_2.database_code 
_database_2.pdbx_database_accession 
_database_2.pdbx_DOI 
PDB   2EBY         pdb_00002eby 10.2210/pdb2eby/pdb 
RCSB  RCSB026479   ?            ?                   
WWPDB D_1000026479 ?            ?                   
# 
loop_
_pdbx_audit_revision_history.ordinal 
_pdbx_audit_revision_history.data_content_type 
_pdbx_audit_revision_history.major_revision 
_pdbx_audit_revision_history.minor_revision 
_pdbx_audit_revision_history.revision_date 
1 'Structure model' 1 0 2007-08-14 
2 'Structure model' 1 1 2011-07-13 
3 'Structure model' 1 2 2024-03-13 
# 
_pdbx_audit_revision_details.ordinal             1 
_pdbx_audit_revision_details.revision_ordinal    1 
_pdbx_audit_revision_details.data_content_type   'Structure model' 
_pdbx_audit_revision_details.provider            repository 
_pdbx_audit_revision_details.type                'Initial release' 
_pdbx_audit_revision_details.description         ? 
_pdbx_audit_revision_details.details             ? 
# 
loop_
_pdbx_audit_revision_group.ordinal 
_pdbx_audit_revision_group.revision_ordinal 
_pdbx_audit_revision_group.data_content_type 
_pdbx_audit_revision_group.group 
1 2 'Structure model' 'Version format compliance' 
2 3 'Structure model' 'Data collection'           
3 3 'Structure model' 'Database references'       
4 3 'Structure model' 'Derived calculations'      
# 
loop_
_pdbx_audit_revision_category.ordinal 
_pdbx_audit_revision_category.revision_ordinal 
_pdbx_audit_revision_category.data_content_type 
_pdbx_audit_revision_category.category 
1 3 'Structure model' chem_comp_atom 
2 3 'Structure model' chem_comp_bond 
3 3 'Structure model' database_2     
4 3 'Structure model' struct_site    
# 
loop_
_pdbx_audit_revision_item.ordinal 
_pdbx_audit_revision_item.revision_ordinal 
_pdbx_audit_revision_item.data_content_type 
_pdbx_audit_revision_item.item 
1 3 'Structure model' '_database_2.pdbx_DOI'                
2 3 'Structure model' '_database_2.pdbx_database_accession' 
3 3 'Structure model' '_struct_site.pdbx_auth_asym_id'      
4 3 'Structure model' '_struct_site.pdbx_auth_comp_id'      
5 3 'Structure model' '_struct_site.pdbx_auth_seq_id'       
# 
_pdbx_database_status.status_code                     REL 
_pdbx_database_status.entry_id                        2EBY 
_pdbx_database_status.recvd_initial_deposition_date   2007-02-09 
_pdbx_database_status.deposit_site                    PDBJ 
_pdbx_database_status.process_site                    PDBJ 
_pdbx_database_status.status_code_sf                  REL 
_pdbx_database_status.status_code_mr                  ? 
_pdbx_database_status.SG_entry                        Y 
_pdbx_database_status.pdb_format_compatible           Y 
_pdbx_database_status.status_code_cs                  ? 
_pdbx_database_status.status_code_nmr_data            ? 
_pdbx_database_status.methods_development_category    ? 
# 
_pdbx_database_related.db_name        TargetDB 
_pdbx_database_related.db_id          eco002000472.1 
_pdbx_database_related.details        . 
_pdbx_database_related.content_type   unspecified 
# 
loop_
_audit_author.name 
_audit_author.pdbx_ordinal 
'Karthe, P.'                                             1 
'Kumarevel, T.S.'                                        2 
'Ebihara, A.'                                            3 
'Kuramitsu, S.'                                          4 
'Yokoyama, S.'                                           5 
'RIKEN Structural Genomics/Proteomics Initiative (RSGI)' 6 
# 
_citation.id                        primary 
_citation.title                     'Crystal structure of a hypothetical protein from E. Coli' 
_citation.journal_abbrev            'To be Published' 
_citation.journal_volume            ? 
_citation.page_first                ? 
_citation.page_last                 ? 
_citation.year                      ? 
_citation.journal_id_ASTM           ? 
_citation.country                   ? 
_citation.journal_id_ISSN           ? 
_citation.journal_id_CSD            0353 
_citation.book_publisher            ? 
_citation.pdbx_database_id_PubMed   ? 
_citation.pdbx_database_id_DOI      ? 
# 
loop_
_citation_author.citation_id 
_citation_author.name 
_citation_author.ordinal 
_citation_author.identifier_ORCID 
primary 'Karthe, P.'      1 ? 
primary 'Kumarevel, T.S.' 2 ? 
primary 'Ebihara, S.'     3 ? 
primary 'Kuramitsu, S.'   4 ? 
primary 'Yokoyama, S.'    5 ? 
# 
loop_
_entity.id 
_entity.type 
_entity.src_method 
_entity.pdbx_description 
_entity.formula_weight 
_entity.pdbx_number_of_molecules 
_entity.pdbx_ec 
_entity.pdbx_mutation 
_entity.pdbx_fragment 
_entity.details 
1 polymer     man 'Putative HTH-type transcriptional regulator ybaQ' 13189.083 2  ? ? ? ? 
2 non-polymer syn 'SULFATE ION'                                      96.063    4  ? ? ? ? 
3 water       nat water                                              18.015    59 ? ? ? ? 
# 
_entity_poly.entity_id                      1 
_entity_poly.type                           'polypeptide(L)' 
_entity_poly.nstd_linkage                   no 
_entity_poly.nstd_monomer                   no 
_entity_poly.pdbx_seq_one_letter_code       
;MKQATRKPTTPGDILLYEYLEPLDLKINELAELLHVHRNSVSALINNNRKLTTEMAFRLAKVFDTTVDFWLNLQAAVDLW
EVENNMRTQEELGRIETVAEYLARREERAKKVA
;
_entity_poly.pdbx_seq_one_letter_code_can   
;MKQATRKPTTPGDILLYEYLEPLDLKINELAELLHVHRNSVSALINNNRKLTTEMAFRLAKVFDTTVDFWLNLQAAVDLW
EVENNMRTQEELGRIETVAEYLARREERAKKVA
;
_entity_poly.pdbx_strand_id                 A,B 
_entity_poly.pdbx_target_identifier         eco002000472.1 
# 
loop_
_pdbx_entity_nonpoly.entity_id 
_pdbx_entity_nonpoly.name 
_pdbx_entity_nonpoly.comp_id 
2 'SULFATE ION' SO4 
3 water         HOH 
# 
loop_
_entity_poly_seq.entity_id 
_entity_poly_seq.num 
_entity_poly_seq.mon_id 
_entity_poly_seq.hetero 
1 1   MET n 
1 2   LYS n 
1 3   GLN n 
1 4   ALA n 
1 5   THR n 
1 6   ARG n 
1 7   LYS n 
1 8   PRO n 
1 9   THR n 
1 10  THR n 
1 11  PRO n 
1 12  GLY n 
1 13  ASP n 
1 14  ILE n 
1 15  LEU n 
1 16  LEU n 
1 17  TYR n 
1 18  GLU n 
1 19  TYR n 
1 20  LEU n 
1 21  GLU n 
1 22  PRO n 
1 23  LEU n 
1 24  ASP n 
1 25  LEU n 
1 26  LYS n 
1 27  ILE n 
1 28  ASN n 
1 29  GLU n 
1 30  LEU n 
1 31  ALA n 
1 32  GLU n 
1 33  LEU n 
1 34  LEU n 
1 35  HIS n 
1 36  VAL n 
1 37  HIS n 
1 38  ARG n 
1 39  ASN n 
1 40  SER n 
1 41  VAL n 
1 42  SER n 
1 43  ALA n 
1 44  LEU n 
1 45  ILE n 
1 46  ASN n 
1 47  ASN n 
1 48  ASN n 
1 49  ARG n 
1 50  LYS n 
1 51  LEU n 
1 52  THR n 
1 53  THR n 
1 54  GLU n 
1 55  MET n 
1 56  ALA n 
1 57  PHE n 
1 58  ARG n 
1 59  LEU n 
1 60  ALA n 
1 61  LYS n 
1 62  VAL n 
1 63  PHE n 
1 64  ASP n 
1 65  THR n 
1 66  THR n 
1 67  VAL n 
1 68  ASP n 
1 69  PHE n 
1 70  TRP n 
1 71  LEU n 
1 72  ASN n 
1 73  LEU n 
1 74  GLN n 
1 75  ALA n 
1 76  ALA n 
1 77  VAL n 
1 78  ASP n 
1 79  LEU n 
1 80  TRP n 
1 81  GLU n 
1 82  VAL n 
1 83  GLU n 
1 84  ASN n 
1 85  ASN n 
1 86  MET n 
1 87  ARG n 
1 88  THR n 
1 89  GLN n 
1 90  GLU n 
1 91  GLU n 
1 92  LEU n 
1 93  GLY n 
1 94  ARG n 
1 95  ILE n 
1 96  GLU n 
1 97  THR n 
1 98  VAL n 
1 99  ALA n 
1 100 GLU n 
1 101 TYR n 
1 102 LEU n 
1 103 ALA n 
1 104 ARG n 
1 105 ARG n 
1 106 GLU n 
1 107 GLU n 
1 108 ARG n 
1 109 ALA n 
1 110 LYS n 
1 111 LYS n 
1 112 VAL n 
1 113 ALA n 
# 
_entity_src_gen.entity_id                          1 
_entity_src_gen.pdbx_src_id                        1 
_entity_src_gen.pdbx_alt_source_flag               sample 
_entity_src_gen.pdbx_seq_type                      ? 
_entity_src_gen.pdbx_beg_seq_num                   ? 
_entity_src_gen.pdbx_end_seq_num                   ? 
_entity_src_gen.gene_src_common_name               ? 
_entity_src_gen.gene_src_genus                     Escherichia 
_entity_src_gen.pdbx_gene_src_gene                 ybaQ 
_entity_src_gen.gene_src_species                   ? 
_entity_src_gen.gene_src_strain                    ? 
_entity_src_gen.gene_src_tissue                    ? 
_entity_src_gen.gene_src_tissue_fraction           ? 
_entity_src_gen.gene_src_details                   ? 
_entity_src_gen.pdbx_gene_src_fragment             ? 
_entity_src_gen.pdbx_gene_src_scientific_name      'Escherichia coli' 
_entity_src_gen.pdbx_gene_src_ncbi_taxonomy_id     562 
_entity_src_gen.pdbx_gene_src_variant              ? 
_entity_src_gen.pdbx_gene_src_cell_line            ? 
_entity_src_gen.pdbx_gene_src_atcc                 ? 
_entity_src_gen.pdbx_gene_src_organ                ? 
_entity_src_gen.pdbx_gene_src_organelle            ? 
_entity_src_gen.pdbx_gene_src_cell                 ? 
_entity_src_gen.pdbx_gene_src_cellular_location    ? 
_entity_src_gen.host_org_common_name               ? 
_entity_src_gen.pdbx_host_org_scientific_name      ? 
_entity_src_gen.pdbx_host_org_ncbi_taxonomy_id     ? 
_entity_src_gen.host_org_genus                     ? 
_entity_src_gen.pdbx_host_org_gene                 ? 
_entity_src_gen.pdbx_host_org_organ                ? 
_entity_src_gen.host_org_species                   ? 
_entity_src_gen.pdbx_host_org_tissue               ? 
_entity_src_gen.pdbx_host_org_tissue_fraction      ? 
_entity_src_gen.pdbx_host_org_strain               ? 
_entity_src_gen.pdbx_host_org_variant              ? 
_entity_src_gen.pdbx_host_org_cell_line            ? 
_entity_src_gen.pdbx_host_org_atcc                 ? 
_entity_src_gen.pdbx_host_org_culture_collection   ? 
_entity_src_gen.pdbx_host_org_cell                 ? 
_entity_src_gen.pdbx_host_org_organelle            ? 
_entity_src_gen.pdbx_host_org_cellular_location    ? 
_entity_src_gen.pdbx_host_org_vector_type          plasmid 
_entity_src_gen.pdbx_host_org_vector               ? 
_entity_src_gen.host_org_details                   ? 
_entity_src_gen.expression_system_id               ? 
_entity_src_gen.plasmid_name                       pCR2.1-Topo 
_entity_src_gen.plasmid_details                    ? 
_entity_src_gen.pdbx_description                   'E.coli cell-free system' 
# 
loop_
_chem_comp.id 
_chem_comp.type 
_chem_comp.mon_nstd_flag 
_chem_comp.name 
_chem_comp.pdbx_synonyms 
_chem_comp.formula 
_chem_comp.formula_weight 
ALA 'L-peptide linking' y ALANINE         ? 'C3 H7 N O2'     89.093  
ARG 'L-peptide linking' y ARGININE        ? 'C6 H15 N4 O2 1' 175.209 
ASN 'L-peptide linking' y ASPARAGINE      ? 'C4 H8 N2 O3'    132.118 
ASP 'L-peptide linking' y 'ASPARTIC ACID' ? 'C4 H7 N O4'     133.103 
GLN 'L-peptide linking' y GLUTAMINE       ? 'C5 H10 N2 O3'   146.144 
GLU 'L-peptide linking' y 'GLUTAMIC ACID' ? 'C5 H9 N O4'     147.129 
GLY 'peptide linking'   y GLYCINE         ? 'C2 H5 N O2'     75.067  
HIS 'L-peptide linking' y HISTIDINE       ? 'C6 H10 N3 O2 1' 156.162 
HOH non-polymer         . WATER           ? 'H2 O'           18.015  
ILE 'L-peptide linking' y ISOLEUCINE      ? 'C6 H13 N O2'    131.173 
LEU 'L-peptide linking' y LEUCINE         ? 'C6 H13 N O2'    131.173 
LYS 'L-peptide linking' y LYSINE          ? 'C6 H15 N2 O2 1' 147.195 
MET 'L-peptide linking' y METHIONINE      ? 'C5 H11 N O2 S'  149.211 
PHE 'L-peptide linking' y PHENYLALANINE   ? 'C9 H11 N O2'    165.189 
PRO 'L-peptide linking' y PROLINE         ? 'C5 H9 N O2'     115.130 
SER 'L-peptide linking' y SERINE          ? 'C3 H7 N O3'     105.093 
SO4 non-polymer         . 'SULFATE ION'   ? 'O4 S -2'        96.063  
THR 'L-peptide linking' y THREONINE       ? 'C4 H9 N O3'     119.119 
TRP 'L-peptide linking' y TRYPTOPHAN      ? 'C11 H12 N2 O2'  204.225 
TYR 'L-peptide linking' y TYROSINE        ? 'C9 H11 N O3'    181.189 
VAL 'L-peptide linking' y VALINE          ? 'C5 H11 N O2'    117.146 
# 
loop_
_pdbx_poly_seq_scheme.asym_id 
_pdbx_poly_seq_scheme.entity_id 
_pdbx_poly_seq_scheme.seq_id 
_pdbx_poly_seq_scheme.mon_id 
_pdbx_poly_seq_scheme.ndb_seq_num 
_pdbx_poly_seq_scheme.pdb_seq_num 
_pdbx_poly_seq_scheme.auth_seq_num 
_pdbx_poly_seq_scheme.pdb_mon_id 
_pdbx_poly_seq_scheme.auth_mon_id 
_pdbx_poly_seq_scheme.pdb_strand_id 
_pdbx_poly_seq_scheme.pdb_ins_code 
_pdbx_poly_seq_scheme.hetero 
A 1 1   MET 1   8   ?   ?   ?   A . n 
A 1 2   LYS 2   9   ?   ?   ?   A . n 
A 1 3   GLN 3   10  ?   ?   ?   A . n 
A 1 4   ALA 4   11  ?   ?   ?   A . n 
A 1 5   THR 5   12  ?   ?   ?   A . n 
A 1 6   ARG 6   13  ?   ?   ?   A . n 
A 1 7   LYS 7   14  14  LYS LYS A . n 
A 1 8   PRO 8   15  15  PRO PRO A . n 
A 1 9   THR 9   16  16  THR THR A . n 
A 1 10  THR 10  17  17  THR THR A . n 
A 1 11  PRO 11  18  18  PRO PRO A . n 
A 1 12  GLY 12  19  19  GLY GLY A . n 
A 1 13  ASP 13  20  20  ASP ASP A . n 
A 1 14  ILE 14  21  21  ILE ILE A . n 
A 1 15  LEU 15  22  22  LEU LEU A . n 
A 1 16  LEU 16  23  23  LEU LEU A . n 
A 1 17  TYR 17  24  24  TYR TYR A . n 
A 1 18  GLU 18  25  25  GLU GLU A . n 
A 1 19  TYR 19  26  26  TYR TYR A . n 
A 1 20  LEU 20  27  27  LEU LEU A . n 
A 1 21  GLU 21  28  28  GLU GLU A . n 
A 1 22  PRO 22  29  29  PRO PRO A . n 
A 1 23  LEU 23  30  30  LEU ALA A . n 
A 1 24  ASP 24  31  31  ASP ALA A . n 
A 1 25  LEU 25  32  32  LEU LEU A . n 
A 1 26  LYS 26  33  33  LYS LYS A . n 
A 1 27  ILE 27  34  34  ILE ILE A . n 
A 1 28  ASN 28  35  35  ASN ASN A . n 
A 1 29  GLU 29  36  36  GLU GLU A . n 
A 1 30  LEU 30  37  37  LEU LEU A . n 
A 1 31  ALA 31  38  38  ALA ALA A . n 
A 1 32  GLU 32  39  39  GLU GLU A . n 
A 1 33  LEU 33  40  40  LEU LEU A . n 
A 1 34  LEU 34  41  41  LEU LEU A . n 
A 1 35  HIS 35  42  42  HIS HIS A . n 
A 1 36  VAL 36  43  43  VAL VAL A . n 
A 1 37  HIS 37  44  44  HIS HIS A . n 
A 1 38  ARG 38  45  45  ARG ARG A . n 
A 1 39  ASN 39  46  46  ASN ASN A . n 
A 1 40  SER 40  47  47  SER SER A . n 
A 1 41  VAL 41  48  48  VAL VAL A . n 
A 1 42  SER 42  49  49  SER SER A . n 
A 1 43  ALA 43  50  50  ALA ALA A . n 
A 1 44  LEU 44  51  51  LEU LEU A . n 
A 1 45  ILE 45  52  52  ILE ILE A . n 
A 1 46  ASN 46  53  53  ASN ASN A . n 
A 1 47  ASN 47  54  54  ASN ASN A . n 
A 1 48  ASN 48  55  55  ASN ASN A . n 
A 1 49  ARG 49  56  56  ARG ARG A . n 
A 1 50  LYS 50  57  57  LYS LYS A . n 
A 1 51  LEU 51  58  58  LEU LEU A . n 
A 1 52  THR 52  59  59  THR THR A . n 
A 1 53  THR 53  60  60  THR THR A . n 
A 1 54  GLU 54  61  61  GLU GLU A . n 
A 1 55  MET 55  62  62  MET MET A . n 
A 1 56  ALA 56  63  63  ALA ALA A . n 
A 1 57  PHE 57  64  64  PHE PHE A . n 
A 1 58  ARG 58  65  65  ARG ARG A . n 
A 1 59  LEU 59  66  66  LEU LEU A . n 
A 1 60  ALA 60  67  67  ALA ALA A . n 
A 1 61  LYS 61  68  68  LYS LYS A . n 
A 1 62  VAL 62  69  69  VAL VAL A . n 
A 1 63  PHE 63  70  70  PHE PHE A . n 
A 1 64  ASP 64  71  71  ASP ASP A . n 
A 1 65  THR 65  72  72  THR THR A . n 
A 1 66  THR 66  73  73  THR THR A . n 
A 1 67  VAL 67  74  74  VAL VAL A . n 
A 1 68  ASP 68  75  75  ASP ASP A . n 
A 1 69  PHE 69  76  76  PHE PHE A . n 
A 1 70  TRP 70  77  77  TRP TRP A . n 
A 1 71  LEU 71  78  78  LEU LEU A . n 
A 1 72  ASN 72  79  79  ASN ASN A . n 
A 1 73  LEU 73  80  80  LEU LEU A . n 
A 1 74  GLN 74  81  81  GLN GLN A . n 
A 1 75  ALA 75  82  82  ALA ALA A . n 
A 1 76  ALA 76  83  83  ALA ALA A . n 
A 1 77  VAL 77  84  84  VAL VAL A . n 
A 1 78  ASP 78  85  85  ASP ASP A . n 
A 1 79  LEU 79  86  86  LEU LEU A . n 
A 1 80  TRP 80  87  87  TRP TRP A . n 
A 1 81  GLU 81  88  88  GLU GLU A . n 
A 1 82  VAL 82  89  89  VAL VAL A . n 
A 1 83  GLU 83  90  90  GLU GLU A . n 
A 1 84  ASN 84  91  91  ASN ASN A . n 
A 1 85  ASN 85  92  92  ASN ASN A . n 
A 1 86  MET 86  93  93  MET MET A . n 
A 1 87  ARG 87  94  94  ARG ARG A . n 
A 1 88  THR 88  95  95  THR THR A . n 
A 1 89  GLN 89  96  96  GLN GLN A . n 
A 1 90  GLU 90  97  97  GLU GLU A . n 
A 1 91  GLU 91  98  98  GLU GLU A . n 
A 1 92  LEU 92  99  99  LEU LEU A . n 
A 1 93  GLY 93  100 100 GLY GLY A . n 
A 1 94  ARG 94  101 101 ARG ARG A . n 
A 1 95  ILE 95  102 102 ILE ILE A . n 
A 1 96  GLU 96  103 103 GLU GLU A . n 
A 1 97  THR 97  104 104 THR THR A . n 
A 1 98  VAL 98  105 105 VAL VAL A . n 
A 1 99  ALA 99  106 106 ALA ALA A . n 
A 1 100 GLU 100 107 107 GLU GLU A . n 
A 1 101 TYR 101 108 108 TYR TYR A . n 
A 1 102 LEU 102 109 109 LEU LEU A . n 
A 1 103 ALA 103 110 110 ALA ALA A . n 
A 1 104 ARG 104 111 111 ARG ARG A . n 
A 1 105 ARG 105 112 112 ARG ARG A . n 
A 1 106 GLU 106 113 113 GLU GLU A . n 
A 1 107 GLU 107 114 114 GLU GLU A . n 
A 1 108 ARG 108 115 115 ARG ALA A . n 
A 1 109 ALA 109 116 ?   ?   ?   A . n 
A 1 110 LYS 110 117 ?   ?   ?   A . n 
A 1 111 LYS 111 118 ?   ?   ?   A . n 
A 1 112 VAL 112 119 ?   ?   ?   A . n 
A 1 113 ALA 113 120 ?   ?   ?   A . n 
B 1 1   MET 1   8   ?   ?   ?   B . n 
B 1 2   LYS 2   9   ?   ?   ?   B . n 
B 1 3   GLN 3   10  ?   ?   ?   B . n 
B 1 4   ALA 4   11  ?   ?   ?   B . n 
B 1 5   THR 5   12  ?   ?   ?   B . n 
B 1 6   ARG 6   13  ?   ?   ?   B . n 
B 1 7   LYS 7   14  14  LYS LYS B . n 
B 1 8   PRO 8   15  15  PRO PRO B . n 
B 1 9   THR 9   16  16  THR THR B . n 
B 1 10  THR 10  17  17  THR THR B . n 
B 1 11  PRO 11  18  18  PRO PRO B . n 
B 1 12  GLY 12  19  19  GLY GLY B . n 
B 1 13  ASP 13  20  20  ASP ASP B . n 
B 1 14  ILE 14  21  21  ILE ILE B . n 
B 1 15  LEU 15  22  22  LEU LEU B . n 
B 1 16  LEU 16  23  23  LEU LEU B . n 
B 1 17  TYR 17  24  24  TYR TYR B . n 
B 1 18  GLU 18  25  25  GLU GLU B . n 
B 1 19  TYR 19  26  26  TYR TYR B . n 
B 1 20  LEU 20  27  27  LEU LEU B . n 
B 1 21  GLU 21  28  28  GLU GLU B . n 
B 1 22  PRO 22  29  29  PRO PRO B . n 
B 1 23  LEU 23  30  30  LEU LEU B . n 
B 1 24  ASP 24  31  31  ASP ASP B . n 
B 1 25  LEU 25  32  32  LEU LEU B . n 
B 1 26  LYS 26  33  33  LYS LYS B . n 
B 1 27  ILE 27  34  34  ILE ILE B . n 
B 1 28  ASN 28  35  35  ASN ASN B . n 
B 1 29  GLU 29  36  36  GLU GLU B . n 
B 1 30  LEU 30  37  37  LEU LEU B . n 
B 1 31  ALA 31  38  38  ALA ALA B . n 
B 1 32  GLU 32  39  39  GLU GLU B . n 
B 1 33  LEU 33  40  40  LEU LEU B . n 
B 1 34  LEU 34  41  41  LEU LEU B . n 
B 1 35  HIS 35  42  42  HIS HIS B . n 
B 1 36  VAL 36  43  43  VAL VAL B . n 
B 1 37  HIS 37  44  44  HIS HIS B . n 
B 1 38  ARG 38  45  45  ARG ARG B . n 
B 1 39  ASN 39  46  46  ASN ASN B . n 
B 1 40  SER 40  47  47  SER SER B . n 
B 1 41  VAL 41  48  48  VAL VAL B . n 
B 1 42  SER 42  49  49  SER SER B . n 
B 1 43  ALA 43  50  50  ALA ALA B . n 
B 1 44  LEU 44  51  51  LEU LEU B . n 
B 1 45  ILE 45  52  52  ILE ILE B . n 
B 1 46  ASN 46  53  53  ASN ASN B . n 
B 1 47  ASN 47  54  54  ASN ASN B . n 
B 1 48  ASN 48  55  55  ASN ASN B . n 
B 1 49  ARG 49  56  56  ARG ARG B . n 
B 1 50  LYS 50  57  57  LYS LYS B . n 
B 1 51  LEU 51  58  58  LEU LEU B . n 
B 1 52  THR 52  59  59  THR THR B . n 
B 1 53  THR 53  60  60  THR THR B . n 
B 1 54  GLU 54  61  61  GLU GLU B . n 
B 1 55  MET 55  62  62  MET MET B . n 
B 1 56  ALA 56  63  63  ALA ALA B . n 
B 1 57  PHE 57  64  64  PHE PHE B . n 
B 1 58  ARG 58  65  65  ARG ARG B . n 
B 1 59  LEU 59  66  66  LEU LEU B . n 
B 1 60  ALA 60  67  67  ALA ALA B . n 
B 1 61  LYS 61  68  68  LYS LYS B . n 
B 1 62  VAL 62  69  69  VAL VAL B . n 
B 1 63  PHE 63  70  70  PHE PHE B . n 
B 1 64  ASP 64  71  71  ASP ASP B . n 
B 1 65  THR 65  72  72  THR THR B . n 
B 1 66  THR 66  73  73  THR THR B . n 
B 1 67  VAL 67  74  74  VAL VAL B . n 
B 1 68  ASP 68  75  75  ASP ASP B . n 
B 1 69  PHE 69  76  76  PHE PHE B . n 
B 1 70  TRP 70  77  77  TRP TRP B . n 
B 1 71  LEU 71  78  78  LEU LEU B . n 
B 1 72  ASN 72  79  79  ASN ASN B . n 
B 1 73  LEU 73  80  80  LEU LEU B . n 
B 1 74  GLN 74  81  81  GLN GLN B . n 
B 1 75  ALA 75  82  82  ALA ALA B . n 
B 1 76  ALA 76  83  83  ALA ALA B . n 
B 1 77  VAL 77  84  84  VAL VAL B . n 
B 1 78  ASP 78  85  85  ASP ASP B . n 
B 1 79  LEU 79  86  86  LEU LEU B . n 
B 1 80  TRP 80  87  87  TRP TRP B . n 
B 1 81  GLU 81  88  88  GLU GLU B . n 
B 1 82  VAL 82  89  89  VAL VAL B . n 
B 1 83  GLU 83  90  90  GLU GLU B . n 
B 1 84  ASN 84  91  91  ASN ASN B . n 
B 1 85  ASN 85  92  92  ASN ASN B . n 
B 1 86  MET 86  93  93  MET MET B . n 
B 1 87  ARG 87  94  94  ARG ARG B . n 
B 1 88  THR 88  95  95  THR THR B . n 
B 1 89  GLN 89  96  96  GLN GLN B . n 
B 1 90  GLU 90  97  97  GLU GLU B . n 
B 1 91  GLU 91  98  98  GLU GLU B . n 
B 1 92  LEU 92  99  99  LEU LEU B . n 
B 1 93  GLY 93  100 100 GLY GLY B . n 
B 1 94  ARG 94  101 101 ARG ARG B . n 
B 1 95  ILE 95  102 102 ILE ILE B . n 
B 1 96  GLU 96  103 103 GLU GLU B . n 
B 1 97  THR 97  104 104 THR THR B . n 
B 1 98  VAL 98  105 105 VAL VAL B . n 
B 1 99  ALA 99  106 106 ALA ALA B . n 
B 1 100 GLU 100 107 107 GLU GLU B . n 
B 1 101 TYR 101 108 108 TYR TYR B . n 
B 1 102 LEU 102 109 109 LEU ALA B . n 
B 1 103 ALA 103 110 110 ALA ALA B . n 
B 1 104 ARG 104 111 111 ARG ALA B . n 
B 1 105 ARG 105 112 ?   ?   ?   B . n 
B 1 106 GLU 106 113 ?   ?   ?   B . n 
B 1 107 GLU 107 114 ?   ?   ?   B . n 
B 1 108 ARG 108 115 ?   ?   ?   B . n 
B 1 109 ALA 109 116 ?   ?   ?   B . n 
B 1 110 LYS 110 117 ?   ?   ?   B . n 
B 1 111 LYS 111 118 ?   ?   ?   B . n 
B 1 112 VAL 112 119 ?   ?   ?   B . n 
B 1 113 ALA 113 120 ?   ?   ?   B . n 
# 
loop_
_pdbx_nonpoly_scheme.asym_id 
_pdbx_nonpoly_scheme.entity_id 
_pdbx_nonpoly_scheme.mon_id 
_pdbx_nonpoly_scheme.ndb_seq_num 
_pdbx_nonpoly_scheme.pdb_seq_num 
_pdbx_nonpoly_scheme.auth_seq_num 
_pdbx_nonpoly_scheme.pdb_mon_id 
_pdbx_nonpoly_scheme.auth_mon_id 
_pdbx_nonpoly_scheme.pdb_strand_id 
_pdbx_nonpoly_scheme.pdb_ins_code 
C 2 SO4 1  121 4  SO4 SO4 A . 
D 2 SO4 1  121 1  SO4 SO4 B . 
E 2 SO4 1  122 2  SO4 SO4 B . 
F 2 SO4 1  123 3  SO4 SO4 B . 
G 3 HOH 1  122 2  HOH HOH A . 
G 3 HOH 2  123 8  HOH HOH A . 
G 3 HOH 3  124 9  HOH HOH A . 
G 3 HOH 4  125 10 HOH HOH A . 
G 3 HOH 5  126 14 HOH HOH A . 
G 3 HOH 6  127 15 HOH HOH A . 
G 3 HOH 7  128 18 HOH HOH A . 
G 3 HOH 8  129 19 HOH HOH A . 
G 3 HOH 9  130 20 HOH HOH A . 
G 3 HOH 10 131 22 HOH HOH A . 
G 3 HOH 11 132 28 HOH HOH A . 
G 3 HOH 12 133 35 HOH HOH A . 
G 3 HOH 13 134 37 HOH HOH A . 
G 3 HOH 14 135 39 HOH HOH A . 
G 3 HOH 15 136 40 HOH HOH A . 
G 3 HOH 16 137 41 HOH HOH A . 
G 3 HOH 17 138 42 HOH HOH A . 
G 3 HOH 18 139 43 HOH HOH A . 
G 3 HOH 19 140 44 HOH HOH A . 
G 3 HOH 20 141 45 HOH HOH A . 
G 3 HOH 21 142 47 HOH HOH A . 
G 3 HOH 22 143 49 HOH HOH A . 
G 3 HOH 23 144 53 HOH HOH A . 
G 3 HOH 24 145 63 HOH HOH A . 
G 3 HOH 25 146 65 HOH HOH A . 
G 3 HOH 26 147 66 HOH HOH A . 
G 3 HOH 27 148 67 HOH HOH A . 
G 3 HOH 28 149 68 HOH HOH A . 
G 3 HOH 29 150 69 HOH HOH A . 
H 3 HOH 1  124 1  HOH HOH B . 
H 3 HOH 2  125 5  HOH HOH B . 
H 3 HOH 3  126 6  HOH HOH B . 
H 3 HOH 4  127 7  HOH HOH B . 
H 3 HOH 5  128 11 HOH HOH B . 
H 3 HOH 6  129 12 HOH HOH B . 
H 3 HOH 7  130 16 HOH HOH B . 
H 3 HOH 8  131 17 HOH HOH B . 
H 3 HOH 9  132 21 HOH HOH B . 
H 3 HOH 10 133 23 HOH HOH B . 
H 3 HOH 11 134 24 HOH HOH B . 
H 3 HOH 12 135 25 HOH HOH B . 
H 3 HOH 13 136 26 HOH HOH B . 
H 3 HOH 14 137 27 HOH HOH B . 
H 3 HOH 15 138 29 HOH HOH B . 
H 3 HOH 16 139 30 HOH HOH B . 
H 3 HOH 17 140 31 HOH HOH B . 
H 3 HOH 18 141 32 HOH HOH B . 
H 3 HOH 19 142 33 HOH HOH B . 
H 3 HOH 20 143 34 HOH HOH B . 
H 3 HOH 21 144 38 HOH HOH B . 
H 3 HOH 22 145 50 HOH HOH B . 
H 3 HOH 23 146 51 HOH HOH B . 
H 3 HOH 24 147 52 HOH HOH B . 
H 3 HOH 25 148 54 HOH HOH B . 
H 3 HOH 26 149 55 HOH HOH B . 
H 3 HOH 27 150 57 HOH HOH B . 
H 3 HOH 28 151 62 HOH HOH B . 
H 3 HOH 29 152 64 HOH HOH B . 
H 3 HOH 30 153 70 HOH HOH B . 
# 
loop_
_pdbx_unobs_or_zero_occ_atoms.id 
_pdbx_unobs_or_zero_occ_atoms.PDB_model_num 
_pdbx_unobs_or_zero_occ_atoms.polymer_flag 
_pdbx_unobs_or_zero_occ_atoms.occupancy_flag 
_pdbx_unobs_or_zero_occ_atoms.auth_asym_id 
_pdbx_unobs_or_zero_occ_atoms.auth_comp_id 
_pdbx_unobs_or_zero_occ_atoms.auth_seq_id 
_pdbx_unobs_or_zero_occ_atoms.PDB_ins_code 
_pdbx_unobs_or_zero_occ_atoms.auth_atom_id 
_pdbx_unobs_or_zero_occ_atoms.label_alt_id 
_pdbx_unobs_or_zero_occ_atoms.label_asym_id 
_pdbx_unobs_or_zero_occ_atoms.label_comp_id 
_pdbx_unobs_or_zero_occ_atoms.label_seq_id 
_pdbx_unobs_or_zero_occ_atoms.label_atom_id 
1  1 Y 1 A LEU 30  ? CG  ? A LEU 23  CG  
2  1 Y 1 A LEU 30  ? CD1 ? A LEU 23  CD1 
3  1 Y 1 A LEU 30  ? CD2 ? A LEU 23  CD2 
4  1 Y 1 A ASP 31  ? CG  ? A ASP 24  CG  
5  1 Y 1 A ASP 31  ? OD1 ? A ASP 24  OD1 
6  1 Y 1 A ASP 31  ? OD2 ? A ASP 24  OD2 
7  1 Y 1 A ARG 115 ? CG  ? A ARG 108 CG  
8  1 Y 1 A ARG 115 ? CD  ? A ARG 108 CD  
9  1 Y 1 A ARG 115 ? NE  ? A ARG 108 NE  
10 1 Y 1 A ARG 115 ? CZ  ? A ARG 108 CZ  
11 1 Y 1 A ARG 115 ? NH1 ? A ARG 108 NH1 
12 1 Y 1 A ARG 115 ? NH2 ? A ARG 108 NH2 
13 1 Y 1 B LEU 109 ? CG  ? B LEU 102 CG  
14 1 Y 1 B LEU 109 ? CD1 ? B LEU 102 CD1 
15 1 Y 1 B LEU 109 ? CD2 ? B LEU 102 CD2 
16 1 Y 1 B ARG 111 ? CG  ? B ARG 104 CG  
17 1 Y 1 B ARG 111 ? CD  ? B ARG 104 CD  
18 1 Y 1 B ARG 111 ? NE  ? B ARG 104 NE  
19 1 Y 1 B ARG 111 ? CZ  ? B ARG 104 CZ  
20 1 Y 1 B ARG 111 ? NH1 ? B ARG 104 NH1 
21 1 Y 1 B ARG 111 ? NH2 ? B ARG 104 NH2 
# 
loop_
_software.name 
_software.classification 
_software.version 
_software.citation_id 
_software.pdbx_ordinal 
CNS      refinement        1.1 ? 1 
BSS      'data collection' .   ? 2 
HKL-2000 'data reduction'  .   ? 3 
HKL-2000 'data scaling'    .   ? 4 
SOLVE    phasing           .   ? 5 
# 
_cell.entry_id           2EBY 
_cell.length_a           89.793 
_cell.length_b           89.793 
_cell.length_c           54.250 
_cell.angle_alpha        90.00 
_cell.angle_beta         90.00 
_cell.angle_gamma        120.00 
_cell.Z_PDB              12 
_cell.pdbx_unique_axis   ? 
_cell.length_a_esd       ? 
_cell.length_b_esd       ? 
_cell.length_c_esd       ? 
_cell.angle_alpha_esd    ? 
_cell.angle_beta_esd     ? 
_cell.angle_gamma_esd    ? 
# 
_symmetry.entry_id                         2EBY 
_symmetry.space_group_name_H-M             'P 32 2 1' 
_symmetry.pdbx_full_space_group_name_H-M   ? 
_symmetry.cell_setting                     ? 
_symmetry.Int_Tables_number                154 
_symmetry.space_group_name_Hall            ? 
# 
_exptl.entry_id          2EBY 
_exptl.method            'X-RAY DIFFRACTION' 
_exptl.crystals_number   1 
# 
_exptl_crystal.id                    1 
_exptl_crystal.density_meas          ? 
_exptl_crystal.density_Matthews      2.39 
_exptl_crystal.density_percent_sol   48.60 
_exptl_crystal.description           ? 
_exptl_crystal.F_000                 ? 
_exptl_crystal.preparation           ? 
# 
_exptl_crystal_grow.crystal_id      1 
_exptl_crystal_grow.method          'LIQUID DIFFUSION' 
_exptl_crystal_grow.temp            293 
_exptl_crystal_grow.temp_details    ? 
_exptl_crystal_grow.pH              9.4 
_exptl_crystal_grow.pdbx_details    '1.93M Ammonium sulfate, 0.1M CHES, pH 9.4, LIQUID DIFFUSION, temperature 293K' 
_exptl_crystal_grow.pdbx_pH_range   . 
# 
_diffrn.id                     1 
_diffrn.ambient_temp           180 
_diffrn.ambient_temp_details   ? 
_diffrn.crystal_id             1 
# 
_diffrn_detector.diffrn_id              1 
_diffrn_detector.detector               CCD 
_diffrn_detector.type                   'RIGAKU JUPITER 210' 
_diffrn_detector.pdbx_collection_date   2006-12-18 
_diffrn_detector.details                ? 
# 
_diffrn_radiation.diffrn_id                        1 
_diffrn_radiation.wavelength_id                    1 
_diffrn_radiation.pdbx_monochromatic_or_laue_m_l   M 
_diffrn_radiation.monochromator                    Si 
_diffrn_radiation.pdbx_diffrn_protocol             MAD 
_diffrn_radiation.pdbx_scattering_type             x-ray 
# 
loop_
_diffrn_radiation_wavelength.id 
_diffrn_radiation_wavelength.wavelength 
_diffrn_radiation_wavelength.wt 
1 0.97895 1.0 
2 0.97943 1.0 
3 0.9000  1.0 
# 
_diffrn_source.diffrn_id                   1 
_diffrn_source.source                      SYNCHROTRON 
_diffrn_source.type                        'SPRING-8 BEAMLINE BL26B2' 
_diffrn_source.pdbx_synchrotron_site       SPring-8 
_diffrn_source.pdbx_synchrotron_beamline   BL26B2 
_diffrn_source.pdbx_wavelength             ? 
_diffrn_source.pdbx_wavelength_list        '0.97895, 0.97943, 0.9000' 
# 
_reflns.entry_id                     2EBY 
_reflns.observed_criterion_sigma_I   2 
_reflns.observed_criterion_sigma_F   2 
_reflns.d_resolution_low             50 
_reflns.d_resolution_high            2.25 
_reflns.number_obs                   12218 
_reflns.number_all                   12218 
_reflns.percent_possible_obs         100 
_reflns.pdbx_Rmerge_I_obs            0.077 
_reflns.pdbx_Rsym_value              ? 
_reflns.pdbx_netI_over_sigmaI        ? 
_reflns.B_iso_Wilson_estimate        18.1 
_reflns.pdbx_redundancy              10.2 
_reflns.R_free_details               ? 
_reflns.limit_h_max                  ? 
_reflns.limit_h_min                  ? 
_reflns.limit_k_max                  ? 
_reflns.limit_k_min                  ? 
_reflns.limit_l_max                  ? 
_reflns.limit_l_min                  ? 
_reflns.observed_criterion_F_max     ? 
_reflns.observed_criterion_F_min     ? 
_reflns.pdbx_chi_squared             ? 
_reflns.pdbx_scaling_rejects         ? 
_reflns.pdbx_diffrn_id               1 
_reflns.pdbx_ordinal                 1 
# 
_reflns_shell.d_res_high             2.25 
_reflns_shell.d_res_low              2.33 
_reflns_shell.percent_possible_all   100 
_reflns_shell.Rmerge_I_obs           0.306 
_reflns_shell.pdbx_Rsym_value        ? 
_reflns_shell.meanI_over_sigI_obs    ? 
_reflns_shell.pdbx_redundancy        9.6 
_reflns_shell.percent_possible_obs   ? 
_reflns_shell.number_unique_all      1190 
_reflns_shell.number_measured_all    ? 
_reflns_shell.number_measured_obs    ? 
_reflns_shell.number_unique_obs      ? 
_reflns_shell.pdbx_chi_squared       ? 
_reflns_shell.pdbx_diffrn_id         ? 
_reflns_shell.pdbx_ordinal           1 
# 
_refine.entry_id                                 2EBY 
_refine.ls_number_reflns_obs                     12179 
_refine.ls_number_reflns_all                     12218 
_refine.pdbx_ls_sigma_I                          ? 
_refine.pdbx_ls_sigma_F                          0.0 
_refine.pdbx_data_cutoff_high_absF               1423955.27 
_refine.pdbx_data_cutoff_low_absF                0.000000 
_refine.pdbx_data_cutoff_high_rms_absF           ? 
_refine.ls_d_res_low                             19.93 
_refine.ls_d_res_high                            2.25 
_refine.ls_percent_reflns_obs                    99.9 
_refine.ls_R_factor_obs                          0.228 
_refine.ls_R_factor_all                          ? 
_refine.ls_R_factor_R_work                       0.228 
_refine.ls_R_factor_R_free                       0.248 
_refine.ls_R_factor_R_free_error                 0.010 
_refine.ls_R_factor_R_free_error_details         ? 
_refine.ls_percent_reflns_R_free                 5.0 
_refine.ls_number_reflns_R_free                  614 
_refine.ls_number_parameters                     ? 
_refine.ls_number_restraints                     ? 
_refine.occupancy_min                            ? 
_refine.occupancy_max                            ? 
_refine.correlation_coeff_Fo_to_Fc               ? 
_refine.correlation_coeff_Fo_to_Fc_free          ? 
_refine.B_iso_mean                               37.8 
_refine.aniso_B[1][1]                            4.30 
_refine.aniso_B[2][2]                            4.30 
_refine.aniso_B[3][3]                            -8.61 
_refine.aniso_B[1][2]                            1.39 
_refine.aniso_B[1][3]                            0.00 
_refine.aniso_B[2][3]                            0.00 
_refine.solvent_model_details                    'FLAT MODEL' 
_refine.solvent_model_param_ksol                 0.365804 
_refine.solvent_model_param_bsol                 44.6251 
_refine.pdbx_solvent_vdw_probe_radii             ? 
_refine.pdbx_solvent_ion_probe_radii             ? 
_refine.pdbx_solvent_shrinkage_radii             ? 
_refine.pdbx_ls_cross_valid_method               THROUGHOUT 
_refine.details                                  ? 
_refine.pdbx_starting_model                      ? 
_refine.pdbx_method_to_determine_struct          MAD 
_refine.pdbx_isotropic_thermal_model             RESTRAINED 
_refine.pdbx_stereochemistry_target_values       'Engh & Huber' 
_refine.pdbx_stereochem_target_val_spec_case     ? 
_refine.pdbx_R_Free_selection_details            RANDOM 
_refine.pdbx_overall_ESU_R                       ? 
_refine.pdbx_overall_ESU_R_Free                  ? 
_refine.overall_SU_ML                            ? 
_refine.overall_SU_B                             ? 
_refine.ls_redundancy_reflns_obs                 ? 
_refine.B_iso_min                                ? 
_refine.B_iso_max                                ? 
_refine.overall_SU_R_Cruickshank_DPI             ? 
_refine.overall_SU_R_free                        ? 
_refine.ls_wR_factor_R_free                      ? 
_refine.ls_wR_factor_R_work                      ? 
_refine.overall_FOM_free_R_set                   ? 
_refine.overall_FOM_work_R_set                   ? 
_refine.pdbx_refine_id                           'X-RAY DIFFRACTION' 
_refine.pdbx_diffrn_id                           1 
_refine.pdbx_TLS_residual_ADP_flag               ? 
_refine.pdbx_overall_phase_error                 ? 
_refine.pdbx_overall_SU_R_free_Cruickshank_DPI   ? 
_refine.pdbx_overall_SU_R_Blow_DPI               ? 
_refine.pdbx_overall_SU_R_free_Blow_DPI          ? 
# 
_refine_analyze.entry_id                        2EBY 
_refine_analyze.Luzzati_coordinate_error_obs    0.27 
_refine_analyze.Luzzati_sigma_a_obs             0.15 
_refine_analyze.Luzzati_d_res_low_obs           5.00 
_refine_analyze.Luzzati_coordinate_error_free   0.33 
_refine_analyze.Luzzati_sigma_a_free            0.19 
_refine_analyze.Luzzati_d_res_low_free          ? 
_refine_analyze.number_disordered_residues      ? 
_refine_analyze.occupancy_sum_hydrogen          ? 
_refine_analyze.occupancy_sum_non_hydrogen      ? 
_refine_analyze.pdbx_Luzzati_d_res_high_obs     ? 
_refine_analyze.pdbx_refine_id                  'X-RAY DIFFRACTION' 
# 
_refine_hist.pdbx_refine_id                   'X-RAY DIFFRACTION' 
_refine_hist.cycle_id                         LAST 
_refine_hist.pdbx_number_atoms_protein        1623 
_refine_hist.pdbx_number_atoms_nucleic_acid   0 
_refine_hist.pdbx_number_atoms_ligand         20 
_refine_hist.number_atoms_solvent             59 
_refine_hist.number_atoms_total               1702 
_refine_hist.d_res_high                       2.25 
_refine_hist.d_res_low                        19.93 
# 
loop_
_refine_ls_restr.type 
_refine_ls_restr.dev_ideal 
_refine_ls_restr.dev_ideal_target 
_refine_ls_restr.weight 
_refine_ls_restr.number 
_refine_ls_restr.pdbx_refine_id 
_refine_ls_restr.pdbx_restraint_function 
c_bond_d           0.006 ?    ? ? 'X-RAY DIFFRACTION' ? 
c_angle_deg        1.1   ?    ? ? 'X-RAY DIFFRACTION' ? 
c_dihedral_angle_d 18.7  ?    ? ? 'X-RAY DIFFRACTION' ? 
c_improper_angle_d 0.86  ?    ? ? 'X-RAY DIFFRACTION' ? 
c_mcbond_it        1.32  1.50 ? ? 'X-RAY DIFFRACTION' ? 
c_mcangle_it       2.05  2.00 ? ? 'X-RAY DIFFRACTION' ? 
c_scbond_it        2.32  2.00 ? ? 'X-RAY DIFFRACTION' ? 
c_scangle_it       3.34  2.50 ? ? 'X-RAY DIFFRACTION' ? 
# 
_refine_ls_shell.pdbx_total_number_of_bins_used   6 
_refine_ls_shell.d_res_high                       2.25 
_refine_ls_shell.d_res_low                        2.39 
_refine_ls_shell.number_reflns_R_work             1868 
_refine_ls_shell.R_factor_R_work                  0.232 
_refine_ls_shell.percent_reflns_obs               97.1 
_refine_ls_shell.R_factor_R_free                  0.27 
_refine_ls_shell.R_factor_R_free_error            0.029 
_refine_ls_shell.percent_reflns_R_free            4.4 
_refine_ls_shell.number_reflns_R_free             86 
_refine_ls_shell.number_reflns_all                ? 
_refine_ls_shell.R_factor_all                     ? 
_refine_ls_shell.number_reflns_obs                ? 
_refine_ls_shell.redundancy_reflns_obs            ? 
_refine_ls_shell.pdbx_refine_id                   'X-RAY DIFFRACTION' 
# 
loop_
_pdbx_xplor_file.serial_no 
_pdbx_xplor_file.param_file 
_pdbx_xplor_file.topol_file 
_pdbx_xplor_file.pdbx_refine_id 
1 protein_rep.param protein.top       'X-RAY DIFFRACTION' 
2 water_rep.param   water.top         'X-RAY DIFFRACTION' 
3 dna-rna_rep.param dna-rna_rep.param 'X-RAY DIFFRACTION' 
4 ion.param         ion.param         'X-RAY DIFFRACTION' 
# 
_struct.entry_id                  2EBY 
_struct.title                     'Crystal structure of a hypothetical protein from E. Coli' 
_struct.pdbx_model_details        ? 
_struct.pdbx_CASP_flag            ? 
_struct.pdbx_model_type_details   ? 
# 
_struct_keywords.entry_id        2EBY 
_struct_keywords.pdbx_keywords   TRANSCRIPTION 
_struct_keywords.text            
;Hypothetical protein, JW0472, Structural Genomics, NPPSFA, National Project on Protein Structural and Functional Analyses, RIKEN Structural Genomics/Proteomics Initiative, RSGI, TRANSCRIPTION
;
# 
loop_
_struct_asym.id 
_struct_asym.pdbx_blank_PDB_chainid_flag 
_struct_asym.pdbx_modified 
_struct_asym.entity_id 
_struct_asym.details 
A N N 1 ? 
B N N 1 ? 
C N N 2 ? 
D N N 2 ? 
E N N 2 ? 
F N N 2 ? 
G N N 3 ? 
H N N 3 ? 
# 
_struct_ref.id                         1 
_struct_ref.db_name                    UNP 
_struct_ref.db_code                    YBAQ_ECOLI 
_struct_ref.pdbx_db_accession          P0A9T6 
_struct_ref.entity_id                  1 
_struct_ref.pdbx_seq_one_letter_code   
;MKQATRKPTTPGDILLYEYLEPLDLKINELAELLHVHRNSVSALINNNRKLTTEMAFRLAKVFDTTVDFWLNLQAAVDLW
EVENNMRTQEELGRIETVAEYLARREERAKKVA
;
_struct_ref.pdbx_align_begin           1 
_struct_ref.pdbx_db_isoform            ? 
# 
loop_
_struct_ref_seq.align_id 
_struct_ref_seq.ref_id 
_struct_ref_seq.pdbx_PDB_id_code 
_struct_ref_seq.pdbx_strand_id 
_struct_ref_seq.seq_align_beg 
_struct_ref_seq.pdbx_seq_align_beg_ins_code 
_struct_ref_seq.seq_align_end 
_struct_ref_seq.pdbx_seq_align_end_ins_code 
_struct_ref_seq.pdbx_db_accession 
_struct_ref_seq.db_align_beg 
_struct_ref_seq.pdbx_db_align_beg_ins_code 
_struct_ref_seq.db_align_end 
_struct_ref_seq.pdbx_db_align_end_ins_code 
_struct_ref_seq.pdbx_auth_seq_align_beg 
_struct_ref_seq.pdbx_auth_seq_align_end 
1 1 2EBY A 1 ? 113 ? P0A9T6 1 ? 113 ? 8 120 
2 1 2EBY B 1 ? 113 ? P0A9T6 1 ? 113 ? 8 120 
# 
_pdbx_struct_assembly.id                   1 
_pdbx_struct_assembly.details              author_defined_assembly 
_pdbx_struct_assembly.method_details       ? 
_pdbx_struct_assembly.oligomeric_details   dimeric 
_pdbx_struct_assembly.oligomeric_count     2 
# 
_pdbx_struct_assembly_gen.assembly_id       1 
_pdbx_struct_assembly_gen.oper_expression   1 
_pdbx_struct_assembly_gen.asym_id_list      A,B,C,D,E,F,G,H 
# 
_pdbx_struct_oper_list.id                   1 
_pdbx_struct_oper_list.type                 'identity operation' 
_pdbx_struct_oper_list.name                 1_555 
_pdbx_struct_oper_list.symmetry_operation   x,y,z 
_pdbx_struct_oper_list.matrix[1][1]         1.0000000000 
_pdbx_struct_oper_list.matrix[1][2]         0.0000000000 
_pdbx_struct_oper_list.matrix[1][3]         0.0000000000 
_pdbx_struct_oper_list.vector[1]            0.0000000000 
_pdbx_struct_oper_list.matrix[2][1]         0.0000000000 
_pdbx_struct_oper_list.matrix[2][2]         1.0000000000 
_pdbx_struct_oper_list.matrix[2][3]         0.0000000000 
_pdbx_struct_oper_list.vector[2]            0.0000000000 
_pdbx_struct_oper_list.matrix[3][1]         0.0000000000 
_pdbx_struct_oper_list.matrix[3][2]         0.0000000000 
_pdbx_struct_oper_list.matrix[3][3]         1.0000000000 
_pdbx_struct_oper_list.vector[3]            0.0000000000 
# 
_struct_biol.id        1 
_struct_biol.details   ? 
# 
loop_
_struct_conf.conf_type_id 
_struct_conf.id 
_struct_conf.pdbx_PDB_helix_id 
_struct_conf.beg_label_comp_id 
_struct_conf.beg_label_asym_id 
_struct_conf.beg_label_seq_id 
_struct_conf.pdbx_beg_PDB_ins_code 
_struct_conf.end_label_comp_id 
_struct_conf.end_label_asym_id 
_struct_conf.end_label_seq_id 
_struct_conf.pdbx_end_PDB_ins_code 
_struct_conf.beg_auth_comp_id 
_struct_conf.beg_auth_asym_id 
_struct_conf.beg_auth_seq_id 
_struct_conf.end_auth_comp_id 
_struct_conf.end_auth_asym_id 
_struct_conf.end_auth_seq_id 
_struct_conf.pdbx_PDB_helix_class 
_struct_conf.details 
_struct_conf.pdbx_PDB_helix_length 
HELX_P HELX_P1  1  THR A 10 ? TYR A 19  ? THR A 17  TYR A 26  1 ? 10 
HELX_P HELX_P2  2  LYS A 26 ? HIS A 35  ? LYS A 33  HIS A 42  1 ? 10 
HELX_P HELX_P3  3  HIS A 37 ? ASN A 46  ? HIS A 44  ASN A 53  1 ? 10 
HELX_P HELX_P4  4  THR A 52 ? ASP A 64  ? THR A 59  ASP A 71  1 ? 13 
HELX_P HELX_P5  5  THR A 66 ? ASN A 84  ? THR A 73  ASN A 91  1 ? 19 
HELX_P HELX_P6  6  ASN A 85 ? ILE A 95  ? ASN A 92  ILE A 102 1 ? 11 
HELX_P HELX_P7  7  THR A 97 ? ARG A 108 ? THR A 104 ARG A 115 1 ? 12 
HELX_P HELX_P8  8  THR B 10 ? TYR B 19  ? THR B 17  TYR B 26  1 ? 10 
HELX_P HELX_P9  9  TYR B 19 ? ASP B 24  ? TYR B 26  ASP B 31  1 ? 6  
HELX_P HELX_P10 10 LYS B 26 ? HIS B 35  ? LYS B 33  HIS B 42  1 ? 10 
HELX_P HELX_P11 11 HIS B 37 ? ASN B 46  ? HIS B 44  ASN B 53  1 ? 10 
HELX_P HELX_P12 12 THR B 52 ? ASP B 64  ? THR B 59  ASP B 71  1 ? 13 
HELX_P HELX_P13 13 THR B 66 ? ASN B 84  ? THR B 73  ASN B 91  1 ? 19 
HELX_P HELX_P14 14 ASN B 85 ? ARG B 94  ? ASN B 92  ARG B 101 1 ? 10 
HELX_P HELX_P15 15 THR B 97 ? ARG B 104 ? THR B 104 ARG B 111 1 ? 8  
# 
_struct_conf_type.id          HELX_P 
_struct_conf_type.criteria    ? 
_struct_conf_type.reference   ? 
# 
loop_
_struct_site.id 
_struct_site.pdbx_evidence_code 
_struct_site.pdbx_auth_asym_id 
_struct_site.pdbx_auth_comp_id 
_struct_site.pdbx_auth_seq_id 
_struct_site.pdbx_auth_ins_code 
_struct_site.pdbx_num_residues 
_struct_site.details 
AC1 Software B SO4 121 ? 3 'BINDING SITE FOR RESIDUE SO4 B 121' 
AC2 Software B SO4 122 ? 4 'BINDING SITE FOR RESIDUE SO4 B 122' 
AC3 Software B SO4 123 ? 3 'BINDING SITE FOR RESIDUE SO4 B 123' 
AC4 Software A SO4 121 ? 4 'BINDING SITE FOR RESIDUE SO4 A 121' 
# 
loop_
_struct_site_gen.id 
_struct_site_gen.site_id 
_struct_site_gen.pdbx_num_res 
_struct_site_gen.label_comp_id 
_struct_site_gen.label_asym_id 
_struct_site_gen.label_seq_id 
_struct_site_gen.pdbx_auth_ins_code 
_struct_site_gen.auth_comp_id 
_struct_site_gen.auth_asym_id 
_struct_site_gen.auth_seq_id 
_struct_site_gen.label_atom_id 
_struct_site_gen.label_alt_id 
_struct_site_gen.symmetry 
_struct_site_gen.details 
1  AC1 3 VAL B 36 ? VAL B 43  . ? 1_555 ? 
2  AC1 3 HIS B 37 ? HIS B 44  . ? 1_555 ? 
3  AC1 3 SER B 40 ? SER B 47  . ? 1_555 ? 
4  AC2 4 ARG A 49 ? ARG A 56  . ? 3_565 ? 
5  AC2 4 ARG B 38 ? ARG B 45  . ? 1_555 ? 
6  AC2 4 SER B 42 ? SER B 49  . ? 1_555 ? 
7  AC2 4 ASN B 46 ? ASN B 53  . ? 1_555 ? 
8  AC3 3 HIS B 37 ? HIS B 44  . ? 1_555 ? 
9  AC3 3 ARG B 38 ? ARG B 45  . ? 1_555 ? 
10 AC3 3 HOH H .  ? HOH B 127 . ? 1_555 ? 
11 AC4 4 LYS A 50 ? LYS A 57  . ? 1_555 ? 
12 AC4 4 THR A 52 ? THR A 59  . ? 1_555 ? 
13 AC4 4 THR A 53 ? THR A 60  . ? 1_555 ? 
14 AC4 4 LYS B 50 ? LYS B 57  . ? 1_555 ? 
# 
loop_
_pdbx_validate_torsion.id 
_pdbx_validate_torsion.PDB_model_num 
_pdbx_validate_torsion.auth_comp_id 
_pdbx_validate_torsion.auth_asym_id 
_pdbx_validate_torsion.auth_seq_id 
_pdbx_validate_torsion.PDB_ins_code 
_pdbx_validate_torsion.label_alt_id 
_pdbx_validate_torsion.phi 
_pdbx_validate_torsion.psi 
1 1 TYR A 26  ? ? -130.86 -54.38 
2 1 TYR B 26  ? ? -131.83 -63.00 
3 1 HIS B 42  ? ? 71.69   48.82  
4 1 ALA B 106 ? ? -76.90  -70.32 
5 1 TYR B 108 ? ? -73.90  -70.93 
# 
_pdbx_SG_project.id                    1 
_pdbx_SG_project.project_name          'NPPSFA, National Project on Protein Structural and Functional Analyses' 
_pdbx_SG_project.full_name_of_center   'RIKEN Structural Genomics/Proteomics Initiative' 
_pdbx_SG_project.initial_of_center     RSGI 
# 
_pdbx_struct_special_symmetry.id              1 
_pdbx_struct_special_symmetry.PDB_model_num   1 
_pdbx_struct_special_symmetry.auth_asym_id    B 
_pdbx_struct_special_symmetry.auth_comp_id    HOH 
_pdbx_struct_special_symmetry.auth_seq_id     149 
_pdbx_struct_special_symmetry.PDB_ins_code    ? 
_pdbx_struct_special_symmetry.label_asym_id   H 
_pdbx_struct_special_symmetry.label_comp_id   HOH 
_pdbx_struct_special_symmetry.label_seq_id    . 
# 
loop_
_pdbx_unobs_or_zero_occ_residues.id 
_pdbx_unobs_or_zero_occ_residues.PDB_model_num 
_pdbx_unobs_or_zero_occ_residues.polymer_flag 
_pdbx_unobs_or_zero_occ_residues.occupancy_flag 
_pdbx_unobs_or_zero_occ_residues.auth_asym_id 
_pdbx_unobs_or_zero_occ_residues.auth_comp_id 
_pdbx_unobs_or_zero_occ_residues.auth_seq_id 
_pdbx_unobs_or_zero_occ_residues.PDB_ins_code 
_pdbx_unobs_or_zero_occ_residues.label_asym_id 
_pdbx_unobs_or_zero_occ_residues.label_comp_id 
_pdbx_unobs_or_zero_occ_residues.label_seq_id 
1  1 Y 1 A MET 8   ? A MET 1   
2  1 Y 1 A LYS 9   ? A LYS 2   
3  1 Y 1 A GLN 10  ? A GLN 3   
4  1 Y 1 A ALA 11  ? A ALA 4   
5  1 Y 1 A THR 12  ? A THR 5   
6  1 Y 1 A ARG 13  ? A ARG 6   
7  1 Y 1 A ALA 116 ? A ALA 109 
8  1 Y 1 A LYS 117 ? A LYS 110 
9  1 Y 1 A LYS 118 ? A LYS 111 
10 1 Y 1 A VAL 119 ? A VAL 112 
11 1 Y 1 A ALA 120 ? A ALA 113 
12 1 Y 1 B MET 8   ? B MET 1   
13 1 Y 1 B LYS 9   ? B LYS 2   
14 1 Y 1 B GLN 10  ? B GLN 3   
15 1 Y 1 B ALA 11  ? B ALA 4   
16 1 Y 1 B THR 12  ? B THR 5   
17 1 Y 1 B ARG 13  ? B ARG 6   
18 1 Y 1 B ARG 112 ? B ARG 105 
19 1 Y 1 B GLU 113 ? B GLU 106 
20 1 Y 1 B GLU 114 ? B GLU 107 
21 1 Y 1 B ARG 115 ? B ARG 108 
22 1 Y 1 B ALA 116 ? B ALA 109 
23 1 Y 1 B LYS 117 ? B LYS 110 
24 1 Y 1 B LYS 118 ? B LYS 111 
25 1 Y 1 B VAL 119 ? B VAL 112 
26 1 Y 1 B ALA 120 ? B ALA 113 
# 
loop_
_chem_comp_atom.comp_id 
_chem_comp_atom.atom_id 
_chem_comp_atom.type_symbol 
_chem_comp_atom.pdbx_aromatic_flag 
_chem_comp_atom.pdbx_stereo_config 
_chem_comp_atom.pdbx_ordinal 
ALA N    N N N 1   
ALA CA   C N S 2   
ALA C    C N N 3   
ALA O    O N N 4   
ALA CB   C N N 5   
ALA OXT  O N N 6   
ALA H    H N N 7   
ALA H2   H N N 8   
ALA HA   H N N 9   
ALA HB1  H N N 10  
ALA HB2  H N N 11  
ALA HB3  H N N 12  
ALA HXT  H N N 13  
ARG N    N N N 14  
ARG CA   C N S 15  
ARG C    C N N 16  
ARG O    O N N 17  
ARG CB   C N N 18  
ARG CG   C N N 19  
ARG CD   C N N 20  
ARG NE   N N N 21  
ARG CZ   C N N 22  
ARG NH1  N N N 23  
ARG NH2  N N N 24  
ARG OXT  O N N 25  
ARG H    H N N 26  
ARG H2   H N N 27  
ARG HA   H N N 28  
ARG HB2  H N N 29  
ARG HB3  H N N 30  
ARG HG2  H N N 31  
ARG HG3  H N N 32  
ARG HD2  H N N 33  
ARG HD3  H N N 34  
ARG HE   H N N 35  
ARG HH11 H N N 36  
ARG HH12 H N N 37  
ARG HH21 H N N 38  
ARG HH22 H N N 39  
ARG HXT  H N N 40  
ASN N    N N N 41  
ASN CA   C N S 42  
ASN C    C N N 43  
ASN O    O N N 44  
ASN CB   C N N 45  
ASN CG   C N N 46  
ASN OD1  O N N 47  
ASN ND2  N N N 48  
ASN OXT  O N N 49  
ASN H    H N N 50  
ASN H2   H N N 51  
ASN HA   H N N 52  
ASN HB2  H N N 53  
ASN HB3  H N N 54  
ASN HD21 H N N 55  
ASN HD22 H N N 56  
ASN HXT  H N N 57  
ASP N    N N N 58  
ASP CA   C N S 59  
ASP C    C N N 60  
ASP O    O N N 61  
ASP CB   C N N 62  
ASP CG   C N N 63  
ASP OD1  O N N 64  
ASP OD2  O N N 65  
ASP OXT  O N N 66  
ASP H    H N N 67  
ASP H2   H N N 68  
ASP HA   H N N 69  
ASP HB2  H N N 70  
ASP HB3  H N N 71  
ASP HD2  H N N 72  
ASP HXT  H N N 73  
GLN N    N N N 74  
GLN CA   C N S 75  
GLN C    C N N 76  
GLN O    O N N 77  
GLN CB   C N N 78  
GLN CG   C N N 79  
GLN CD   C N N 80  
GLN OE1  O N N 81  
GLN NE2  N N N 82  
GLN OXT  O N N 83  
GLN H    H N N 84  
GLN H2   H N N 85  
GLN HA   H N N 86  
GLN HB2  H N N 87  
GLN HB3  H N N 88  
GLN HG2  H N N 89  
GLN HG3  H N N 90  
GLN HE21 H N N 91  
GLN HE22 H N N 92  
GLN HXT  H N N 93  
GLU N    N N N 94  
GLU CA   C N S 95  
GLU C    C N N 96  
GLU O    O N N 97  
GLU CB   C N N 98  
GLU CG   C N N 99  
GLU CD   C N N 100 
GLU OE1  O N N 101 
GLU OE2  O N N 102 
GLU OXT  O N N 103 
GLU H    H N N 104 
GLU H2   H N N 105 
GLU HA   H N N 106 
GLU HB2  H N N 107 
GLU HB3  H N N 108 
GLU HG2  H N N 109 
GLU HG3  H N N 110 
GLU HE2  H N N 111 
GLU HXT  H N N 112 
GLY N    N N N 113 
GLY CA   C N N 114 
GLY C    C N N 115 
GLY O    O N N 116 
GLY OXT  O N N 117 
GLY H    H N N 118 
GLY H2   H N N 119 
GLY HA2  H N N 120 
GLY HA3  H N N 121 
GLY HXT  H N N 122 
HIS N    N N N 123 
HIS CA   C N S 124 
HIS C    C N N 125 
HIS O    O N N 126 
HIS CB   C N N 127 
HIS CG   C Y N 128 
HIS ND1  N Y N 129 
HIS CD2  C Y N 130 
HIS CE1  C Y N 131 
HIS NE2  N Y N 132 
HIS OXT  O N N 133 
HIS H    H N N 134 
HIS H2   H N N 135 
HIS HA   H N N 136 
HIS HB2  H N N 137 
HIS HB3  H N N 138 
HIS HD1  H N N 139 
HIS HD2  H N N 140 
HIS HE1  H N N 141 
HIS HE2  H N N 142 
HIS HXT  H N N 143 
HOH O    O N N 144 
HOH H1   H N N 145 
HOH H2   H N N 146 
ILE N    N N N 147 
ILE CA   C N S 148 
ILE C    C N N 149 
ILE O    O N N 150 
ILE CB   C N S 151 
ILE CG1  C N N 152 
ILE CG2  C N N 153 
ILE CD1  C N N 154 
ILE OXT  O N N 155 
ILE H    H N N 156 
ILE H2   H N N 157 
ILE HA   H N N 158 
ILE HB   H N N 159 
ILE HG12 H N N 160 
ILE HG13 H N N 161 
ILE HG21 H N N 162 
ILE HG22 H N N 163 
ILE HG23 H N N 164 
ILE HD11 H N N 165 
ILE HD12 H N N 166 
ILE HD13 H N N 167 
ILE HXT  H N N 168 
LEU N    N N N 169 
LEU CA   C N S 170 
LEU C    C N N 171 
LEU O    O N N 172 
LEU CB   C N N 173 
LEU CG   C N N 174 
LEU CD1  C N N 175 
LEU CD2  C N N 176 
LEU OXT  O N N 177 
LEU H    H N N 178 
LEU H2   H N N 179 
LEU HA   H N N 180 
LEU HB2  H N N 181 
LEU HB3  H N N 182 
LEU HG   H N N 183 
LEU HD11 H N N 184 
LEU HD12 H N N 185 
LEU HD13 H N N 186 
LEU HD21 H N N 187 
LEU HD22 H N N 188 
LEU HD23 H N N 189 
LEU HXT  H N N 190 
LYS N    N N N 191 
LYS CA   C N S 192 
LYS C    C N N 193 
LYS O    O N N 194 
LYS CB   C N N 195 
LYS CG   C N N 196 
LYS CD   C N N 197 
LYS CE   C N N 198 
LYS NZ   N N N 199 
LYS OXT  O N N 200 
LYS H    H N N 201 
LYS H2   H N N 202 
LYS HA   H N N 203 
LYS HB2  H N N 204 
LYS HB3  H N N 205 
LYS HG2  H N N 206 
LYS HG3  H N N 207 
LYS HD2  H N N 208 
LYS HD3  H N N 209 
LYS HE2  H N N 210 
LYS HE3  H N N 211 
LYS HZ1  H N N 212 
LYS HZ2  H N N 213 
LYS HZ3  H N N 214 
LYS HXT  H N N 215 
MET N    N N N 216 
MET CA   C N S 217 
MET C    C N N 218 
MET O    O N N 219 
MET CB   C N N 220 
MET CG   C N N 221 
MET SD   S N N 222 
MET CE   C N N 223 
MET OXT  O N N 224 
MET H    H N N 225 
MET H2   H N N 226 
MET HA   H N N 227 
MET HB2  H N N 228 
MET HB3  H N N 229 
MET HG2  H N N 230 
MET HG3  H N N 231 
MET HE1  H N N 232 
MET HE2  H N N 233 
MET HE3  H N N 234 
MET HXT  H N N 235 
PHE N    N N N 236 
PHE CA   C N S 237 
PHE C    C N N 238 
PHE O    O N N 239 
PHE CB   C N N 240 
PHE CG   C Y N 241 
PHE CD1  C Y N 242 
PHE CD2  C Y N 243 
PHE CE1  C Y N 244 
PHE CE2  C Y N 245 
PHE CZ   C Y N 246 
PHE OXT  O N N 247 
PHE H    H N N 248 
PHE H2   H N N 249 
PHE HA   H N N 250 
PHE HB2  H N N 251 
PHE HB3  H N N 252 
PHE HD1  H N N 253 
PHE HD2  H N N 254 
PHE HE1  H N N 255 
PHE HE2  H N N 256 
PHE HZ   H N N 257 
PHE HXT  H N N 258 
PRO N    N N N 259 
PRO CA   C N S 260 
PRO C    C N N 261 
PRO O    O N N 262 
PRO CB   C N N 263 
PRO CG   C N N 264 
PRO CD   C N N 265 
PRO OXT  O N N 266 
PRO H    H N N 267 
PRO HA   H N N 268 
PRO HB2  H N N 269 
PRO HB3  H N N 270 
PRO HG2  H N N 271 
PRO HG3  H N N 272 
PRO HD2  H N N 273 
PRO HD3  H N N 274 
PRO HXT  H N N 275 
SER N    N N N 276 
SER CA   C N S 277 
SER C    C N N 278 
SER O    O N N 279 
SER CB   C N N 280 
SER OG   O N N 281 
SER OXT  O N N 282 
SER H    H N N 283 
SER H2   H N N 284 
SER HA   H N N 285 
SER HB2  H N N 286 
SER HB3  H N N 287 
SER HG   H N N 288 
SER HXT  H N N 289 
SO4 S    S N N 290 
SO4 O1   O N N 291 
SO4 O2   O N N 292 
SO4 O3   O N N 293 
SO4 O4   O N N 294 
THR N    N N N 295 
THR CA   C N S 296 
THR C    C N N 297 
THR O    O N N 298 
THR CB   C N R 299 
THR OG1  O N N 300 
THR CG2  C N N 301 
THR OXT  O N N 302 
THR H    H N N 303 
THR H2   H N N 304 
THR HA   H N N 305 
THR HB   H N N 306 
THR HG1  H N N 307 
THR HG21 H N N 308 
THR HG22 H N N 309 
THR HG23 H N N 310 
THR HXT  H N N 311 
TRP N    N N N 312 
TRP CA   C N S 313 
TRP C    C N N 314 
TRP O    O N N 315 
TRP CB   C N N 316 
TRP CG   C Y N 317 
TRP CD1  C Y N 318 
TRP CD2  C Y N 319 
TRP NE1  N Y N 320 
TRP CE2  C Y N 321 
TRP CE3  C Y N 322 
TRP CZ2  C Y N 323 
TRP CZ3  C Y N 324 
TRP CH2  C Y N 325 
TRP OXT  O N N 326 
TRP H    H N N 327 
TRP H2   H N N 328 
TRP HA   H N N 329 
TRP HB2  H N N 330 
TRP HB3  H N N 331 
TRP HD1  H N N 332 
TRP HE1  H N N 333 
TRP HE3  H N N 334 
TRP HZ2  H N N 335 
TRP HZ3  H N N 336 
TRP HH2  H N N 337 
TRP HXT  H N N 338 
TYR N    N N N 339 
TYR CA   C N S 340 
TYR C    C N N 341 
TYR O    O N N 342 
TYR CB   C N N 343 
TYR CG   C Y N 344 
TYR CD1  C Y N 345 
TYR CD2  C Y N 346 
TYR CE1  C Y N 347 
TYR CE2  C Y N 348 
TYR CZ   C Y N 349 
TYR OH   O N N 350 
TYR OXT  O N N 351 
TYR H    H N N 352 
TYR H2   H N N 353 
TYR HA   H N N 354 
TYR HB2  H N N 355 
TYR HB3  H N N 356 
TYR HD1  H N N 357 
TYR HD2  H N N 358 
TYR HE1  H N N 359 
TYR HE2  H N N 360 
TYR HH   H N N 361 
TYR HXT  H N N 362 
VAL N    N N N 363 
VAL CA   C N S 364 
VAL C    C N N 365 
VAL O    O N N 366 
VAL CB   C N N 367 
VAL CG1  C N N 368 
VAL CG2  C N N 369 
VAL OXT  O N N 370 
VAL H    H N N 371 
VAL H2   H N N 372 
VAL HA   H N N 373 
VAL HB   H N N 374 
VAL HG11 H N N 375 
VAL HG12 H N N 376 
VAL HG13 H N N 377 
VAL HG21 H N N 378 
VAL HG22 H N N 379 
VAL HG23 H N N 380 
VAL HXT  H N N 381 
# 
loop_
_chem_comp_bond.comp_id 
_chem_comp_bond.atom_id_1 
_chem_comp_bond.atom_id_2 
_chem_comp_bond.value_order 
_chem_comp_bond.pdbx_aromatic_flag 
_chem_comp_bond.pdbx_stereo_config 
_chem_comp_bond.pdbx_ordinal 
ALA N   CA   sing N N 1   
ALA N   H    sing N N 2   
ALA N   H2   sing N N 3   
ALA CA  C    sing N N 4   
ALA CA  CB   sing N N 5   
ALA CA  HA   sing N N 6   
ALA C   O    doub N N 7   
ALA C   OXT  sing N N 8   
ALA CB  HB1  sing N N 9   
ALA CB  HB2  sing N N 10  
ALA CB  HB3  sing N N 11  
ALA OXT HXT  sing N N 12  
ARG N   CA   sing N N 13  
ARG N   H    sing N N 14  
ARG N   H2   sing N N 15  
ARG CA  C    sing N N 16  
ARG CA  CB   sing N N 17  
ARG CA  HA   sing N N 18  
ARG C   O    doub N N 19  
ARG C   OXT  sing N N 20  
ARG CB  CG   sing N N 21  
ARG CB  HB2  sing N N 22  
ARG CB  HB3  sing N N 23  
ARG CG  CD   sing N N 24  
ARG CG  HG2  sing N N 25  
ARG CG  HG3  sing N N 26  
ARG CD  NE   sing N N 27  
ARG CD  HD2  sing N N 28  
ARG CD  HD3  sing N N 29  
ARG NE  CZ   sing N N 30  
ARG NE  HE   sing N N 31  
ARG CZ  NH1  sing N N 32  
ARG CZ  NH2  doub N N 33  
ARG NH1 HH11 sing N N 34  
ARG NH1 HH12 sing N N 35  
ARG NH2 HH21 sing N N 36  
ARG NH2 HH22 sing N N 37  
ARG OXT HXT  sing N N 38  
ASN N   CA   sing N N 39  
ASN N   H    sing N N 40  
ASN N   H2   sing N N 41  
ASN CA  C    sing N N 42  
ASN CA  CB   sing N N 43  
ASN CA  HA   sing N N 44  
ASN C   O    doub N N 45  
ASN C   OXT  sing N N 46  
ASN CB  CG   sing N N 47  
ASN CB  HB2  sing N N 48  
ASN CB  HB3  sing N N 49  
ASN CG  OD1  doub N N 50  
ASN CG  ND2  sing N N 51  
ASN ND2 HD21 sing N N 52  
ASN ND2 HD22 sing N N 53  
ASN OXT HXT  sing N N 54  
ASP N   CA   sing N N 55  
ASP N   H    sing N N 56  
ASP N   H2   sing N N 57  
ASP CA  C    sing N N 58  
ASP CA  CB   sing N N 59  
ASP CA  HA   sing N N 60  
ASP C   O    doub N N 61  
ASP C   OXT  sing N N 62  
ASP CB  CG   sing N N 63  
ASP CB  HB2  sing N N 64  
ASP CB  HB3  sing N N 65  
ASP CG  OD1  doub N N 66  
ASP CG  OD2  sing N N 67  
ASP OD2 HD2  sing N N 68  
ASP OXT HXT  sing N N 69  
GLN N   CA   sing N N 70  
GLN N   H    sing N N 71  
GLN N   H2   sing N N 72  
GLN CA  C    sing N N 73  
GLN CA  CB   sing N N 74  
GLN CA  HA   sing N N 75  
GLN C   O    doub N N 76  
GLN C   OXT  sing N N 77  
GLN CB  CG   sing N N 78  
GLN CB  HB2  sing N N 79  
GLN CB  HB3  sing N N 80  
GLN CG  CD   sing N N 81  
GLN CG  HG2  sing N N 82  
GLN CG  HG3  sing N N 83  
GLN CD  OE1  doub N N 84  
GLN CD  NE2  sing N N 85  
GLN NE2 HE21 sing N N 86  
GLN NE2 HE22 sing N N 87  
GLN OXT HXT  sing N N 88  
GLU N   CA   sing N N 89  
GLU N   H    sing N N 90  
GLU N   H2   sing N N 91  
GLU CA  C    sing N N 92  
GLU CA  CB   sing N N 93  
GLU CA  HA   sing N N 94  
GLU C   O    doub N N 95  
GLU C   OXT  sing N N 96  
GLU CB  CG   sing N N 97  
GLU CB  HB2  sing N N 98  
GLU CB  HB3  sing N N 99  
GLU CG  CD   sing N N 100 
GLU CG  HG2  sing N N 101 
GLU CG  HG3  sing N N 102 
GLU CD  OE1  doub N N 103 
GLU CD  OE2  sing N N 104 
GLU OE2 HE2  sing N N 105 
GLU OXT HXT  sing N N 106 
GLY N   CA   sing N N 107 
GLY N   H    sing N N 108 
GLY N   H2   sing N N 109 
GLY CA  C    sing N N 110 
GLY CA  HA2  sing N N 111 
GLY CA  HA3  sing N N 112 
GLY C   O    doub N N 113 
GLY C   OXT  sing N N 114 
GLY OXT HXT  sing N N 115 
HIS N   CA   sing N N 116 
HIS N   H    sing N N 117 
HIS N   H2   sing N N 118 
HIS CA  C    sing N N 119 
HIS CA  CB   sing N N 120 
HIS CA  HA   sing N N 121 
HIS C   O    doub N N 122 
HIS C   OXT  sing N N 123 
HIS CB  CG   sing N N 124 
HIS CB  HB2  sing N N 125 
HIS CB  HB3  sing N N 126 
HIS CG  ND1  sing Y N 127 
HIS CG  CD2  doub Y N 128 
HIS ND1 CE1  doub Y N 129 
HIS ND1 HD1  sing N N 130 
HIS CD2 NE2  sing Y N 131 
HIS CD2 HD2  sing N N 132 
HIS CE1 NE2  sing Y N 133 
HIS CE1 HE1  sing N N 134 
HIS NE2 HE2  sing N N 135 
HIS OXT HXT  sing N N 136 
HOH O   H1   sing N N 137 
HOH O   H2   sing N N 138 
ILE N   CA   sing N N 139 
ILE N   H    sing N N 140 
ILE N   H2   sing N N 141 
ILE CA  C    sing N N 142 
ILE CA  CB   sing N N 143 
ILE CA  HA   sing N N 144 
ILE C   O    doub N N 145 
ILE C   OXT  sing N N 146 
ILE CB  CG1  sing N N 147 
ILE CB  CG2  sing N N 148 
ILE CB  HB   sing N N 149 
ILE CG1 CD1  sing N N 150 
ILE CG1 HG12 sing N N 151 
ILE CG1 HG13 sing N N 152 
ILE CG2 HG21 sing N N 153 
ILE CG2 HG22 sing N N 154 
ILE CG2 HG23 sing N N 155 
ILE CD1 HD11 sing N N 156 
ILE CD1 HD12 sing N N 157 
ILE CD1 HD13 sing N N 158 
ILE OXT HXT  sing N N 159 
LEU N   CA   sing N N 160 
LEU N   H    sing N N 161 
LEU N   H2   sing N N 162 
LEU CA  C    sing N N 163 
LEU CA  CB   sing N N 164 
LEU CA  HA   sing N N 165 
LEU C   O    doub N N 166 
LEU C   OXT  sing N N 167 
LEU CB  CG   sing N N 168 
LEU CB  HB2  sing N N 169 
LEU CB  HB3  sing N N 170 
LEU CG  CD1  sing N N 171 
LEU CG  CD2  sing N N 172 
LEU CG  HG   sing N N 173 
LEU CD1 HD11 sing N N 174 
LEU CD1 HD12 sing N N 175 
LEU CD1 HD13 sing N N 176 
LEU CD2 HD21 sing N N 177 
LEU CD2 HD22 sing N N 178 
LEU CD2 HD23 sing N N 179 
LEU OXT HXT  sing N N 180 
LYS N   CA   sing N N 181 
LYS N   H    sing N N 182 
LYS N   H2   sing N N 183 
LYS CA  C    sing N N 184 
LYS CA  CB   sing N N 185 
LYS CA  HA   sing N N 186 
LYS C   O    doub N N 187 
LYS C   OXT  sing N N 188 
LYS CB  CG   sing N N 189 
LYS CB  HB2  sing N N 190 
LYS CB  HB3  sing N N 191 
LYS CG  CD   sing N N 192 
LYS CG  HG2  sing N N 193 
LYS CG  HG3  sing N N 194 
LYS CD  CE   sing N N 195 
LYS CD  HD2  sing N N 196 
LYS CD  HD3  sing N N 197 
LYS CE  NZ   sing N N 198 
LYS CE  HE2  sing N N 199 
LYS CE  HE3  sing N N 200 
LYS NZ  HZ1  sing N N 201 
LYS NZ  HZ2  sing N N 202 
LYS NZ  HZ3  sing N N 203 
LYS OXT HXT  sing N N 204 
MET N   CA   sing N N 205 
MET N   H    sing N N 206 
MET N   H2   sing N N 207 
MET CA  C    sing N N 208 
MET CA  CB   sing N N 209 
MET CA  HA   sing N N 210 
MET C   O    doub N N 211 
MET C   OXT  sing N N 212 
MET CB  CG   sing N N 213 
MET CB  HB2  sing N N 214 
MET CB  HB3  sing N N 215 
MET CG  SD   sing N N 216 
MET CG  HG2  sing N N 217 
MET CG  HG3  sing N N 218 
MET SD  CE   sing N N 219 
MET CE  HE1  sing N N 220 
MET CE  HE2  sing N N 221 
MET CE  HE3  sing N N 222 
MET OXT HXT  sing N N 223 
PHE N   CA   sing N N 224 
PHE N   H    sing N N 225 
PHE N   H2   sing N N 226 
PHE CA  C    sing N N 227 
PHE CA  CB   sing N N 228 
PHE CA  HA   sing N N 229 
PHE C   O    doub N N 230 
PHE C   OXT  sing N N 231 
PHE CB  CG   sing N N 232 
PHE CB  HB2  sing N N 233 
PHE CB  HB3  sing N N 234 
PHE CG  CD1  doub Y N 235 
PHE CG  CD2  sing Y N 236 
PHE CD1 CE1  sing Y N 237 
PHE CD1 HD1  sing N N 238 
PHE CD2 CE2  doub Y N 239 
PHE CD2 HD2  sing N N 240 
PHE CE1 CZ   doub Y N 241 
PHE CE1 HE1  sing N N 242 
PHE CE2 CZ   sing Y N 243 
PHE CE2 HE2  sing N N 244 
PHE CZ  HZ   sing N N 245 
PHE OXT HXT  sing N N 246 
PRO N   CA   sing N N 247 
PRO N   CD   sing N N 248 
PRO N   H    sing N N 249 
PRO CA  C    sing N N 250 
PRO CA  CB   sing N N 251 
PRO CA  HA   sing N N 252 
PRO C   O    doub N N 253 
PRO C   OXT  sing N N 254 
PRO CB  CG   sing N N 255 
PRO CB  HB2  sing N N 256 
PRO CB  HB3  sing N N 257 
PRO CG  CD   sing N N 258 
PRO CG  HG2  sing N N 259 
PRO CG  HG3  sing N N 260 
PRO CD  HD2  sing N N 261 
PRO CD  HD3  sing N N 262 
PRO OXT HXT  sing N N 263 
SER N   CA   sing N N 264 
SER N   H    sing N N 265 
SER N   H2   sing N N 266 
SER CA  C    sing N N 267 
SER CA  CB   sing N N 268 
SER CA  HA   sing N N 269 
SER C   O    doub N N 270 
SER C   OXT  sing N N 271 
SER CB  OG   sing N N 272 
SER CB  HB2  sing N N 273 
SER CB  HB3  sing N N 274 
SER OG  HG   sing N N 275 
SER OXT HXT  sing N N 276 
SO4 S   O1   doub N N 277 
SO4 S   O2   doub N N 278 
SO4 S   O3   sing N N 279 
SO4 S   O4   sing N N 280 
THR N   CA   sing N N 281 
THR N   H    sing N N 282 
THR N   H2   sing N N 283 
THR CA  C    sing N N 284 
THR CA  CB   sing N N 285 
THR CA  HA   sing N N 286 
THR C   O    doub N N 287 
THR C   OXT  sing N N 288 
THR CB  OG1  sing N N 289 
THR CB  CG2  sing N N 290 
THR CB  HB   sing N N 291 
THR OG1 HG1  sing N N 292 
THR CG2 HG21 sing N N 293 
THR CG2 HG22 sing N N 294 
THR CG2 HG23 sing N N 295 
THR OXT HXT  sing N N 296 
TRP N   CA   sing N N 297 
TRP N   H    sing N N 298 
TRP N   H2   sing N N 299 
TRP CA  C    sing N N 300 
TRP CA  CB   sing N N 301 
TRP CA  HA   sing N N 302 
TRP C   O    doub N N 303 
TRP C   OXT  sing N N 304 
TRP CB  CG   sing N N 305 
TRP CB  HB2  sing N N 306 
TRP CB  HB3  sing N N 307 
TRP CG  CD1  doub Y N 308 
TRP CG  CD2  sing Y N 309 
TRP CD1 NE1  sing Y N 310 
TRP CD1 HD1  sing N N 311 
TRP CD2 CE2  doub Y N 312 
TRP CD2 CE3  sing Y N 313 
TRP NE1 CE2  sing Y N 314 
TRP NE1 HE1  sing N N 315 
TRP CE2 CZ2  sing Y N 316 
TRP CE3 CZ3  doub Y N 317 
TRP CE3 HE3  sing N N 318 
TRP CZ2 CH2  doub Y N 319 
TRP CZ2 HZ2  sing N N 320 
TRP CZ3 CH2  sing Y N 321 
TRP CZ3 HZ3  sing N N 322 
TRP CH2 HH2  sing N N 323 
TRP OXT HXT  sing N N 324 
TYR N   CA   sing N N 325 
TYR N   H    sing N N 326 
TYR N   H2   sing N N 327 
TYR CA  C    sing N N 328 
TYR CA  CB   sing N N 329 
TYR CA  HA   sing N N 330 
TYR C   O    doub N N 331 
TYR C   OXT  sing N N 332 
TYR CB  CG   sing N N 333 
TYR CB  HB2  sing N N 334 
TYR CB  HB3  sing N N 335 
TYR CG  CD1  doub Y N 336 
TYR CG  CD2  sing Y N 337 
TYR CD1 CE1  sing Y N 338 
TYR CD1 HD1  sing N N 339 
TYR CD2 CE2  doub Y N 340 
TYR CD2 HD2  sing N N 341 
TYR CE1 CZ   doub Y N 342 
TYR CE1 HE1  sing N N 343 
TYR CE2 CZ   sing Y N 344 
TYR CE2 HE2  sing N N 345 
TYR CZ  OH   sing N N 346 
TYR OH  HH   sing N N 347 
TYR OXT HXT  sing N N 348 
VAL N   CA   sing N N 349 
VAL N   H    sing N N 350 
VAL N   H2   sing N N 351 
VAL CA  C    sing N N 352 
VAL CA  CB   sing N N 353 
VAL CA  HA   sing N N 354 
VAL C   O    doub N N 355 
VAL C   OXT  sing N N 356 
VAL CB  CG1  sing N N 357 
VAL CB  CG2  sing N N 358 
VAL CB  HB   sing N N 359 
VAL CG1 HG11 sing N N 360 
VAL CG1 HG12 sing N N 361 
VAL CG1 HG13 sing N N 362 
VAL CG2 HG21 sing N N 363 
VAL CG2 HG22 sing N N 364 
VAL CG2 HG23 sing N N 365 
VAL OXT HXT  sing N N 366 
# 
_atom_sites.entry_id                    2EBY 
_atom_sites.fract_transf_matrix[1][1]   0.00638020 
_atom_sites.fract_transf_matrix[1][2]   -0.00206143 
_atom_sites.fract_transf_matrix[1][3]   -0.01097366 
_atom_sites.fract_transf_matrix[2][1]   -0.00537914 
_atom_sites.fract_transf_matrix[2][2]   0.00313646 
_atom_sites.fract_transf_matrix[2][3]   -0.01125198 
_atom_sites.fract_transf_matrix[3][1]   0.00741502 
_atom_sites.fract_transf_matrix[3][2]   0.01683670 
_atom_sites.fract_transf_matrix[3][3]   0.00114835 
_atom_sites.fract_transf_vector[1]      0.334511 
_atom_sites.fract_transf_vector[2]      0.873243 
_atom_sites.fract_transf_vector[3]      0.179187 
# 
loop_
_atom_type.symbol 
C 
N 
O 
S 
# 
loop_
_atom_site.group_PDB 
_atom_site.id 
_atom_site.type_symbol 
_atom_site.label_atom_id 
_atom_site.label_alt_id 
_atom_site.label_comp_id 
_atom_site.label_asym_id 
_atom_site.label_entity_id 
_atom_site.label_seq_id 
_atom_site.pdbx_PDB_ins_code 
_atom_site.Cartn_x 
_atom_site.Cartn_y 
_atom_site.Cartn_z 
_atom_site.occupancy 
_atom_site.B_iso_or_equiv 
_atom_site.pdbx_formal_charge 
_atom_site.auth_seq_id 
_atom_site.auth_comp_id 
_atom_site.auth_asym_id 
_atom_site.auth_atom_id 
_atom_site.pdbx_PDB_model_num 
ATOM   1    N N   . LYS A 1 7   ? -10.733 12.723  7.958   1.00 57.50 ? 14  LYS A N   1 
ATOM   2    C CA  . LYS A 1 7   ? -10.759 11.326  8.484   1.00 58.09 ? 14  LYS A CA  1 
ATOM   3    C C   . LYS A 1 7   ? -11.671 10.466  7.611   1.00 57.38 ? 14  LYS A C   1 
ATOM   4    O O   . LYS A 1 7   ? -12.889 10.657  7.587   1.00 58.61 ? 14  LYS A O   1 
ATOM   5    C CB  . LYS A 1 7   ? -11.272 11.317  9.926   1.00 57.90 ? 14  LYS A CB  1 
ATOM   6    C CG  . LYS A 1 7   ? -10.852 10.093  10.722  1.00 57.58 ? 14  LYS A CG  1 
ATOM   7    C CD  . LYS A 1 7   ? -11.500 10.043  12.110  1.00 58.51 ? 14  LYS A CD  1 
ATOM   8    C CE  . LYS A 1 7   ? -11.283 11.319  12.922  1.00 58.30 ? 14  LYS A CE  1 
ATOM   9    N NZ  . LYS A 1 7   ? -12.450 12.249  12.837  1.00 59.82 ? 14  LYS A NZ  1 
ATOM   10   N N   . PRO A 1 8   ? -11.091 9.509   6.873   1.00 55.85 ? 15  PRO A N   1 
ATOM   11   C CA  . PRO A 1 8   ? -11.889 8.643   6.006   1.00 53.92 ? 15  PRO A CA  1 
ATOM   12   C C   . PRO A 1 8   ? -12.369 7.399   6.729   1.00 52.78 ? 15  PRO A C   1 
ATOM   13   O O   . PRO A 1 8   ? -11.809 7.009   7.759   1.00 52.25 ? 15  PRO A O   1 
ATOM   14   C CB  . PRO A 1 8   ? -10.919 8.304   4.892   1.00 54.54 ? 15  PRO A CB  1 
ATOM   15   C CG  . PRO A 1 8   ? -9.637  8.135   5.655   1.00 54.72 ? 15  PRO A CG  1 
ATOM   16   C CD  . PRO A 1 8   ? -9.649  9.280   6.662   1.00 55.41 ? 15  PRO A CD  1 
ATOM   17   N N   . THR A 1 9   ? -13.407 6.777   6.185   1.00 49.98 ? 16  THR A N   1 
ATOM   18   C CA  . THR A 1 9   ? -13.928 5.566   6.778   1.00 49.07 ? 16  THR A CA  1 
ATOM   19   C C   . THR A 1 9   ? -12.947 4.437   6.469   1.00 47.29 ? 16  THR A C   1 
ATOM   20   O O   . THR A 1 9   ? -12.559 4.222   5.316   1.00 46.31 ? 16  THR A O   1 
ATOM   21   C CB  . THR A 1 9   ? -15.314 5.215   6.210   1.00 49.55 ? 16  THR A CB  1 
ATOM   22   O OG1 . THR A 1 9   ? -15.218 5.026   4.792   1.00 52.52 ? 16  THR A OG1 1 
ATOM   23   C CG2 . THR A 1 9   ? -16.305 6.335   6.509   1.00 49.63 ? 16  THR A CG2 1 
ATOM   24   N N   . THR A 1 10  ? -12.534 3.733   7.514   1.00 44.32 ? 17  THR A N   1 
ATOM   25   C CA  . THR A 1 10  ? -11.603 2.633   7.366   1.00 40.75 ? 17  THR A CA  1 
ATOM   26   C C   . THR A 1 10  ? -12.315 1.497   6.645   1.00 40.25 ? 17  THR A C   1 
ATOM   27   O O   . THR A 1 10  ? -13.542 1.482   6.559   1.00 40.82 ? 17  THR A O   1 
ATOM   28   C CB  . THR A 1 10  ? -11.152 2.132   8.742   1.00 40.19 ? 17  THR A CB  1 
ATOM   29   O OG1 . THR A 1 10  ? -12.251 1.481   9.386   1.00 38.78 ? 17  THR A OG1 1 
ATOM   30   C CG2 . THR A 1 10  ? -10.695 3.298   9.613   1.00 37.25 ? 17  THR A CG2 1 
ATOM   31   N N   . PRO A 1 11  ? -11.556 0.540   6.091   1.00 38.31 ? 18  PRO A N   1 
ATOM   32   C CA  . PRO A 1 11  ? -12.207 -0.575  5.400   1.00 37.90 ? 18  PRO A CA  1 
ATOM   33   C C   . PRO A 1 11  ? -13.017 -1.362  6.432   1.00 37.83 ? 18  PRO A C   1 
ATOM   34   O O   . PRO A 1 11  ? -14.043 -1.959  6.109   1.00 35.00 ? 18  PRO A O   1 
ATOM   35   C CB  . PRO A 1 11  ? -11.031 -1.380  4.861   1.00 37.54 ? 18  PRO A CB  1 
ATOM   36   C CG  . PRO A 1 11  ? -9.970  -0.359  4.682   1.00 36.92 ? 18  PRO A CG  1 
ATOM   37   C CD  . PRO A 1 11  ? -10.097 0.488   5.909   1.00 37.12 ? 18  PRO A CD  1 
ATOM   38   N N   . GLY A 1 12  ? -12.535 -1.345  7.676   1.00 38.30 ? 19  GLY A N   1 
ATOM   39   C CA  . GLY A 1 12  ? -13.208 -2.036  8.762   1.00 39.37 ? 19  GLY A CA  1 
ATOM   40   C C   . GLY A 1 12  ? -14.599 -1.484  9.006   1.00 39.72 ? 19  GLY A C   1 
ATOM   41   O O   . GLY A 1 12  ? -15.543 -2.244  9.217   1.00 37.93 ? 19  GLY A O   1 
ATOM   42   N N   . ASP A 1 13  ? -14.737 -0.161  8.977   1.00 41.43 ? 20  ASP A N   1 
ATOM   43   C CA  . ASP A 1 13  ? -16.042 0.457   9.190   1.00 44.40 ? 20  ASP A CA  1 
ATOM   44   C C   . ASP A 1 13  ? -16.994 0.110   8.051   1.00 44.24 ? 20  ASP A C   1 
ATOM   45   O O   . ASP A 1 13  ? -18.169 -0.182  8.277   1.00 43.57 ? 20  ASP A O   1 
ATOM   46   C CB  . ASP A 1 13  ? -15.914 1.980   9.309   1.00 47.29 ? 20  ASP A CB  1 
ATOM   47   C CG  . ASP A 1 13  ? -15.215 2.412   10.591  1.00 51.26 ? 20  ASP A CG  1 
ATOM   48   O OD1 . ASP A 1 13  ? -15.235 1.643   11.579  1.00 51.90 ? 20  ASP A OD1 1 
ATOM   49   O OD2 . ASP A 1 13  ? -14.659 3.530   10.613  1.00 53.96 ? 20  ASP A OD2 1 
ATOM   50   N N   . ILE A 1 14  ? -16.486 0.141   6.823   1.00 42.93 ? 21  ILE A N   1 
ATOM   51   C CA  . ILE A 1 14  ? -17.312 -0.189  5.671   1.00 41.06 ? 21  ILE A CA  1 
ATOM   52   C C   . ILE A 1 14  ? -17.799 -1.626  5.815   1.00 40.03 ? 21  ILE A C   1 
ATOM   53   O O   . ILE A 1 14  ? -18.961 -1.932  5.554   1.00 36.56 ? 21  ILE A O   1 
ATOM   54   C CB  . ILE A 1 14  ? -16.521 -0.061  4.350   1.00 41.57 ? 21  ILE A CB  1 
ATOM   55   C CG1 . ILE A 1 14  ? -16.096 1.394   4.129   1.00 43.71 ? 21  ILE A CG1 1 
ATOM   56   C CG2 . ILE A 1 14  ? -17.365 -0.554  3.191   1.00 40.82 ? 21  ILE A CG2 1 
ATOM   57   C CD1 . ILE A 1 14  ? -17.252 2.376   3.994   1.00 43.53 ? 21  ILE A CD1 1 
ATOM   58   N N   . LEU A 1 15  ? -16.895 -2.505  6.235   1.00 38.80 ? 22  LEU A N   1 
ATOM   59   C CA  . LEU A 1 15  ? -17.218 -3.911  6.406   1.00 38.66 ? 22  LEU A CA  1 
ATOM   60   C C   . LEU A 1 15  ? -18.282 -4.110  7.486   1.00 39.56 ? 22  LEU A C   1 
ATOM   61   O O   . LEU A 1 15  ? -19.281 -4.795  7.273   1.00 38.82 ? 22  LEU A O   1 
ATOM   62   C CB  . LEU A 1 15  ? -15.950 -4.691  6.764   1.00 35.95 ? 22  LEU A CB  1 
ATOM   63   C CG  . LEU A 1 15  ? -16.109 -6.184  7.042   1.00 35.29 ? 22  LEU A CG  1 
ATOM   64   C CD1 . LEU A 1 15  ? -16.655 -6.873  5.807   1.00 33.51 ? 22  LEU A CD1 1 
ATOM   65   C CD2 . LEU A 1 15  ? -14.761 -6.783  7.449   1.00 32.85 ? 22  LEU A CD2 1 
ATOM   66   N N   . LEU A 1 16  ? -18.066 -3.491  8.642   1.00 41.88 ? 23  LEU A N   1 
ATOM   67   C CA  . LEU A 1 16  ? -18.992 -3.607  9.762   1.00 44.45 ? 23  LEU A CA  1 
ATOM   68   C C   . LEU A 1 16  ? -20.334 -2.899  9.556   1.00 46.24 ? 23  LEU A C   1 
ATOM   69   O O   . LEU A 1 16  ? -21.389 -3.523  9.650   1.00 46.79 ? 23  LEU A O   1 
ATOM   70   C CB  . LEU A 1 16  ? -18.334 -3.075  11.038  1.00 44.68 ? 23  LEU A CB  1 
ATOM   71   C CG  . LEU A 1 16  ? -19.113 -3.226  12.353  1.00 45.92 ? 23  LEU A CG  1 
ATOM   72   C CD1 . LEU A 1 16  ? -19.352 -4.706  12.644  1.00 44.51 ? 23  LEU A CD1 1 
ATOM   73   C CD2 . LEU A 1 16  ? -18.336 -2.582  13.498  1.00 44.62 ? 23  LEU A CD2 1 
ATOM   74   N N   . TYR A 1 17  ? -20.293 -1.602  9.267   1.00 47.79 ? 24  TYR A N   1 
ATOM   75   C CA  . TYR A 1 17  ? -21.520 -0.829  9.098   1.00 49.19 ? 24  TYR A CA  1 
ATOM   76   C C   . TYR A 1 17  ? -22.254 -0.943  7.765   1.00 48.80 ? 24  TYR A C   1 
ATOM   77   O O   . TYR A 1 17  ? -23.427 -0.594  7.685   1.00 50.39 ? 24  TYR A O   1 
ATOM   78   C CB  . TYR A 1 17  ? -21.255 0.649   9.412   1.00 49.17 ? 24  TYR A CB  1 
ATOM   79   C CG  . TYR A 1 17  ? -20.744 0.880   10.821  1.00 50.77 ? 24  TYR A CG  1 
ATOM   80   C CD1 . TYR A 1 17  ? -21.398 0.317   11.917  1.00 51.54 ? 24  TYR A CD1 1 
ATOM   81   C CD2 . TYR A 1 17  ? -19.595 1.633   11.057  1.00 51.26 ? 24  TYR A CD2 1 
ATOM   82   C CE1 . TYR A 1 17  ? -20.925 0.501   13.215  1.00 50.20 ? 24  TYR A CE1 1 
ATOM   83   C CE2 . TYR A 1 17  ? -19.113 1.827   12.356  1.00 50.57 ? 24  TYR A CE2 1 
ATOM   84   C CZ  . TYR A 1 17  ? -19.780 1.250   13.427  1.00 51.21 ? 24  TYR A CZ  1 
ATOM   85   O OH  . TYR A 1 17  ? -19.304 1.418   14.711  1.00 51.39 ? 24  TYR A OH  1 
ATOM   86   N N   . GLU A 1 18  ? -21.592 -1.438  6.725   1.00 48.79 ? 25  GLU A N   1 
ATOM   87   C CA  . GLU A 1 18  ? -22.255 -1.564  5.429   1.00 48.37 ? 25  GLU A CA  1 
ATOM   88   C C   . GLU A 1 18  ? -22.420 -2.982  4.889   1.00 47.34 ? 25  GLU A C   1 
ATOM   89   O O   . GLU A 1 18  ? -23.054 -3.182  3.853   1.00 45.47 ? 25  GLU A O   1 
ATOM   90   C CB  . GLU A 1 18  ? -21.543 -0.712  4.379   1.00 51.26 ? 25  GLU A CB  1 
ATOM   91   C CG  . GLU A 1 18  ? -21.901 0.764   4.437   1.00 56.00 ? 25  GLU A CG  1 
ATOM   92   C CD  . GLU A 1 18  ? -21.341 1.544   3.264   1.00 58.81 ? 25  GLU A CD  1 
ATOM   93   O OE1 . GLU A 1 18  ? -21.480 1.078   2.109   1.00 60.64 ? 25  GLU A OE1 1 
ATOM   94   O OE2 . GLU A 1 18  ? -20.771 2.630   3.493   1.00 60.81 ? 25  GLU A OE2 1 
ATOM   95   N N   . TYR A 1 19  ? -21.854 -3.968  5.573   1.00 46.75 ? 26  TYR A N   1 
ATOM   96   C CA  . TYR A 1 19  ? -21.989 -5.343  5.116   1.00 47.34 ? 26  TYR A CA  1 
ATOM   97   C C   . TYR A 1 19  ? -22.426 -6.304  6.218   1.00 48.21 ? 26  TYR A C   1 
ATOM   98   O O   . TYR A 1 19  ? -23.424 -7.010  6.069   1.00 48.75 ? 26  TYR A O   1 
ATOM   99   C CB  . TYR A 1 19  ? -20.678 -5.844  4.488   1.00 47.72 ? 26  TYR A CB  1 
ATOM   100  C CG  . TYR A 1 19  ? -20.449 -5.381  3.061   1.00 46.90 ? 26  TYR A CG  1 
ATOM   101  C CD1 . TYR A 1 19  ? -19.643 -4.279  2.784   1.00 47.34 ? 26  TYR A CD1 1 
ATOM   102  C CD2 . TYR A 1 19  ? -21.064 -6.032  1.988   1.00 46.47 ? 26  TYR A CD2 1 
ATOM   103  C CE1 . TYR A 1 19  ? -19.458 -3.834  1.476   1.00 48.92 ? 26  TYR A CE1 1 
ATOM   104  C CE2 . TYR A 1 19  ? -20.886 -5.595  0.678   1.00 46.43 ? 26  TYR A CE2 1 
ATOM   105  C CZ  . TYR A 1 19  ? -20.085 -4.495  0.428   1.00 48.48 ? 26  TYR A CZ  1 
ATOM   106  O OH  . TYR A 1 19  ? -19.936 -4.039  -0.863  1.00 49.34 ? 26  TYR A OH  1 
ATOM   107  N N   . LEU A 1 20  ? -21.692 -6.325  7.325   1.00 47.23 ? 27  LEU A N   1 
ATOM   108  C CA  . LEU A 1 20  ? -22.008 -7.231  8.417   1.00 47.25 ? 27  LEU A CA  1 
ATOM   109  C C   . LEU A 1 20  ? -23.330 -6.946  9.126   1.00 48.13 ? 27  LEU A C   1 
ATOM   110  O O   . LEU A 1 20  ? -24.117 -7.863  9.366   1.00 47.22 ? 27  LEU A O   1 
ATOM   111  C CB  . LEU A 1 20  ? -20.871 -7.241  9.443   1.00 46.85 ? 27  LEU A CB  1 
ATOM   112  C CG  . LEU A 1 20  ? -19.498 -7.713  8.954   1.00 46.04 ? 27  LEU A CG  1 
ATOM   113  C CD1 . LEU A 1 20  ? -18.594 -7.882  10.158  1.00 44.22 ? 27  LEU A CD1 1 
ATOM   114  C CD2 . LEU A 1 20  ? -19.608 -9.034  8.183   1.00 44.44 ? 27  LEU A CD2 1 
ATOM   115  N N   . GLU A 1 21  ? -23.578 -5.686  9.460   1.00 49.23 ? 28  GLU A N   1 
ATOM   116  C CA  . GLU A 1 21  ? -24.807 -5.340  10.160  1.00 51.22 ? 28  GLU A CA  1 
ATOM   117  C C   . GLU A 1 21  ? -26.070 -5.312  9.311   1.00 51.95 ? 28  GLU A C   1 
ATOM   118  O O   . GLU A 1 21  ? -27.143 -5.656  9.795   1.00 54.12 ? 28  GLU A O   1 
ATOM   119  C CB  . GLU A 1 21  ? -24.639 -4.021  10.917  1.00 51.66 ? 28  GLU A CB  1 
ATOM   120  C CG  . GLU A 1 21  ? -23.811 -4.195  12.194  1.00 53.83 ? 28  GLU A CG  1 
ATOM   121  C CD  . GLU A 1 21  ? -23.600 -2.907  12.963  1.00 54.09 ? 28  GLU A CD  1 
ATOM   122  O OE1 . GLU A 1 21  ? -23.959 -1.831  12.440  1.00 54.25 ? 28  GLU A OE1 1 
ATOM   123  O OE2 . GLU A 1 21  ? -23.063 -2.974  14.091  1.00 55.14 ? 28  GLU A OE2 1 
ATOM   124  N N   . PRO A 1 22  ? -25.976 -4.900  8.038   1.00 51.64 ? 29  PRO A N   1 
ATOM   125  C CA  . PRO A 1 22  ? -27.236 -4.910  7.291   1.00 51.15 ? 29  PRO A CA  1 
ATOM   126  C C   . PRO A 1 22  ? -27.651 -6.323  6.891   1.00 50.84 ? 29  PRO A C   1 
ATOM   127  O O   . PRO A 1 22  ? -28.830 -6.599  6.680   1.00 50.92 ? 29  PRO A O   1 
ATOM   128  C CB  . PRO A 1 22  ? -26.934 -4.018  6.088   1.00 51.22 ? 29  PRO A CB  1 
ATOM   129  C CG  . PRO A 1 22  ? -25.456 -4.216  5.881   1.00 51.34 ? 29  PRO A CG  1 
ATOM   130  C CD  . PRO A 1 22  ? -24.921 -4.190  7.293   1.00 51.83 ? 29  PRO A CD  1 
ATOM   131  N N   . LEU A 1 23  ? -26.673 -7.216  6.796   1.00 50.95 ? 30  LEU A N   1 
ATOM   132  C CA  . LEU A 1 23  ? -26.936 -8.596  6.421   1.00 49.80 ? 30  LEU A CA  1 
ATOM   133  C C   . LEU A 1 23  ? -26.873 -9.516  7.631   1.00 49.88 ? 30  LEU A C   1 
ATOM   134  O O   . LEU A 1 23  ? -26.936 -10.739 7.489   1.00 49.52 ? 30  LEU A O   1 
ATOM   135  C CB  . LEU A 1 23  ? -25.930 -9.047  5.377   1.00 50.32 ? 30  LEU A CB  1 
ATOM   136  N N   . ASP A 1 24  ? -26.748 -8.922  8.815   1.00 48.70 ? 31  ASP A N   1 
ATOM   137  C CA  . ASP A 1 24  ? -26.669 -9.687  10.054  1.00 48.56 ? 31  ASP A CA  1 
ATOM   138  C C   . ASP A 1 24  ? -25.753 -10.893 9.871   1.00 48.74 ? 31  ASP A C   1 
ATOM   139  O O   . ASP A 1 24  ? -26.197 -12.040 9.941   1.00 47.53 ? 31  ASP A O   1 
ATOM   140  C CB  . ASP A 1 24  ? -28.065 -10.148 10.480  1.00 51.38 ? 31  ASP A CB  1 
ATOM   141  N N   . LEU A 1 25  ? -24.480 -10.620 9.609   1.00 48.75 ? 32  LEU A N   1 
ATOM   142  C CA  . LEU A 1 25  ? -23.478 -11.660 9.416   1.00 48.05 ? 32  LEU A CA  1 
ATOM   143  C C   . LEU A 1 25  ? -22.472 -11.461 10.548  1.00 47.73 ? 32  LEU A C   1 
ATOM   144  O O   . LEU A 1 25  ? -21.953 -10.355 10.735  1.00 47.57 ? 32  LEU A O   1 
ATOM   145  C CB  . LEU A 1 25  ? -22.808 -11.477 8.052   1.00 47.73 ? 32  LEU A CB  1 
ATOM   146  C CG  . LEU A 1 25  ? -21.818 -12.527 7.551   1.00 49.03 ? 32  LEU A CG  1 
ATOM   147  C CD1 . LEU A 1 25  ? -22.529 -13.843 7.308   1.00 49.27 ? 32  LEU A CD1 1 
ATOM   148  C CD2 . LEU A 1 25  ? -21.180 -12.024 6.270   1.00 49.87 ? 32  LEU A CD2 1 
ATOM   149  N N   . LYS A 1 26  ? -22.231 -12.518 11.322  1.00 46.44 ? 33  LYS A N   1 
ATOM   150  C CA  . LYS A 1 26  ? -21.300 -12.459 12.451  1.00 45.80 ? 33  LYS A CA  1 
ATOM   151  C C   . LYS A 1 26  ? -19.837 -12.436 12.035  1.00 44.36 ? 33  LYS A C   1 
ATOM   152  O O   . LYS A 1 26  ? -19.475 -12.855 10.937  1.00 43.09 ? 33  LYS A O   1 
ATOM   153  C CB  . LYS A 1 26  ? -21.488 -13.667 13.373  1.00 48.34 ? 33  LYS A CB  1 
ATOM   154  C CG  . LYS A 1 26  ? -22.722 -13.665 14.238  1.00 50.97 ? 33  LYS A CG  1 
ATOM   155  C CD  . LYS A 1 26  ? -22.762 -14.971 15.011  1.00 55.31 ? 33  LYS A CD  1 
ATOM   156  C CE  . LYS A 1 26  ? -23.926 -15.030 15.977  1.00 57.37 ? 33  LYS A CE  1 
ATOM   157  N NZ  . LYS A 1 26  ? -24.089 -16.403 16.537  1.00 58.14 ? 33  LYS A NZ  1 
ATOM   158  N N   . ILE A 1 27  ? -18.998 -11.956 12.944  1.00 43.57 ? 34  ILE A N   1 
ATOM   159  C CA  . ILE A 1 27  ? -17.563 -11.909 12.720  1.00 42.57 ? 34  ILE A CA  1 
ATOM   160  C C   . ILE A 1 27  ? -17.093 -13.324 12.406  1.00 42.58 ? 34  ILE A C   1 
ATOM   161  O O   . ILE A 1 27  ? -16.395 -13.556 11.419  1.00 41.39 ? 34  ILE A O   1 
ATOM   162  C CB  . ILE A 1 27  ? -16.821 -11.405 13.985  1.00 42.12 ? 34  ILE A CB  1 
ATOM   163  C CG1 . ILE A 1 27  ? -17.179 -9.944  14.243  1.00 41.53 ? 34  ILE A CG1 1 
ATOM   164  C CG2 . ILE A 1 27  ? -15.313 -11.584 13.831  1.00 40.58 ? 34  ILE A CG2 1 
ATOM   165  C CD1 . ILE A 1 27  ? -16.882 -9.045  13.085  1.00 42.18 ? 34  ILE A CD1 1 
ATOM   166  N N   . ASN A 1 28  ? -17.493 -14.265 13.256  1.00 42.68 ? 35  ASN A N   1 
ATOM   167  C CA  . ASN A 1 28  ? -17.121 -15.666 13.088  1.00 44.17 ? 35  ASN A CA  1 
ATOM   168  C C   . ASN A 1 28  ? -17.622 -16.222 11.762  1.00 43.72 ? 35  ASN A C   1 
ATOM   169  O O   . ASN A 1 28  ? -16.947 -17.034 11.135  1.00 43.10 ? 35  ASN A O   1 
ATOM   170  C CB  . ASN A 1 28  ? -17.683 -16.515 14.233  1.00 46.06 ? 35  ASN A CB  1 
ATOM   171  C CG  . ASN A 1 28  ? -17.153 -16.089 15.583  1.00 50.32 ? 35  ASN A CG  1 
ATOM   172  O OD1 . ASN A 1 28  ? -16.293 -15.210 15.669  1.00 51.18 ? 35  ASN A OD1 1 
ATOM   173  N ND2 . ASN A 1 28  ? -17.660 -16.709 16.649  1.00 50.51 ? 35  ASN A ND2 1 
ATOM   174  N N   . GLU A 1 29  ? -18.812 -15.801 11.343  1.00 42.44 ? 36  GLU A N   1 
ATOM   175  C CA  . GLU A 1 29  ? -19.365 -16.274 10.079  1.00 42.00 ? 36  GLU A CA  1 
ATOM   176  C C   . GLU A 1 29  ? -18.515 -15.783 8.915   1.00 40.29 ? 36  GLU A C   1 
ATOM   177  O O   . GLU A 1 29  ? -18.170 -16.553 8.026   1.00 39.23 ? 36  GLU A O   1 
ATOM   178  C CB  . GLU A 1 29  ? -20.817 -15.813 9.914   1.00 42.55 ? 36  GLU A CB  1 
ATOM   179  C CG  . GLU A 1 29  ? -21.801 -16.604 10.773  1.00 45.43 ? 36  GLU A CG  1 
ATOM   180  C CD  . GLU A 1 29  ? -23.225 -16.099 10.666  1.00 44.58 ? 36  GLU A CD  1 
ATOM   181  O OE1 . GLU A 1 29  ? -23.472 -14.939 11.050  1.00 43.11 ? 36  GLU A OE1 1 
ATOM   182  O OE2 . GLU A 1 29  ? -24.095 -16.862 10.201  1.00 45.80 ? 36  GLU A OE2 1 
ATOM   183  N N   . LEU A 1 30  ? -18.176 -14.498 8.924   1.00 39.33 ? 37  LEU A N   1 
ATOM   184  C CA  . LEU A 1 30  ? -17.348 -13.944 7.860   1.00 39.69 ? 37  LEU A CA  1 
ATOM   185  C C   . LEU A 1 30  ? -15.984 -14.631 7.875   1.00 39.45 ? 37  LEU A C   1 
ATOM   186  O O   . LEU A 1 30  ? -15.435 -14.958 6.823   1.00 39.85 ? 37  LEU A O   1 
ATOM   187  C CB  . LEU A 1 30  ? -17.156 -12.433 8.036   1.00 39.33 ? 37  LEU A CB  1 
ATOM   188  C CG  . LEU A 1 30  ? -16.204 -11.807 7.002   1.00 40.74 ? 37  LEU A CG  1 
ATOM   189  C CD1 . LEU A 1 30  ? -16.798 -11.971 5.606   1.00 38.87 ? 37  LEU A CD1 1 
ATOM   190  C CD2 . LEU A 1 30  ? -15.965 -10.334 7.308   1.00 37.48 ? 37  LEU A CD2 1 
ATOM   191  N N   . ALA A 1 31  ? -15.445 -14.852 9.071   1.00 37.41 ? 38  ALA A N   1 
ATOM   192  C CA  . ALA A 1 31  ? -14.144 -15.496 9.201   1.00 36.55 ? 38  ALA A CA  1 
ATOM   193  C C   . ALA A 1 31  ? -14.107 -16.839 8.487   1.00 35.54 ? 38  ALA A C   1 
ATOM   194  O O   . ALA A 1 31  ? -13.167 -17.127 7.752   1.00 34.29 ? 38  ALA A O   1 
ATOM   195  C CB  . ALA A 1 31  ? -13.781 -15.676 10.681  1.00 34.25 ? 38  ALA A CB  1 
ATOM   196  N N   . GLU A 1 32  ? -15.131 -17.660 8.697   1.00 37.19 ? 39  GLU A N   1 
ATOM   197  C CA  . GLU A 1 32  ? -15.181 -18.977 8.069   1.00 38.29 ? 39  GLU A CA  1 
ATOM   198  C C   . GLU A 1 32  ? -15.361 -18.878 6.553   1.00 37.37 ? 39  GLU A C   1 
ATOM   199  O O   . GLU A 1 32  ? -14.912 -19.749 5.808   1.00 36.34 ? 39  GLU A O   1 
ATOM   200  C CB  . GLU A 1 32  ? -16.290 -19.818 8.711   1.00 42.28 ? 39  GLU A CB  1 
ATOM   201  C CG  . GLU A 1 32  ? -16.204 -19.803 10.240  1.00 50.18 ? 39  GLU A CG  1 
ATOM   202  C CD  . GLU A 1 32  ? -17.073 -20.851 10.915  1.00 54.69 ? 39  GLU A CD  1 
ATOM   203  O OE1 . GLU A 1 32  ? -16.666 -22.032 10.957  1.00 56.74 ? 39  GLU A OE1 1 
ATOM   204  O OE2 . GLU A 1 32  ? -18.167 -20.489 11.404  1.00 57.23 ? 39  GLU A OE2 1 
ATOM   205  N N   . LEU A 1 33  ? -16.011 -17.812 6.102   1.00 35.45 ? 40  LEU A N   1 
ATOM   206  C CA  . LEU A 1 33  ? -16.193 -17.594 4.673   1.00 36.29 ? 40  LEU A CA  1 
ATOM   207  C C   . LEU A 1 33  ? -14.846 -17.184 4.060   1.00 36.64 ? 40  LEU A C   1 
ATOM   208  O O   . LEU A 1 33  ? -14.419 -17.733 3.043   1.00 36.09 ? 40  LEU A O   1 
ATOM   209  C CB  . LEU A 1 33  ? -17.229 -16.492 4.415   1.00 35.77 ? 40  LEU A CB  1 
ATOM   210  C CG  . LEU A 1 33  ? -18.709 -16.822 4.640   1.00 37.36 ? 40  LEU A CG  1 
ATOM   211  C CD1 . LEU A 1 33  ? -19.595 -15.601 4.374   1.00 36.57 ? 40  LEU A CD1 1 
ATOM   212  C CD2 . LEU A 1 33  ? -19.090 -17.960 3.712   1.00 38.32 ? 40  LEU A CD2 1 
ATOM   213  N N   . LEU A 1 34  ? -14.179 -16.221 4.688   1.00 34.91 ? 41  LEU A N   1 
ATOM   214  C CA  . LEU A 1 34  ? -12.883 -15.736 4.212   1.00 35.03 ? 41  LEU A CA  1 
ATOM   215  C C   . LEU A 1 34  ? -11.813 -16.792 4.456   1.00 34.97 ? 41  LEU A C   1 
ATOM   216  O O   . LEU A 1 34  ? -10.725 -16.731 3.888   1.00 33.41 ? 41  LEU A O   1 
ATOM   217  C CB  . LEU A 1 34  ? -12.483 -14.446 4.951   1.00 32.76 ? 41  LEU A CB  1 
ATOM   218  C CG  . LEU A 1 34  ? -13.375 -13.199 4.864   1.00 32.98 ? 41  LEU A CG  1 
ATOM   219  C CD1 . LEU A 1 34  ? -13.001 -12.207 5.959   1.00 31.52 ? 41  LEU A CD1 1 
ATOM   220  C CD2 . LEU A 1 34  ? -13.233 -12.561 3.503   1.00 30.84 ? 41  LEU A CD2 1 
ATOM   221  N N   . HIS A 1 35  ? -12.143 -17.761 5.304   1.00 37.37 ? 42  HIS A N   1 
ATOM   222  C CA  . HIS A 1 35  ? -11.222 -18.830 5.673   1.00 38.76 ? 42  HIS A CA  1 
ATOM   223  C C   . HIS A 1 35  ? -9.981  -18.288 6.398   1.00 38.35 ? 42  HIS A C   1 
ATOM   224  O O   . HIS A 1 35  ? -8.850  -18.717 6.154   1.00 39.30 ? 42  HIS A O   1 
ATOM   225  C CB  . HIS A 1 35  ? -10.790 -19.637 4.448   1.00 42.22 ? 42  HIS A CB  1 
ATOM   226  C CG  . HIS A 1 35  ? -9.967  -20.842 4.795   1.00 48.50 ? 42  HIS A CG  1 
ATOM   227  N ND1 . HIS A 1 35  ? -8.985  -21.337 3.963   1.00 51.81 ? 42  HIS A ND1 1 
ATOM   228  C CD2 . HIS A 1 35  ? -9.969  -21.633 5.891   1.00 51.41 ? 42  HIS A CD2 1 
ATOM   229  C CE1 . HIS A 1 35  ? -8.414  -22.385 4.539   1.00 52.73 ? 42  HIS A CE1 1 
ATOM   230  N NE2 . HIS A 1 35  ? -8.993  -22.584 5.710   1.00 52.01 ? 42  HIS A NE2 1 
ATOM   231  N N   . VAL A 1 36  ? -10.205 -17.332 7.289   1.00 37.92 ? 43  VAL A N   1 
ATOM   232  C CA  . VAL A 1 36  ? -9.132  -16.745 8.084   1.00 37.50 ? 43  VAL A CA  1 
ATOM   233  C C   . VAL A 1 36  ? -9.582  -16.872 9.534   1.00 37.99 ? 43  VAL A C   1 
ATOM   234  O O   . VAL A 1 36  ? -10.744 -17.182 9.793   1.00 39.46 ? 43  VAL A O   1 
ATOM   235  C CB  . VAL A 1 36  ? -8.910  -15.247 7.742   1.00 36.65 ? 43  VAL A CB  1 
ATOM   236  C CG1 . VAL A 1 36  ? -8.475  -15.101 6.281   1.00 33.63 ? 43  VAL A CG1 1 
ATOM   237  C CG2 . VAL A 1 36  ? -10.186 -14.457 8.009   1.00 33.85 ? 43  VAL A CG2 1 
ATOM   238  N N   . HIS A 1 37  ? -8.674  -16.644 10.477  1.00 37.93 ? 44  HIS A N   1 
ATOM   239  C CA  . HIS A 1 37  ? -9.025  -16.741 11.887  1.00 36.83 ? 44  HIS A CA  1 
ATOM   240  C C   . HIS A 1 37  ? -9.932  -15.572 12.250  1.00 35.95 ? 44  HIS A C   1 
ATOM   241  O O   . HIS A 1 37  ? -9.838  -14.499 11.657  1.00 35.04 ? 44  HIS A O   1 
ATOM   242  C CB  . HIS A 1 37  ? -7.756  -16.715 12.752  1.00 39.27 ? 44  HIS A CB  1 
ATOM   243  C CG  . HIS A 1 37  ? -8.003  -17.035 14.196  1.00 41.55 ? 44  HIS A CG  1 
ATOM   244  N ND1 . HIS A 1 37  ? -8.718  -16.207 15.027  1.00 41.85 ? 44  HIS A ND1 1 
ATOM   245  C CD2 . HIS A 1 37  ? -7.665  -18.119 14.939  1.00 42.34 ? 44  HIS A CD2 1 
ATOM   246  C CE1 . HIS A 1 37  ? -8.818  -16.764 16.227  1.00 42.64 ? 44  HIS A CE1 1 
ATOM   247  N NE2 . HIS A 1 37  ? -8.186  -17.925 16.193  1.00 43.02 ? 44  HIS A NE2 1 
ATOM   248  N N   . ARG A 1 38  ? -10.826 -15.794 13.208  1.00 35.11 ? 45  ARG A N   1 
ATOM   249  C CA  . ARG A 1 38  ? -11.737 -14.752 13.661  1.00 32.30 ? 45  ARG A CA  1 
ATOM   250  C C   . ARG A 1 38  ? -10.955 -13.508 14.066  1.00 31.23 ? 45  ARG A C   1 
ATOM   251  O O   . ARG A 1 38  ? -11.409 -12.390 13.847  1.00 30.36 ? 45  ARG A O   1 
ATOM   252  C CB  . ARG A 1 38  ? -12.554 -15.222 14.866  1.00 34.25 ? 45  ARG A CB  1 
ATOM   253  C CG  . ARG A 1 38  ? -13.283 -14.072 15.561  1.00 42.58 ? 45  ARG A CG  1 
ATOM   254  C CD  . ARG A 1 38  ? -13.889 -14.456 16.908  1.00 44.76 ? 45  ARG A CD  1 
ATOM   255  N NE  . ARG A 1 38  ? -15.100 -13.679 17.176  1.00 46.86 ? 45  ARG A NE  1 
ATOM   256  C CZ  . ARG A 1 38  ? -15.118 -12.376 17.441  1.00 47.40 ? 45  ARG A CZ  1 
ATOM   257  N NH1 . ARG A 1 38  ? -13.987 -11.681 17.486  1.00 49.04 ? 45  ARG A NH1 1 
ATOM   258  N NH2 . ARG A 1 38  ? -16.275 -11.762 17.643  1.00 48.98 ? 45  ARG A NH2 1 
ATOM   259  N N   . ASN A 1 39  ? -9.786  -13.709 14.676  1.00 28.93 ? 46  ASN A N   1 
ATOM   260  C CA  . ASN A 1 39  ? -8.957  -12.594 15.126  1.00 27.88 ? 46  ASN A CA  1 
ATOM   261  C C   . ASN A 1 39  ? -8.453  -11.696 13.992  1.00 27.13 ? 46  ASN A C   1 
ATOM   262  O O   . ASN A 1 39  ? -8.271  -10.502 14.190  1.00 26.11 ? 46  ASN A O   1 
ATOM   263  C CB  . ASN A 1 39  ? -7.795  -13.117 15.984  1.00 25.93 ? 46  ASN A CB  1 
ATOM   264  C CG  . ASN A 1 39  ? -8.265  -13.649 17.346  1.00 27.35 ? 46  ASN A CG  1 
ATOM   265  O OD1 . ASN A 1 39  ? -9.463  -13.653 17.642  1.00 25.18 ? 46  ASN A OD1 1 
ATOM   266  N ND2 . ASN A 1 39  ? -7.322  -14.101 18.172  1.00 22.64 ? 46  ASN A ND2 1 
ATOM   267  N N   . SER A 1 40  ? -8.229  -12.254 12.803  1.00 28.78 ? 47  SER A N   1 
ATOM   268  C CA  . SER A 1 40  ? -7.794  -11.418 11.675  1.00 30.47 ? 47  SER A CA  1 
ATOM   269  C C   . SER A 1 40  ? -8.916  -10.450 11.292  1.00 29.18 ? 47  SER A C   1 
ATOM   270  O O   . SER A 1 40  ? -8.669  -9.276  11.040  1.00 28.68 ? 47  SER A O   1 
ATOM   271  C CB  . SER A 1 40  ? -7.455  -12.259 10.437  1.00 29.10 ? 47  SER A CB  1 
ATOM   272  O OG  . SER A 1 40  ? -6.311  -13.057 10.644  1.00 35.11 ? 47  SER A OG  1 
ATOM   273  N N   . VAL A 1 41  ? -10.143 -10.961 11.224  1.00 29.95 ? 48  VAL A N   1 
ATOM   274  C CA  . VAL A 1 41  ? -11.290 -10.142 10.864  1.00 30.44 ? 48  VAL A CA  1 
ATOM   275  C C   . VAL A 1 41  ? -11.485 -9.052  11.911  1.00 30.17 ? 48  VAL A C   1 
ATOM   276  O O   . VAL A 1 41  ? -11.712 -7.882  11.579  1.00 28.55 ? 48  VAL A O   1 
ATOM   277  C CB  . VAL A 1 41  ? -12.578 -10.996 10.761  1.00 32.59 ? 48  VAL A CB  1 
ATOM   278  C CG1 . VAL A 1 41  ? -13.764 -10.110 10.421  1.00 32.47 ? 48  VAL A CG1 1 
ATOM   279  C CG2 . VAL A 1 41  ? -12.404 -12.080 9.708   1.00 29.33 ? 48  VAL A CG2 1 
ATOM   280  N N   . SER A 1 42  ? -11.383 -9.435  13.180  1.00 29.32 ? 49  SER A N   1 
ATOM   281  C CA  . SER A 1 42  ? -11.544 -8.478  14.261  1.00 28.91 ? 49  SER A CA  1 
ATOM   282  C C   . SER A 1 42  ? -10.465 -7.396  14.204  1.00 28.07 ? 49  SER A C   1 
ATOM   283  O O   . SER A 1 42  ? -10.740 -6.228  14.472  1.00 28.33 ? 49  SER A O   1 
ATOM   284  C CB  . SER A 1 42  ? -11.498 -9.189  15.617  1.00 30.14 ? 49  SER A CB  1 
ATOM   285  O OG  . SER A 1 42  ? -11.580 -8.249  16.679  1.00 32.26 ? 49  SER A OG  1 
ATOM   286  N N   . ALA A 1 43  ? -9.237  -7.780  13.860  1.00 27.22 ? 50  ALA A N   1 
ATOM   287  C CA  . ALA A 1 43  ? -8.148  -6.812  13.767  1.00 27.42 ? 50  ALA A CA  1 
ATOM   288  C C   . ALA A 1 43  ? -8.352  -5.878  12.577  1.00 27.37 ? 50  ALA A C   1 
ATOM   289  O O   . ALA A 1 43  ? -7.964  -4.715  12.625  1.00 27.04 ? 50  ALA A O   1 
ATOM   290  C CB  . ALA A 1 43  ? -6.813  -7.526  13.638  1.00 27.58 ? 50  ALA A CB  1 
ATOM   291  N N   . LEU A 1 44  ? -8.934  -6.394  11.501  1.00 28.16 ? 51  LEU A N   1 
ATOM   292  C CA  . LEU A 1 44  ? -9.189  -5.575  10.325  1.00 30.99 ? 51  LEU A CA  1 
ATOM   293  C C   . LEU A 1 44  ? -10.234 -4.528  10.679  1.00 31.59 ? 51  LEU A C   1 
ATOM   294  O O   . LEU A 1 44  ? -10.052 -3.347  10.428  1.00 30.85 ? 51  LEU A O   1 
ATOM   295  C CB  . LEU A 1 44  ? -9.702  -6.437  9.169   1.00 29.89 ? 51  LEU A CB  1 
ATOM   296  C CG  . LEU A 1 44  ? -10.158 -5.654  7.932   1.00 34.56 ? 51  LEU A CG  1 
ATOM   297  C CD1 . LEU A 1 44  ? -9.013  -4.788  7.424   1.00 32.87 ? 51  LEU A CD1 1 
ATOM   298  C CD2 . LEU A 1 44  ? -10.627 -6.615  6.853   1.00 29.96 ? 51  LEU A CD2 1 
ATOM   299  N N   . ILE A 1 45  ? -11.327 -4.981  11.279  1.00 33.99 ? 52  ILE A N   1 
ATOM   300  C CA  . ILE A 1 45  ? -12.422 -4.109  11.680  1.00 36.50 ? 52  ILE A CA  1 
ATOM   301  C C   . ILE A 1 45  ? -11.999 -2.998  12.638  1.00 36.70 ? 52  ILE A C   1 
ATOM   302  O O   . ILE A 1 45  ? -12.489 -1.873  12.540  1.00 36.02 ? 52  ILE A O   1 
ATOM   303  C CB  . ILE A 1 45  ? -13.544 -4.930  12.337  1.00 38.23 ? 52  ILE A CB  1 
ATOM   304  C CG1 . ILE A 1 45  ? -14.212 -5.808  11.283  1.00 37.09 ? 52  ILE A CG1 1 
ATOM   305  C CG2 . ILE A 1 45  ? -14.550 -4.011  13.009  1.00 39.28 ? 52  ILE A CG2 1 
ATOM   306  C CD1 . ILE A 1 45  ? -15.407 -6.558  11.788  1.00 41.40 ? 52  ILE A CD1 1 
ATOM   307  N N   . ASN A 1 46  ? -11.088 -3.305  13.555  1.00 36.90 ? 53  ASN A N   1 
ATOM   308  C CA  . ASN A 1 46  ? -10.643 -2.311  14.520  1.00 36.98 ? 53  ASN A CA  1 
ATOM   309  C C   . ASN A 1 46  ? -9.417  -1.534  14.092  1.00 37.12 ? 53  ASN A C   1 
ATOM   310  O O   . ASN A 1 46  ? -8.896  -0.726  14.853  1.00 35.21 ? 53  ASN A O   1 
ATOM   311  C CB  . ASN A 1 46  ? -10.398 -2.972  15.869  1.00 38.48 ? 53  ASN A CB  1 
ATOM   312  C CG  . ASN A 1 46  ? -11.657 -3.558  16.448  1.00 39.79 ? 53  ASN A CG  1 
ATOM   313  O OD1 . ASN A 1 46  ? -11.734 -4.756  16.717  1.00 39.91 ? 53  ASN A OD1 1 
ATOM   314  N ND2 . ASN A 1 46  ? -12.666 -2.714  16.629  1.00 40.59 ? 53  ASN A ND2 1 
ATOM   315  N N   . ASN A 1 47  ? -8.955  -1.796  12.873  1.00 38.19 ? 54  ASN A N   1 
ATOM   316  C CA  . ASN A 1 47  ? -7.806  -1.098  12.306  1.00 38.48 ? 54  ASN A CA  1 
ATOM   317  C C   . ASN A 1 47  ? -6.478  -1.322  13.035  1.00 39.02 ? 54  ASN A C   1 
ATOM   318  O O   . ASN A 1 47  ? -5.644  -0.419  13.112  1.00 37.24 ? 54  ASN A O   1 
ATOM   319  C CB  . ASN A 1 47  ? -8.119  0.403   12.214  1.00 39.45 ? 54  ASN A CB  1 
ATOM   320  C CG  . ASN A 1 47  ? -7.200  1.135   11.246  1.00 40.11 ? 54  ASN A CG  1 
ATOM   321  O OD1 . ASN A 1 47  ? -6.811  0.586   10.215  1.00 36.11 ? 54  ASN A OD1 1 
ATOM   322  N ND2 . ASN A 1 47  ? -6.860  2.382   11.570  1.00 37.24 ? 54  ASN A ND2 1 
ATOM   323  N N   . ASN A 1 48  ? -6.276  -2.529  13.555  1.00 38.63 ? 55  ASN A N   1 
ATOM   324  C CA  . ASN A 1 48  ? -5.031  -2.860  14.242  1.00 39.91 ? 55  ASN A CA  1 
ATOM   325  C C   . ASN A 1 48  ? -4.121  -3.572  13.255  1.00 40.53 ? 55  ASN A C   1 
ATOM   326  O O   . ASN A 1 48  ? -2.942  -3.823  13.527  1.00 41.83 ? 55  ASN A O   1 
ATOM   327  C CB  . ASN A 1 48  ? -5.303  -3.769  15.441  1.00 39.75 ? 55  ASN A CB  1 
ATOM   328  C CG  . ASN A 1 48  ? -5.988  -3.033  16.578  1.00 42.65 ? 55  ASN A CG  1 
ATOM   329  O OD1 . ASN A 1 48  ? -5.377  -2.196  17.246  1.00 43.05 ? 55  ASN A OD1 1 
ATOM   330  N ND2 . ASN A 1 48  ? -7.265  -3.327  16.791  1.00 40.28 ? 55  ASN A ND2 1 
ATOM   331  N N   . ARG A 1 49  ? -4.694  -3.881  12.099  1.00 38.48 ? 56  ARG A N   1 
ATOM   332  C CA  . ARG A 1 49  ? -4.002  -4.567  11.022  1.00 38.54 ? 56  ARG A CA  1 
ATOM   333  C C   . ARG A 1 49  ? -4.461  -3.875  9.745   1.00 36.09 ? 56  ARG A C   1 
ATOM   334  O O   . ARG A 1 49  ? -5.658  -3.704  9.523   1.00 34.78 ? 56  ARG A O   1 
ATOM   335  C CB  . ARG A 1 49  ? -4.432  -6.038  10.991  1.00 41.56 ? 56  ARG A CB  1 
ATOM   336  C CG  . ARG A 1 49  ? -3.664  -6.938  10.035  1.00 44.74 ? 56  ARG A CG  1 
ATOM   337  C CD  . ARG A 1 49  ? -4.562  -8.074  9.525   1.00 51.29 ? 56  ARG A CD  1 
ATOM   338  N NE  . ARG A 1 49  ? -5.458  -7.603  8.465   1.00 55.22 ? 56  ARG A NE  1 
ATOM   339  C CZ  . ARG A 1 49  ? -5.534  -8.144  7.249   1.00 53.66 ? 56  ARG A CZ  1 
ATOM   340  N NH1 . ARG A 1 49  ? -4.778  -9.189  6.931   1.00 54.01 ? 56  ARG A NH1 1 
ATOM   341  N NH2 . ARG A 1 49  ? -6.339  -7.618  6.340   1.00 49.85 ? 56  ARG A NH2 1 
ATOM   342  N N   . LYS A 1 50  ? -3.523  -3.471  8.906   1.00 34.87 ? 57  LYS A N   1 
ATOM   343  C CA  . LYS A 1 50  ? -3.895  -2.813  7.666   1.00 34.26 ? 57  LYS A CA  1 
ATOM   344  C C   . LYS A 1 50  ? -4.559  -3.861  6.776   1.00 32.70 ? 57  LYS A C   1 
ATOM   345  O O   . LYS A 1 50  ? -4.277  -5.052  6.903   1.00 32.40 ? 57  LYS A O   1 
ATOM   346  C CB  . LYS A 1 50  ? -2.648  -2.279  6.960   1.00 36.73 ? 57  LYS A CB  1 
ATOM   347  C CG  . LYS A 1 50  ? -1.820  -3.382  6.311   1.00 41.17 ? 57  LYS A CG  1 
ATOM   348  C CD  . LYS A 1 50  ? -0.604  -2.841  5.574   1.00 43.99 ? 57  LYS A CD  1 
ATOM   349  C CE  . LYS A 1 50  ? 0.106   -3.973  4.835   1.00 45.99 ? 57  LYS A CE  1 
ATOM   350  N NZ  . LYS A 1 50  ? 1.305   -3.521  4.070   1.00 48.33 ? 57  LYS A NZ  1 
ATOM   351  N N   . LEU A 1 51  ? -5.448  -3.432  5.892   1.00 30.40 ? 58  LEU A N   1 
ATOM   352  C CA  . LEU A 1 51  ? -6.083  -4.362  4.965   1.00 30.89 ? 58  LEU A CA  1 
ATOM   353  C C   . LEU A 1 51  ? -4.987  -4.731  3.963   1.00 29.92 ? 58  LEU A C   1 
ATOM   354  O O   . LEU A 1 51  ? -4.516  -3.863  3.224   1.00 29.09 ? 58  LEU A O   1 
ATOM   355  C CB  . LEU A 1 51  ? -7.223  -3.681  4.216   1.00 31.77 ? 58  LEU A CB  1 
ATOM   356  C CG  . LEU A 1 51  ? -7.971  -4.505  3.166   1.00 35.97 ? 58  LEU A CG  1 
ATOM   357  C CD1 . LEU A 1 51  ? -9.109  -5.269  3.817   1.00 37.62 ? 58  LEU A CD1 1 
ATOM   358  C CD2 . LEU A 1 51  ? -8.524  -3.569  2.103   1.00 36.66 ? 58  LEU A CD2 1 
ATOM   359  N N   . THR A 1 52  ? -4.578  -5.999  3.941   1.00 26.28 ? 59  THR A N   1 
ATOM   360  C CA  . THR A 1 52  ? -3.528  -6.438  3.020   1.00 25.61 ? 59  THR A CA  1 
ATOM   361  C C   . THR A 1 52  ? -4.112  -6.749  1.642   1.00 25.84 ? 59  THR A C   1 
ATOM   362  O O   . THR A 1 52  ? -5.334  -6.853  1.482   1.00 23.84 ? 59  THR A O   1 
ATOM   363  C CB  . THR A 1 52  ? -2.815  -7.714  3.527   1.00 26.90 ? 59  THR A CB  1 
ATOM   364  O OG1 . THR A 1 52  ? -3.741  -8.802  3.547   1.00 24.89 ? 59  THR A OG1 1 
ATOM   365  C CG2 . THR A 1 52  ? -2.261  -7.510  4.934   1.00 26.00 ? 59  THR A CG2 1 
ATOM   366  N N   . THR A 1 53  ? -3.235  -6.902  0.653   1.00 24.35 ? 60  THR A N   1 
ATOM   367  C CA  . THR A 1 53  ? -3.654  -7.218  -0.710  1.00 24.24 ? 60  THR A CA  1 
ATOM   368  C C   . THR A 1 53  ? -4.398  -8.555  -0.734  1.00 24.38 ? 60  THR A C   1 
ATOM   369  O O   . THR A 1 53  ? -5.463  -8.675  -1.348  1.00 24.49 ? 60  THR A O   1 
ATOM   370  C CB  . THR A 1 53  ? -2.441  -7.301  -1.670  1.00 25.36 ? 60  THR A CB  1 
ATOM   371  O OG1 . THR A 1 53  ? -1.665  -6.102  -1.569  1.00 27.24 ? 60  THR A OG1 1 
ATOM   372  C CG2 . THR A 1 53  ? -2.908  -7.419  -3.110  1.00 22.15 ? 60  THR A CG2 1 
ATOM   373  N N   . GLU A 1 54  ? -3.836  -9.557  -0.066  1.00 26.26 ? 61  GLU A N   1 
ATOM   374  C CA  . GLU A 1 54  ? -4.462  -10.876 -0.015  1.00 28.49 ? 61  GLU A CA  1 
ATOM   375  C C   . GLU A 1 54  ? -5.842  -10.804 0.631   1.00 27.35 ? 61  GLU A C   1 
ATOM   376  O O   . GLU A 1 54  ? -6.801  -11.377 0.114   1.00 28.29 ? 61  GLU A O   1 
ATOM   377  C CB  . GLU A 1 54  ? -3.593  -11.875 0.762   1.00 32.08 ? 61  GLU A CB  1 
ATOM   378  C CG  . GLU A 1 54  ? -4.120  -13.309 0.711   1.00 35.38 ? 61  GLU A CG  1 
ATOM   379  C CD  . GLU A 1 54  ? -3.258  -14.298 1.486   1.00 38.27 ? 61  GLU A CD  1 
ATOM   380  O OE1 . GLU A 1 54  ? -2.019  -14.218 1.379   1.00 38.42 ? 61  GLU A OE1 1 
ATOM   381  O OE2 . GLU A 1 54  ? -3.818  -15.168 2.190   1.00 40.61 ? 61  GLU A OE2 1 
ATOM   382  N N   . MET A 1 55  ? -5.953  -10.108 1.759   1.00 25.42 ? 62  MET A N   1 
ATOM   383  C CA  . MET A 1 55  ? -7.257  -10.002 2.407   1.00 24.23 ? 62  MET A CA  1 
ATOM   384  C C   . MET A 1 55  ? -8.246  -9.332  1.469   1.00 24.08 ? 62  MET A C   1 
ATOM   385  O O   . MET A 1 55  ? -9.424  -9.669  1.475   1.00 24.38 ? 62  MET A O   1 
ATOM   386  C CB  . MET A 1 55  ? -7.186  -9.199  3.709   1.00 20.45 ? 62  MET A CB  1 
ATOM   387  C CG  . MET A 1 55  ? -8.557  -8.985  4.394   1.00 18.52 ? 62  MET A CG  1 
ATOM   388  S SD  . MET A 1 55  ? -9.403  -10.491 4.997   1.00 11.06 ? 62  MET A SD  1 
ATOM   389  C CE  . MET A 1 55  ? -8.449  -10.779 6.480   1.00 20.99 ? 62  MET A CE  1 
ATOM   390  N N   . ALA A 1 56  ? -7.764  -8.375  0.680   1.00 25.49 ? 63  ALA A N   1 
ATOM   391  C CA  . ALA A 1 56  ? -8.615  -7.658  -0.269  1.00 25.03 ? 63  ALA A CA  1 
ATOM   392  C C   . ALA A 1 56  ? -9.176  -8.634  -1.296  1.00 23.90 ? 63  ALA A C   1 
ATOM   393  O O   . ALA A 1 56  ? -10.330 -8.526  -1.686  1.00 21.95 ? 63  ALA A O   1 
ATOM   394  C CB  . ALA A 1 56  ? -7.820  -6.555  -0.970  1.00 24.66 ? 63  ALA A CB  1 
ATOM   395  N N   . PHE A 1 57  ? -8.350  -9.582  -1.732  1.00 25.62 ? 64  PHE A N   1 
ATOM   396  C CA  . PHE A 1 57  ? -8.794  -10.607 -2.684  1.00 26.67 ? 64  PHE A CA  1 
ATOM   397  C C   . PHE A 1 57  ? -9.894  -11.473 -2.062  1.00 26.81 ? 64  PHE A C   1 
ATOM   398  O O   . PHE A 1 57  ? -10.864 -11.830 -2.727  1.00 26.54 ? 64  PHE A O   1 
ATOM   399  C CB  . PHE A 1 57  ? -7.643  -11.531 -3.083  1.00 25.28 ? 64  PHE A CB  1 
ATOM   400  C CG  . PHE A 1 57  ? -6.843  -11.061 -4.274  1.00 27.69 ? 64  PHE A CG  1 
ATOM   401  C CD1 . PHE A 1 57  ? -6.050  -9.919  -4.203  1.00 24.44 ? 64  PHE A CD1 1 
ATOM   402  C CD2 . PHE A 1 57  ? -6.856  -11.798 -5.461  1.00 26.06 ? 64  PHE A CD2 1 
ATOM   403  C CE1 . PHE A 1 57  ? -5.278  -9.520  -5.291  1.00 29.53 ? 64  PHE A CE1 1 
ATOM   404  C CE2 . PHE A 1 57  ? -6.090  -11.409 -6.555  1.00 28.17 ? 64  PHE A CE2 1 
ATOM   405  C CZ  . PHE A 1 57  ? -5.296  -10.266 -6.474  1.00 28.93 ? 64  PHE A CZ  1 
ATOM   406  N N   . ARG A 1 58  ? -9.726  -11.824 -0.787  1.00 26.05 ? 65  ARG A N   1 
ATOM   407  C CA  . ARG A 1 58  ? -10.705 -12.668 -0.096  1.00 26.95 ? 65  ARG A CA  1 
ATOM   408  C C   . ARG A 1 58  ? -12.041 -11.945 0.049   1.00 26.50 ? 65  ARG A C   1 
ATOM   409  O O   . ARG A 1 58  ? -13.100 -12.521 -0.194  1.00 24.31 ? 65  ARG A O   1 
ATOM   410  C CB  . ARG A 1 58  ? -10.183 -13.073 1.285   1.00 28.20 ? 65  ARG A CB  1 
ATOM   411  C CG  . ARG A 1 58  ? -8.987  -14.017 1.272   1.00 28.68 ? 65  ARG A CG  1 
ATOM   412  C CD  . ARG A 1 58  ? -8.434  -14.143 2.678   1.00 28.76 ? 65  ARG A CD  1 
ATOM   413  N NE  . ARG A 1 58  ? -7.212  -14.930 2.742   1.00 33.37 ? 65  ARG A NE  1 
ATOM   414  C CZ  . ARG A 1 58  ? -7.171  -16.255 2.681   1.00 34.75 ? 65  ARG A CZ  1 
ATOM   415  N NH1 . ARG A 1 58  ? -8.293  -16.948 2.554   1.00 36.21 ? 65  ARG A NH1 1 
ATOM   416  N NH2 . ARG A 1 58  ? -6.009  -16.888 2.751   1.00 34.98 ? 65  ARG A NH2 1 
ATOM   417  N N   . LEU A 1 59  ? -11.979 -10.677 0.441   1.00 26.44 ? 66  LEU A N   1 
ATOM   418  C CA  . LEU A 1 59  ? -13.175 -9.875  0.604   1.00 28.06 ? 66  LEU A CA  1 
ATOM   419  C C   . LEU A 1 59  ? -13.876 -9.681  -0.744  1.00 29.80 ? 66  LEU A C   1 
ATOM   420  O O   . LEU A 1 59  ? -15.102 -9.764  -0.834  1.00 31.06 ? 66  LEU A O   1 
ATOM   421  C CB  . LEU A 1 59  ? -12.804 -8.526  1.218   1.00 28.25 ? 66  LEU A CB  1 
ATOM   422  C CG  . LEU A 1 59  ? -12.320 -8.578  2.669   1.00 29.23 ? 66  LEU A CG  1 
ATOM   423  C CD1 . LEU A 1 59  ? -11.753 -7.222  3.078   1.00 28.38 ? 66  LEU A CD1 1 
ATOM   424  C CD2 . LEU A 1 59  ? -13.485 -8.983  3.576   1.00 26.54 ? 66  LEU A CD2 1 
ATOM   425  N N   . ALA A 1 60  ? -13.094 -9.425  -1.787  1.00 29.57 ? 67  ALA A N   1 
ATOM   426  C CA  . ALA A 1 60  ? -13.639 -9.240  -3.125  1.00 29.42 ? 67  ALA A CA  1 
ATOM   427  C C   . ALA A 1 60  ? -14.463 -10.466 -3.503  1.00 30.39 ? 67  ALA A C   1 
ATOM   428  O O   . ALA A 1 60  ? -15.573 -10.349 -4.027  1.00 28.37 ? 67  ALA A O   1 
ATOM   429  C CB  . ALA A 1 60  ? -12.517 -9.057  -4.130  1.00 26.80 ? 67  ALA A CB  1 
ATOM   430  N N   . LYS A 1 61  ? -13.907 -11.641 -3.223  1.00 30.64 ? 68  LYS A N   1 
ATOM   431  C CA  . LYS A 1 61  ? -14.569 -12.902 -3.539  1.00 34.82 ? 68  LYS A CA  1 
ATOM   432  C C   . LYS A 1 61  ? -15.856 -13.113 -2.732  1.00 36.32 ? 68  LYS A C   1 
ATOM   433  O O   . LYS A 1 61  ? -16.904 -13.418 -3.299  1.00 37.68 ? 68  LYS A O   1 
ATOM   434  C CB  . LYS A 1 61  ? -13.588 -14.063 -3.320  1.00 36.12 ? 68  LYS A CB  1 
ATOM   435  C CG  . LYS A 1 61  ? -14.169 -15.460 -3.502  1.00 40.29 ? 68  LYS A CG  1 
ATOM   436  C CD  . LYS A 1 61  ? -14.572 -15.743 -4.936  1.00 43.78 ? 68  LYS A CD  1 
ATOM   437  C CE  . LYS A 1 61  ? -15.160 -17.149 -5.080  1.00 46.05 ? 68  LYS A CE  1 
ATOM   438  N NZ  . LYS A 1 61  ? -14.184 -18.234 -4.761  1.00 45.62 ? 68  LYS A NZ  1 
ATOM   439  N N   . VAL A 1 62  ? -15.779 -12.925 -1.417  1.00 37.47 ? 69  VAL A N   1 
ATOM   440  C CA  . VAL A 1 62  ? -16.933 -13.104 -0.541  1.00 37.54 ? 69  VAL A CA  1 
ATOM   441  C C   . VAL A 1 62  ? -18.076 -12.122 -0.801  1.00 38.49 ? 69  VAL A C   1 
ATOM   442  O O   . VAL A 1 62  ? -19.250 -12.498 -0.756  1.00 37.90 ? 69  VAL A O   1 
ATOM   443  C CB  . VAL A 1 62  ? -16.521 -13.001 0.966   1.00 38.09 ? 69  VAL A CB  1 
ATOM   444  C CG1 . VAL A 1 62  ? -17.751 -12.932 1.851   1.00 35.42 ? 69  VAL A CG1 1 
ATOM   445  C CG2 . VAL A 1 62  ? -15.669 -14.205 1.363   1.00 36.96 ? 69  VAL A CG2 1 
ATOM   446  N N   . PHE A 1 63  ? -17.750 -10.870 -1.083  1.00 38.38 ? 70  PHE A N   1 
ATOM   447  C CA  . PHE A 1 63  ? -18.803 -9.887  -1.300  1.00 39.84 ? 70  PHE A CA  1 
ATOM   448  C C   . PHE A 1 63  ? -19.041 -9.492  -2.751  1.00 39.47 ? 70  PHE A C   1 
ATOM   449  O O   . PHE A 1 63  ? -19.815 -8.584  -3.029  1.00 39.42 ? 70  PHE A O   1 
ATOM   450  C CB  . PHE A 1 63  ? -18.531 -8.642  -0.452  1.00 40.24 ? 70  PHE A CB  1 
ATOM   451  C CG  . PHE A 1 63  ? -18.593 -8.895  1.024   1.00 40.75 ? 70  PHE A CG  1 
ATOM   452  C CD1 . PHE A 1 63  ? -19.794 -9.228  1.636   1.00 40.96 ? 70  PHE A CD1 1 
ATOM   453  C CD2 . PHE A 1 63  ? -17.445 -8.811  1.807   1.00 41.81 ? 70  PHE A CD2 1 
ATOM   454  C CE1 . PHE A 1 63  ? -19.854 -9.476  3.010   1.00 42.18 ? 70  PHE A CE1 1 
ATOM   455  C CE2 . PHE A 1 63  ? -17.494 -9.057  3.182   1.00 41.01 ? 70  PHE A CE2 1 
ATOM   456  C CZ  . PHE A 1 63  ? -18.700 -9.389  3.781   1.00 40.28 ? 70  PHE A CZ  1 
ATOM   457  N N   . ASP A 1 64  ? -18.374 -10.176 -3.668  1.00 40.03 ? 71  ASP A N   1 
ATOM   458  C CA  . ASP A 1 64  ? -18.527 -9.906  -5.089  1.00 40.56 ? 71  ASP A CA  1 
ATOM   459  C C   . ASP A 1 64  ? -18.247 -8.453  -5.459  1.00 39.14 ? 71  ASP A C   1 
ATOM   460  O O   . ASP A 1 64  ? -19.097 -7.767  -6.024  1.00 40.32 ? 71  ASP A O   1 
ATOM   461  C CB  . ASP A 1 64  ? -19.933 -10.312 -5.535  1.00 42.55 ? 71  ASP A CB  1 
ATOM   462  C CG  . ASP A 1 64  ? -20.090 -10.320 -7.046  1.00 45.44 ? 71  ASP A CG  1 
ATOM   463  O OD1 . ASP A 1 64  ? -19.150 -10.747 -7.750  1.00 45.61 ? 71  ASP A OD1 1 
ATOM   464  O OD2 . ASP A 1 64  ? -21.168 -9.912  -7.525  1.00 46.90 ? 71  ASP A OD2 1 
ATOM   465  N N   . THR A 1 65  ? -17.050 -7.987  -5.123  1.00 35.91 ? 72  THR A N   1 
ATOM   466  C CA  . THR A 1 65  ? -16.635 -6.625  -5.437  1.00 33.30 ? 72  THR A CA  1 
ATOM   467  C C   . THR A 1 65  ? -15.301 -6.745  -6.150  1.00 31.19 ? 72  THR A C   1 
ATOM   468  O O   . THR A 1 65  ? -14.854 -7.849  -6.461  1.00 30.46 ? 72  THR A O   1 
ATOM   469  C CB  . THR A 1 65  ? -16.394 -5.778  -4.172  1.00 32.36 ? 72  THR A CB  1 
ATOM   470  O OG1 . THR A 1 65  ? -15.218 -6.249  -3.502  1.00 29.89 ? 72  THR A OG1 1 
ATOM   471  C CG2 . THR A 1 65  ? -17.583 -5.868  -3.237  1.00 31.40 ? 72  THR A CG2 1 
ATOM   472  N N   . THR A 1 66  ? -14.673 -5.607  -6.421  1.00 31.04 ? 73  THR A N   1 
ATOM   473  C CA  . THR A 1 66  ? -13.360 -5.609  -7.051  1.00 30.04 ? 73  THR A CA  1 
ATOM   474  C C   . THR A 1 66  ? -12.374 -5.637  -5.897  1.00 27.36 ? 73  THR A C   1 
ATOM   475  O O   . THR A 1 66  ? -12.751 -5.418  -4.751  1.00 25.10 ? 73  THR A O   1 
ATOM   476  C CB  . THR A 1 66  ? -13.094 -4.322  -7.851  1.00 29.42 ? 73  THR A CB  1 
ATOM   477  O OG1 . THR A 1 66  ? -13.242 -3.192  -6.985  1.00 32.08 ? 73  THR A OG1 1 
ATOM   478  C CG2 . THR A 1 66  ? -14.049 -4.206  -9.019  1.00 30.56 ? 73  THR A CG2 1 
ATOM   479  N N   . VAL A 1 67  ? -11.113 -5.911  -6.193  1.00 27.51 ? 74  VAL A N   1 
ATOM   480  C CA  . VAL A 1 67  ? -10.103 -5.915  -5.150  1.00 27.57 ? 74  VAL A CA  1 
ATOM   481  C C   . VAL A 1 67  ? -9.835  -4.469  -4.754  1.00 25.40 ? 74  VAL A C   1 
ATOM   482  O O   . VAL A 1 67  ? -9.652  -4.152  -3.580  1.00 25.71 ? 74  VAL A O   1 
ATOM   483  C CB  . VAL A 1 67  ? -8.779  -6.538  -5.636  1.00 27.77 ? 74  VAL A CB  1 
ATOM   484  C CG1 . VAL A 1 67  ? -7.741  -6.490  -4.510  1.00 27.95 ? 74  VAL A CG1 1 
ATOM   485  C CG2 . VAL A 1 67  ? -9.010  -7.977  -6.091  1.00 29.51 ? 74  VAL A CG2 1 
ATOM   486  N N   . ASP A 1 68  ? -9.826  -3.589  -5.747  1.00 26.30 ? 75  ASP A N   1 
ATOM   487  C CA  . ASP A 1 68  ? -9.546  -2.185  -5.493  1.00 26.70 ? 75  ASP A CA  1 
ATOM   488  C C   . ASP A 1 68  ? -10.605 -1.471  -4.681  1.00 24.50 ? 75  ASP A C   1 
ATOM   489  O O   . ASP A 1 68  ? -10.304 -0.484  -4.024  1.00 25.31 ? 75  ASP A O   1 
ATOM   490  C CB  . ASP A 1 68  ? -9.267  -1.440  -6.805  1.00 26.69 ? 75  ASP A CB  1 
ATOM   491  C CG  . ASP A 1 68  ? -7.856  -1.696  -7.320  1.00 28.60 ? 75  ASP A CG  1 
ATOM   492  O OD1 . ASP A 1 68  ? -7.093  -2.381  -6.608  1.00 28.99 ? 75  ASP A OD1 1 
ATOM   493  O OD2 . ASP A 1 68  ? -7.500  -1.214  -8.418  1.00 25.03 ? 75  ASP A OD2 1 
ATOM   494  N N   . PHE A 1 69  ? -11.841 -1.956  -4.721  1.00 24.36 ? 76  PHE A N   1 
ATOM   495  C CA  . PHE A 1 69  ? -12.883 -1.341  -3.918  1.00 26.75 ? 76  PHE A CA  1 
ATOM   496  C C   . PHE A 1 69  ? -12.356 -1.320  -2.475  1.00 27.62 ? 76  PHE A C   1 
ATOM   497  O O   . PHE A 1 69  ? -12.445 -0.311  -1.778  1.00 27.02 ? 76  PHE A O   1 
ATOM   498  C CB  . PHE A 1 69  ? -14.163 -2.170  -3.990  1.00 30.36 ? 76  PHE A CB  1 
ATOM   499  C CG  . PHE A 1 69  ? -15.159 -1.847  -2.910  1.00 35.04 ? 76  PHE A CG  1 
ATOM   500  C CD1 . PHE A 1 69  ? -16.008 -0.751  -3.030  1.00 37.61 ? 76  PHE A CD1 1 
ATOM   501  C CD2 . PHE A 1 69  ? -15.229 -2.627  -1.757  1.00 35.69 ? 76  PHE A CD2 1 
ATOM   502  C CE1 . PHE A 1 69  ? -16.918 -0.432  -2.016  1.00 39.04 ? 76  PHE A CE1 1 
ATOM   503  C CE2 . PHE A 1 69  ? -16.133 -2.318  -0.737  1.00 37.63 ? 76  PHE A CE2 1 
ATOM   504  C CZ  . PHE A 1 69  ? -16.978 -1.220  -0.868  1.00 37.87 ? 76  PHE A CZ  1 
ATOM   505  N N   . TRP A 1 70  ? -11.792 -2.443  -2.036  1.00 26.59 ? 77  TRP A N   1 
ATOM   506  C CA  . TRP A 1 70  ? -11.256 -2.519  -0.686  1.00 26.50 ? 77  TRP A CA  1 
ATOM   507  C C   . TRP A 1 70  ? -9.912  -1.815  -0.538  1.00 24.65 ? 77  TRP A C   1 
ATOM   508  O O   . TRP A 1 70  ? -9.705  -1.072  0.416   1.00 24.75 ? 77  TRP A O   1 
ATOM   509  C CB  . TRP A 1 70  ? -11.128 -3.980  -0.232  1.00 24.90 ? 77  TRP A CB  1 
ATOM   510  C CG  . TRP A 1 70  ? -12.455 -4.683  -0.166  1.00 26.07 ? 77  TRP A CG  1 
ATOM   511  C CD1 . TRP A 1 70  ? -12.980 -5.528  -1.097  1.00 22.57 ? 77  TRP A CD1 1 
ATOM   512  C CD2 . TRP A 1 70  ? -13.458 -4.519  0.843   1.00 26.51 ? 77  TRP A CD2 1 
ATOM   513  N NE1 . TRP A 1 70  ? -14.252 -5.895  -0.740  1.00 25.88 ? 77  TRP A NE1 1 
ATOM   514  C CE2 . TRP A 1 70  ? -14.578 -5.289  0.449   1.00 25.93 ? 77  TRP A CE2 1 
ATOM   515  C CE3 . TRP A 1 70  ? -13.537 -3.791  2.045   1.00 26.32 ? 77  TRP A CE3 1 
ATOM   516  C CZ2 . TRP A 1 70  ? -15.750 -5.362  1.207   1.00 27.72 ? 77  TRP A CZ2 1 
ATOM   517  C CZ3 . TRP A 1 70  ? -14.704 -3.862  2.803   1.00 27.30 ? 77  TRP A CZ3 1 
ATOM   518  C CH2 . TRP A 1 70  ? -15.797 -4.640  2.377   1.00 25.81 ? 77  TRP A CH2 1 
ATOM   519  N N   . LEU A 1 71  ? -9.002  -2.027  -1.483  1.00 24.32 ? 78  LEU A N   1 
ATOM   520  C CA  . LEU A 1 71  ? -7.685  -1.404  -1.381  1.00 24.67 ? 78  LEU A CA  1 
ATOM   521  C C   . LEU A 1 71  ? -7.739  0.118   -1.402  1.00 24.05 ? 78  LEU A C   1 
ATOM   522  O O   . LEU A 1 71  ? -6.907  0.767   -0.770  1.00 24.07 ? 78  LEU A O   1 
ATOM   523  C CB  . LEU A 1 71  ? -6.742  -1.919  -2.484  1.00 23.83 ? 78  LEU A CB  1 
ATOM   524  C CG  . LEU A 1 71  ? -6.297  -3.388  -2.354  1.00 26.25 ? 78  LEU A CG  1 
ATOM   525  C CD1 . LEU A 1 71  ? -5.362  -3.746  -3.520  1.00 21.26 ? 78  LEU A CD1 1 
ATOM   526  C CD2 . LEU A 1 71  ? -5.600  -3.613  -1.007  1.00 24.42 ? 78  LEU A CD2 1 
ATOM   527  N N   . ASN A 1 72  ? -8.712  0.692   -2.111  1.00 24.45 ? 79  ASN A N   1 
ATOM   528  C CA  . ASN A 1 72  ? -8.822  2.147   -2.173  1.00 26.03 ? 79  ASN A CA  1 
ATOM   529  C C   . ASN A 1 72  ? -9.161  2.731   -0.806  1.00 25.77 ? 79  ASN A C   1 
ATOM   530  O O   . ASN A 1 72  ? -8.679  3.808   -0.449  1.00 27.57 ? 79  ASN A O   1 
ATOM   531  C CB  . ASN A 1 72  ? -9.866  2.590   -3.216  1.00 27.08 ? 79  ASN A CB  1 
ATOM   532  C CG  . ASN A 1 72  ? -9.445  2.254   -4.642  1.00 29.84 ? 79  ASN A CG  1 
ATOM   533  O OD1 . ASN A 1 72  ? -8.248  2.186   -4.948  1.00 30.16 ? 79  ASN A OD1 1 
ATOM   534  N ND2 . ASN A 1 72  ? -10.424 2.050   -5.523  1.00 27.94 ? 79  ASN A ND2 1 
ATOM   535  N N   . LEU A 1 73  ? -9.972  2.010   -0.037  1.00 26.41 ? 80  LEU A N   1 
ATOM   536  C CA  . LEU A 1 73  ? -10.356 2.445   1.303   1.00 26.66 ? 80  LEU A CA  1 
ATOM   537  C C   . LEU A 1 73  ? -9.131  2.472   2.214   1.00 27.57 ? 80  LEU A C   1 
ATOM   538  O O   . LEU A 1 73  ? -8.935  3.421   2.977   1.00 26.45 ? 80  LEU A O   1 
ATOM   539  C CB  . LEU A 1 73  ? -11.415 1.505   1.889   1.00 26.28 ? 80  LEU A CB  1 
ATOM   540  C CG  . LEU A 1 73  ? -12.778 1.505   1.179   1.00 28.22 ? 80  LEU A CG  1 
ATOM   541  C CD1 . LEU A 1 73  ? -13.626 0.376   1.732   1.00 27.18 ? 80  LEU A CD1 1 
ATOM   542  C CD2 . LEU A 1 73  ? -13.486 2.843   1.364   1.00 26.23 ? 80  LEU A CD2 1 
ATOM   543  N N   . GLN A 1 74  ? -8.295  1.440   2.129   1.00 26.36 ? 81  GLN A N   1 
ATOM   544  C CA  . GLN A 1 74  ? -7.100  1.404   2.961   1.00 26.68 ? 81  GLN A CA  1 
ATOM   545  C C   . GLN A 1 74  ? -6.132  2.494   2.499   1.00 27.23 ? 81  GLN A C   1 
ATOM   546  O O   . GLN A 1 74  ? -5.417  3.082   3.309   1.00 27.18 ? 81  GLN A O   1 
ATOM   547  C CB  . GLN A 1 74  ? -6.412  0.038   2.877   1.00 27.84 ? 81  GLN A CB  1 
ATOM   548  C CG  . GLN A 1 74  ? -5.148  -0.075  3.730   1.00 27.68 ? 81  GLN A CG  1 
ATOM   549  C CD  . GLN A 1 74  ? -5.433  0.091   5.212   1.00 28.06 ? 81  GLN A CD  1 
ATOM   550  O OE1 . GLN A 1 74  ? -6.280  -0.602  5.769   1.00 27.17 ? 81  GLN A OE1 1 
ATOM   551  N NE2 . GLN A 1 74  ? -4.724  1.008   5.856   1.00 28.22 ? 81  GLN A NE2 1 
ATOM   552  N N   . ALA A 1 75  ? -6.106  2.756   1.197   1.00 27.55 ? 82  ALA A N   1 
ATOM   553  C CA  . ALA A 1 75  ? -5.226  3.784   0.650   1.00 28.40 ? 82  ALA A CA  1 
ATOM   554  C C   . ALA A 1 75  ? -5.587  5.127   1.267   1.00 28.78 ? 82  ALA A C   1 
ATOM   555  O O   . ALA A 1 75  ? -4.715  5.894   1.637   1.00 27.86 ? 82  ALA A O   1 
ATOM   556  C CB  . ALA A 1 75  ? -5.368  3.858   -0.871  1.00 24.93 ? 82  ALA A CB  1 
ATOM   557  N N   . ALA A 1 76  ? -6.881  5.407   1.370   1.00 31.01 ? 83  ALA A N   1 
ATOM   558  C CA  . ALA A 1 76  ? -7.344  6.668   1.940   1.00 31.98 ? 83  ALA A CA  1 
ATOM   559  C C   . ALA A 1 76  ? -6.870  6.824   3.376   1.00 30.94 ? 83  ALA A C   1 
ATOM   560  O O   . ALA A 1 76  ? -6.512  7.918   3.798   1.00 31.27 ? 83  ALA A O   1 
ATOM   561  C CB  . ALA A 1 76  ? -8.860  6.747   1.881   1.00 30.11 ? 83  ALA A CB  1 
ATOM   562  N N   . VAL A 1 77  ? -6.886  5.726   4.123   1.00 32.16 ? 84  VAL A N   1 
ATOM   563  C CA  . VAL A 1 77  ? -6.449  5.732   5.513   1.00 32.77 ? 84  VAL A CA  1 
ATOM   564  C C   . VAL A 1 77  ? -4.946  5.976   5.574   1.00 32.90 ? 84  VAL A C   1 
ATOM   565  O O   . VAL A 1 77  ? -4.467  6.737   6.412   1.00 33.67 ? 84  VAL A O   1 
ATOM   566  C CB  . VAL A 1 77  ? -6.769  4.389   6.211   1.00 34.34 ? 84  VAL A CB  1 
ATOM   567  C CG1 . VAL A 1 77  ? -6.066  4.313   7.557   1.00 34.81 ? 84  VAL A CG1 1 
ATOM   568  C CG2 . VAL A 1 77  ? -8.267  4.250   6.408   1.00 34.80 ? 84  VAL A CG2 1 
ATOM   569  N N   . ASP A 1 78  ? -4.201  5.330   4.684   1.00 32.31 ? 85  ASP A N   1 
ATOM   570  C CA  . ASP A 1 78  ? -2.754  5.501   4.662   1.00 32.90 ? 85  ASP A CA  1 
ATOM   571  C C   . ASP A 1 78  ? -2.393  6.962   4.408   1.00 33.13 ? 85  ASP A C   1 
ATOM   572  O O   . ASP A 1 78  ? -1.498  7.510   5.047   1.00 31.48 ? 85  ASP A O   1 
ATOM   573  C CB  . ASP A 1 78  ? -2.112  4.613   3.590   1.00 33.90 ? 85  ASP A CB  1 
ATOM   574  C CG  . ASP A 1 78  ? -2.212  3.122   3.918   1.00 35.82 ? 85  ASP A CG  1 
ATOM   575  O OD1 . ASP A 1 78  ? -2.247  2.763   5.115   1.00 38.89 ? 85  ASP A OD1 1 
ATOM   576  O OD2 . ASP A 1 78  ? -2.237  2.306   2.975   1.00 37.06 ? 85  ASP A OD2 1 
ATOM   577  N N   . LEU A 1 79  ? -3.100  7.589   3.476   1.00 33.34 ? 86  LEU A N   1 
ATOM   578  C CA  . LEU A 1 79  ? -2.856  8.982   3.150   1.00 36.99 ? 86  LEU A CA  1 
ATOM   579  C C   . LEU A 1 79  ? -3.177  9.875   4.338   1.00 37.41 ? 86  LEU A C   1 
ATOM   580  O O   . LEU A 1 79  ? -2.424  10.795  4.644   1.00 37.15 ? 86  LEU A O   1 
ATOM   581  C CB  . LEU A 1 79  ? -3.692  9.395   1.941   1.00 39.99 ? 86  LEU A CB  1 
ATOM   582  C CG  . LEU A 1 79  ? -3.020  9.087   0.604   1.00 43.38 ? 86  LEU A CG  1 
ATOM   583  C CD1 . LEU A 1 79  ? -4.057  8.902   -0.489  1.00 44.78 ? 86  LEU A CD1 1 
ATOM   584  C CD2 . LEU A 1 79  ? -2.065  10.220  0.266   1.00 44.29 ? 86  LEU A CD2 1 
ATOM   585  N N   . TRP A 1 80  ? -4.290  9.597   5.008   1.00 38.43 ? 87  TRP A N   1 
ATOM   586  C CA  . TRP A 1 80  ? -4.687  10.377  6.168   1.00 40.25 ? 87  TRP A CA  1 
ATOM   587  C C   . TRP A 1 80  ? -3.609  10.304  7.251   1.00 40.96 ? 87  TRP A C   1 
ATOM   588  O O   . TRP A 1 80  ? -3.230  11.324  7.821   1.00 40.03 ? 87  TRP A O   1 
ATOM   589  C CB  . TRP A 1 80  ? -6.008  9.856   6.731   1.00 42.15 ? 87  TRP A CB  1 
ATOM   590  C CG  . TRP A 1 80  ? -6.480  10.619  7.923   1.00 44.87 ? 87  TRP A CG  1 
ATOM   591  C CD1 . TRP A 1 80  ? -7.184  11.786  7.922   1.00 46.43 ? 87  TRP A CD1 1 
ATOM   592  C CD2 . TRP A 1 80  ? -6.233  10.295  9.295   1.00 46.72 ? 87  TRP A CD2 1 
ATOM   593  N NE1 . TRP A 1 80  ? -7.391  12.214  9.212   1.00 46.82 ? 87  TRP A NE1 1 
ATOM   594  C CE2 . TRP A 1 80  ? -6.818  11.319  10.076  1.00 46.52 ? 87  TRP A CE2 1 
ATOM   595  C CE3 . TRP A 1 80  ? -5.572  9.243   9.948   1.00 47.73 ? 87  TRP A CE3 1 
ATOM   596  C CZ2 . TRP A 1 80  ? -6.760  11.321  11.476  1.00 46.58 ? 87  TRP A CZ2 1 
ATOM   597  C CZ3 . TRP A 1 80  ? -5.513  9.246   11.344  1.00 46.79 ? 87  TRP A CZ3 1 
ATOM   598  C CH2 . TRP A 1 80  ? -6.106  10.281  12.090  1.00 46.28 ? 87  TRP A CH2 1 
ATOM   599  N N   . GLU A 1 81  ? -3.112  9.099   7.526   1.00 41.01 ? 88  GLU A N   1 
ATOM   600  C CA  . GLU A 1 81  ? -2.088  8.911   8.553   1.00 43.21 ? 88  GLU A CA  1 
ATOM   601  C C   . GLU A 1 81  ? -0.823  9.726   8.323   1.00 43.69 ? 88  GLU A C   1 
ATOM   602  O O   . GLU A 1 81  ? -0.237  10.236  9.276   1.00 43.10 ? 88  GLU A O   1 
ATOM   603  C CB  . GLU A 1 81  ? -1.709  7.434   8.682   1.00 45.24 ? 88  GLU A CB  1 
ATOM   604  C CG  . GLU A 1 81  ? -2.877  6.529   9.033   1.00 49.44 ? 88  GLU A CG  1 
ATOM   605  C CD  . GLU A 1 81  ? -2.459  5.089   9.273   1.00 51.56 ? 88  GLU A CD  1 
ATOM   606  O OE1 . GLU A 1 81  ? -1.556  4.605   8.554   1.00 53.71 ? 88  GLU A OE1 1 
ATOM   607  O OE2 . GLU A 1 81  ? -3.040  4.436   10.168  1.00 51.80 ? 88  GLU A OE2 1 
ATOM   608  N N   . VAL A 1 82  ? -0.387  9.835   7.070   1.00 42.36 ? 89  VAL A N   1 
ATOM   609  C CA  . VAL A 1 82  ? 0.813   10.605  6.764   1.00 41.20 ? 89  VAL A CA  1 
ATOM   610  C C   . VAL A 1 82  ? 0.537   12.094  6.925   1.00 41.36 ? 89  VAL A C   1 
ATOM   611  O O   . VAL A 1 82  ? 1.352   12.826  7.483   1.00 39.69 ? 89  VAL A O   1 
ATOM   612  C CB  . VAL A 1 82  ? 1.312   10.333  5.327   1.00 40.59 ? 89  VAL A CB  1 
ATOM   613  C CG1 . VAL A 1 82  ? 2.394   11.340  4.949   1.00 38.53 ? 89  VAL A CG1 1 
ATOM   614  C CG2 . VAL A 1 82  ? 1.863   8.915   5.231   1.00 37.43 ? 89  VAL A CG2 1 
ATOM   615  N N   . GLU A 1 83  ? -0.621  12.532  6.440   1.00 42.97 ? 90  GLU A N   1 
ATOM   616  C CA  . GLU A 1 83  ? -1.019  13.936  6.517   1.00 46.16 ? 90  GLU A CA  1 
ATOM   617  C C   . GLU A 1 83  ? -1.212  14.453  7.936   1.00 46.35 ? 90  GLU A C   1 
ATOM   618  O O   . GLU A 1 83  ? -1.101  15.653  8.182   1.00 46.74 ? 90  GLU A O   1 
ATOM   619  C CB  . GLU A 1 83  ? -2.310  14.154  5.732   1.00 47.80 ? 90  GLU A CB  1 
ATOM   620  C CG  . GLU A 1 83  ? -2.114  14.220  4.232   1.00 52.52 ? 90  GLU A CG  1 
ATOM   621  C CD  . GLU A 1 83  ? -3.407  14.010  3.475   1.00 54.67 ? 90  GLU A CD  1 
ATOM   622  O OE1 . GLU A 1 83  ? -4.485  14.203  4.078   1.00 56.64 ? 90  GLU A OE1 1 
ATOM   623  O OE2 . GLU A 1 83  ? -3.347  13.661  2.277   1.00 57.03 ? 90  GLU A OE2 1 
ATOM   624  N N   . ASN A 1 84  ? -1.496  13.552  8.870   1.00 47.77 ? 91  ASN A N   1 
ATOM   625  C CA  . ASN A 1 84  ? -1.720  13.945  10.254  1.00 49.69 ? 91  ASN A CA  1 
ATOM   626  C C   . ASN A 1 84  ? -0.578  13.586  11.204  1.00 49.48 ? 91  ASN A C   1 
ATOM   627  O O   . ASN A 1 84  ? -0.748  13.561  12.427  1.00 50.20 ? 91  ASN A O   1 
ATOM   628  C CB  . ASN A 1 84  ? -3.045  13.349  10.734  1.00 52.07 ? 91  ASN A CB  1 
ATOM   629  C CG  . ASN A 1 84  ? -4.242  13.977  10.033  1.00 53.98 ? 91  ASN A CG  1 
ATOM   630  O OD1 . ASN A 1 84  ? -4.655  15.090  10.364  1.00 55.05 ? 91  ASN A OD1 1 
ATOM   631  N ND2 . ASN A 1 84  ? -4.790  13.273  9.046   1.00 53.15 ? 91  ASN A ND2 1 
ATOM   632  N N   . ASN A 1 85  ? 0.585   13.311  10.629  1.00 47.76 ? 92  ASN A N   1 
ATOM   633  C CA  . ASN A 1 85  ? 1.776   13.001  11.401  1.00 46.97 ? 92  ASN A CA  1 
ATOM   634  C C   . ASN A 1 85  ? 2.637   14.251  11.259  1.00 47.31 ? 92  ASN A C   1 
ATOM   635  O O   . ASN A 1 85  ? 3.240   14.484  10.211  1.00 48.34 ? 92  ASN A O   1 
ATOM   636  C CB  . ASN A 1 85  ? 2.497   11.797  10.808  1.00 45.62 ? 92  ASN A CB  1 
ATOM   637  C CG  . ASN A 1 85  ? 3.715   11.400  11.609  1.00 45.11 ? 92  ASN A CG  1 
ATOM   638  O OD1 . ASN A 1 85  ? 4.510   12.247  12.003  1.00 47.26 ? 92  ASN A OD1 1 
ATOM   639  N ND2 . ASN A 1 85  ? 3.875   10.107  11.843  1.00 43.47 ? 92  ASN A ND2 1 
ATOM   640  N N   . MET A 1 86  ? 2.681   15.064  12.307  1.00 46.98 ? 93  MET A N   1 
ATOM   641  C CA  . MET A 1 86  ? 3.445   16.303  12.268  1.00 45.86 ? 93  MET A CA  1 
ATOM   642  C C   . MET A 1 86  ? 4.945   16.142  12.057  1.00 44.56 ? 93  MET A C   1 
ATOM   643  O O   . MET A 1 86  ? 5.572   16.975  11.405  1.00 43.36 ? 93  MET A O   1 
ATOM   644  C CB  . MET A 1 86  ? 3.177   17.117  13.531  1.00 47.52 ? 93  MET A CB  1 
ATOM   645  C CG  . MET A 1 86  ? 1.778   17.706  13.585  1.00 48.29 ? 93  MET A CG  1 
ATOM   646  S SD  . MET A 1 86  ? 1.368   18.626  12.081  1.00 49.59 ? 93  MET A SD  1 
ATOM   647  C CE  . MET A 1 86  ? -0.209  17.910  11.663  1.00 50.19 ? 93  MET A CE  1 
ATOM   648  N N   . ARG A 1 87  ? 5.531   15.088  12.608  1.00 44.04 ? 94  ARG A N   1 
ATOM   649  C CA  . ARG A 1 87  ? 6.960   14.881  12.422  1.00 45.35 ? 94  ARG A CA  1 
ATOM   650  C C   . ARG A 1 87  ? 7.240   14.709  10.926  1.00 43.28 ? 94  ARG A C   1 
ATOM   651  O O   . ARG A 1 87  ? 8.185   15.279  10.382  1.00 42.27 ? 94  ARG A O   1 
ATOM   652  C CB  . ARG A 1 87  ? 7.413   13.633  13.177  1.00 47.38 ? 94  ARG A CB  1 
ATOM   653  C CG  . ARG A 1 87  ? 8.878   13.266  12.966  1.00 52.67 ? 94  ARG A CG  1 
ATOM   654  C CD  . ARG A 1 87  ? 9.124   11.849  13.454  1.00 55.29 ? 94  ARG A CD  1 
ATOM   655  N NE  . ARG A 1 87  ? 8.118   10.950  12.893  1.00 59.23 ? 94  ARG A NE  1 
ATOM   656  C CZ  . ARG A 1 87  ? 7.742   9.804   13.450  1.00 59.74 ? 94  ARG A CZ  1 
ATOM   657  N NH1 . ARG A 1 87  ? 8.292   9.407   14.591  1.00 59.86 ? 94  ARG A NH1 1 
ATOM   658  N NH2 . ARG A 1 87  ? 6.801   9.063   12.874  1.00 59.80 ? 94  ARG A NH2 1 
ATOM   659  N N   . THR A 1 88  ? 6.396   13.925  10.265  1.00 41.92 ? 95  THR A N   1 
ATOM   660  C CA  . THR A 1 88  ? 6.561   13.669  8.838   1.00 40.44 ? 95  THR A CA  1 
ATOM   661  C C   . THR A 1 88  ? 6.343   14.929  7.998   1.00 39.72 ? 95  THR A C   1 
ATOM   662  O O   . THR A 1 88  ? 7.085   15.190  7.054   1.00 36.99 ? 95  THR A O   1 
ATOM   663  C CB  . THR A 1 88  ? 5.585   12.579  8.353   1.00 40.09 ? 95  THR A CB  1 
ATOM   664  O OG1 . THR A 1 88  ? 5.700   11.428  9.195   1.00 38.14 ? 95  THR A OG1 1 
ATOM   665  C CG2 . THR A 1 88  ? 5.908   12.179  6.915   1.00 41.62 ? 95  THR A CG2 1 
ATOM   666  N N   . GLN A 1 89  ? 5.328   15.710  8.348   1.00 40.39 ? 96  GLN A N   1 
ATOM   667  C CA  . GLN A 1 89  ? 5.018   16.931  7.614   1.00 43.57 ? 96  GLN A CA  1 
ATOM   668  C C   . GLN A 1 89  ? 6.131   17.984  7.654   1.00 44.56 ? 96  GLN A C   1 
ATOM   669  O O   . GLN A 1 89  ? 6.496   18.556  6.622   1.00 44.92 ? 96  GLN A O   1 
ATOM   670  C CB  . GLN A 1 89  ? 3.704   17.521  8.128   1.00 43.32 ? 96  GLN A CB  1 
ATOM   671  C CG  . GLN A 1 89  ? 2.477   16.689  7.790   1.00 44.56 ? 96  GLN A CG  1 
ATOM   672  C CD  . GLN A 1 89  ? 2.336   16.449  6.299   1.00 46.20 ? 96  GLN A CD  1 
ATOM   673  O OE1 . GLN A 1 89  ? 2.309   17.393  5.507   1.00 46.04 ? 96  GLN A OE1 1 
ATOM   674  N NE2 . GLN A 1 89  ? 2.246   15.181  5.909   1.00 46.23 ? 96  GLN A NE2 1 
ATOM   675  N N   . GLU A 1 90  ? 6.663   18.249  8.841   1.00 45.92 ? 97  GLU A N   1 
ATOM   676  C CA  . GLU A 1 90  ? 7.742   19.220  8.960   1.00 48.75 ? 97  GLU A CA  1 
ATOM   677  C C   . GLU A 1 90  ? 8.927   18.731  8.156   1.00 47.73 ? 97  GLU A C   1 
ATOM   678  O O   . GLU A 1 90  ? 9.584   19.491  7.455   1.00 47.16 ? 97  GLU A O   1 
ATOM   679  C CB  . GLU A 1 90  ? 8.133   19.413  10.431  1.00 50.55 ? 97  GLU A CB  1 
ATOM   680  C CG  . GLU A 1 90  ? 7.178   20.304  11.187  1.00 56.17 ? 97  GLU A CG  1 
ATOM   681  C CD  . GLU A 1 90  ? 6.960   21.629  10.473  1.00 59.55 ? 97  GLU A CD  1 
ATOM   682  O OE1 . GLU A 1 90  ? 7.970   22.292  10.138  1.00 61.47 ? 97  GLU A OE1 1 
ATOM   683  O OE2 . GLU A 1 90  ? 5.786   22.007  10.245  1.00 60.31 ? 97  GLU A OE2 1 
ATOM   684  N N   . GLU A 1 91  ? 9.158   17.431  8.267   1.00 46.68 ? 98  GLU A N   1 
ATOM   685  C CA  . GLU A 1 91  ? 10.231  16.731  7.579   1.00 46.39 ? 98  GLU A CA  1 
ATOM   686  C C   . GLU A 1 91  ? 10.082  16.884  6.060   1.00 44.97 ? 98  GLU A C   1 
ATOM   687  O O   . GLU A 1 91  ? 11.021  17.245  5.358   1.00 42.74 ? 98  GLU A O   1 
ATOM   688  C CB  . GLU A 1 91  ? 10.179  15.264  8.010   1.00 47.86 ? 98  GLU A CB  1 
ATOM   689  C CG  . GLU A 1 91  ? 11.365  14.439  7.696   1.00 51.71 ? 98  GLU A CG  1 
ATOM   690  C CD  . GLU A 1 91  ? 11.308  13.159  8.465   1.00 53.29 ? 98  GLU A CD  1 
ATOM   691  O OE1 . GLU A 1 91  ? 11.531  13.196  9.693   1.00 53.24 ? 98  GLU A OE1 1 
ATOM   692  O OE2 . GLU A 1 91  ? 11.013  12.128  7.840   1.00 55.03 ? 98  GLU A OE2 1 
ATOM   693  N N   . LEU A 1 92  ? 8.876   16.638  5.571   1.00 42.27 ? 99  LEU A N   1 
ATOM   694  C CA  . LEU A 1 92  ? 8.583   16.766  4.150   1.00 42.13 ? 99  LEU A CA  1 
ATOM   695  C C   . LEU A 1 92  ? 8.792   18.206  3.708   1.00 44.16 ? 99  LEU A C   1 
ATOM   696  O O   . LEU A 1 92  ? 9.180   18.474  2.572   1.00 43.66 ? 99  LEU A O   1 
ATOM   697  C CB  . LEU A 1 92  ? 7.135   16.357  3.855   1.00 39.33 ? 99  LEU A CB  1 
ATOM   698  C CG  . LEU A 1 92  ? 6.759   14.875  3.906   1.00 37.96 ? 99  LEU A CG  1 
ATOM   699  C CD1 . LEU A 1 92  ? 5.235   14.746  3.859   1.00 34.01 ? 99  LEU A CD1 1 
ATOM   700  C CD2 . LEU A 1 92  ? 7.410   14.140  2.740   1.00 32.41 ? 99  LEU A CD2 1 
ATOM   701  N N   . GLY A 1 93  ? 8.533   19.132  4.626   1.00 46.42 ? 100 GLY A N   1 
ATOM   702  C CA  . GLY A 1 93  ? 8.699   20.541  4.328   1.00 47.05 ? 100 GLY A CA  1 
ATOM   703  C C   . GLY A 1 93  ? 10.159  20.945  4.218   1.00 46.95 ? 100 GLY A C   1 
ATOM   704  O O   . GLY A 1 93  ? 10.481  21.921  3.542   1.00 48.33 ? 100 GLY A O   1 
ATOM   705  N N   . ARG A 1 94  ? 11.045  20.196  4.869   1.00 45.56 ? 101 ARG A N   1 
ATOM   706  C CA  . ARG A 1 94  ? 12.472  20.496  4.835   1.00 45.65 ? 101 ARG A CA  1 
ATOM   707  C C   . ARG A 1 94  ? 13.236  19.776  3.715   1.00 44.63 ? 101 ARG A C   1 
ATOM   708  O O   . ARG A 1 94  ? 14.400  20.088  3.469   1.00 43.54 ? 101 ARG A O   1 
ATOM   709  C CB  . ARG A 1 94  ? 13.112  20.162  6.192   1.00 47.96 ? 101 ARG A CB  1 
ATOM   710  C CG  . ARG A 1 94  ? 12.581  21.000  7.359   1.00 52.53 ? 101 ARG A CG  1 
ATOM   711  C CD  . ARG A 1 94  ? 12.854  22.482  7.136   1.00 56.75 ? 101 ARG A CD  1 
ATOM   712  N NE  . ARG A 1 94  ? 11.931  23.358  7.860   1.00 60.28 ? 101 ARG A NE  1 
ATOM   713  C CZ  . ARG A 1 94  ? 12.103  23.779  9.111   1.00 62.25 ? 101 ARG A CZ  1 
ATOM   714  N NH1 . ARG A 1 94  ? 13.176  23.413  9.808   1.00 62.27 ? 101 ARG A NH1 1 
ATOM   715  N NH2 . ARG A 1 94  ? 11.198  24.576  9.668   1.00 62.21 ? 101 ARG A NH2 1 
ATOM   716  N N   . ILE A 1 95  ? 12.588  18.829  3.034   1.00 42.73 ? 102 ILE A N   1 
ATOM   717  C CA  . ILE A 1 95  ? 13.238  18.081  1.952   1.00 40.08 ? 102 ILE A CA  1 
ATOM   718  C C   . ILE A 1 95  ? 13.621  18.916  0.725   1.00 39.50 ? 102 ILE A C   1 
ATOM   719  O O   . ILE A 1 95  ? 12.799  19.644  0.166   1.00 39.24 ? 102 ILE A O   1 
ATOM   720  C CB  . ILE A 1 95  ? 12.348  16.914  1.456   1.00 39.67 ? 102 ILE A CB  1 
ATOM   721  C CG1 . ILE A 1 95  ? 12.426  15.743  2.435   1.00 40.55 ? 102 ILE A CG1 1 
ATOM   722  C CG2 . ILE A 1 95  ? 12.788  16.471  0.063   1.00 37.57 ? 102 ILE A CG2 1 
ATOM   723  C CD1 . ILE A 1 95  ? 11.601  14.544  2.018   1.00 39.90 ? 102 ILE A CD1 1 
ATOM   724  N N   . GLU A 1 96  ? 14.871  18.776  0.302   1.00 37.05 ? 103 GLU A N   1 
ATOM   725  C CA  . GLU A 1 96  ? 15.384  19.481  -0.866  1.00 35.59 ? 103 GLU A CA  1 
ATOM   726  C C   . GLU A 1 96  ? 15.114  18.641  -2.114  1.00 33.96 ? 103 GLU A C   1 
ATOM   727  O O   . GLU A 1 96  ? 15.366  17.434  -2.128  1.00 32.53 ? 103 GLU A O   1 
ATOM   728  C CB  . GLU A 1 96  ? 16.892  19.721  -0.715  1.00 36.30 ? 103 GLU A CB  1 
ATOM   729  C CG  . GLU A 1 96  ? 17.576  20.277  -1.956  1.00 39.74 ? 103 GLU A CG  1 
ATOM   730  C CD  . GLU A 1 96  ? 19.061  20.546  -1.734  1.00 41.61 ? 103 GLU A CD  1 
ATOM   731  O OE1 . GLU A 1 96  ? 19.739  19.711  -1.100  1.00 40.77 ? 103 GLU A OE1 1 
ATOM   732  O OE2 . GLU A 1 96  ? 19.557  21.587  -2.203  1.00 43.18 ? 103 GLU A OE2 1 
ATOM   733  N N   . THR A 1 97  ? 14.606  19.283  -3.162  1.00 32.71 ? 104 THR A N   1 
ATOM   734  C CA  . THR A 1 97  ? 14.302  18.582  -4.403  1.00 31.51 ? 104 THR A CA  1 
ATOM   735  C C   . THR A 1 97  ? 15.588  18.261  -5.163  1.00 31.79 ? 104 THR A C   1 
ATOM   736  O O   . THR A 1 97  ? 16.640  18.838  -4.890  1.00 30.63 ? 104 THR A O   1 
ATOM   737  C CB  . THR A 1 97  ? 13.387  19.425  -5.303  1.00 31.62 ? 104 THR A CB  1 
ATOM   738  O OG1 . THR A 1 97  ? 14.151  20.470  -5.916  1.00 31.94 ? 104 THR A OG1 1 
ATOM   739  C CG2 . THR A 1 97  ? 12.274  20.055  -4.482  1.00 29.21 ? 104 THR A CG2 1 
ATOM   740  N N   . VAL A 1 98  ? 15.505  17.337  -6.113  1.00 30.70 ? 105 VAL A N   1 
ATOM   741  C CA  . VAL A 1 98  ? 16.668  16.951  -6.896  1.00 30.72 ? 105 VAL A CA  1 
ATOM   742  C C   . VAL A 1 98  ? 17.088  18.061  -7.863  1.00 32.12 ? 105 VAL A C   1 
ATOM   743  O O   . VAL A 1 98  ? 18.260  18.178  -8.217  1.00 31.78 ? 105 VAL A O   1 
ATOM   744  C CB  . VAL A 1 98  ? 16.387  15.657  -7.689  1.00 29.47 ? 105 VAL A CB  1 
ATOM   745  C CG1 . VAL A 1 98  ? 15.527  15.955  -8.906  1.00 27.82 ? 105 VAL A CG1 1 
ATOM   746  C CG2 . VAL A 1 98  ? 17.680  15.008  -8.088  1.00 26.53 ? 105 VAL A CG2 1 
ATOM   747  N N   . ALA A 1 99  ? 16.127  18.872  -8.292  1.00 34.24 ? 106 ALA A N   1 
ATOM   748  C CA  . ALA A 1 99  ? 16.409  19.980  -9.201  1.00 35.06 ? 106 ALA A CA  1 
ATOM   749  C C   . ALA A 1 99  ? 17.297  20.997  -8.493  1.00 36.42 ? 106 ALA A C   1 
ATOM   750  O O   . ALA A 1 99  ? 18.257  21.515  -9.069  1.00 34.65 ? 106 ALA A O   1 
ATOM   751  C CB  . ALA A 1 99  ? 15.115  20.644  -9.634  1.00 34.37 ? 106 ALA A CB  1 
ATOM   752  N N   . GLU A 1 100 ? 16.952  21.286  -7.243  1.00 36.90 ? 107 GLU A N   1 
ATOM   753  C CA  . GLU A 1 100 ? 17.706  22.220  -6.425  1.00 38.06 ? 107 GLU A CA  1 
ATOM   754  C C   . GLU A 1 100 ? 19.076  21.638  -6.133  1.00 39.88 ? 107 GLU A C   1 
ATOM   755  O O   . GLU A 1 100 ? 20.101  22.287  -6.369  1.00 38.97 ? 107 GLU A O   1 
ATOM   756  C CB  . GLU A 1 100 ? 16.971  22.480  -5.115  1.00 38.76 ? 107 GLU A CB  1 
ATOM   757  C CG  . GLU A 1 100 ? 15.756  23.368  -5.258  1.00 39.80 ? 107 GLU A CG  1 
ATOM   758  C CD  . GLU A 1 100 ? 14.920  23.392  -4.001  1.00 41.02 ? 107 GLU A CD  1 
ATOM   759  O OE1 . GLU A 1 100 ? 14.158  24.362  -3.810  1.00 41.89 ? 107 GLU A OE1 1 
ATOM   760  O OE2 . GLU A 1 100 ? 15.019  22.432  -3.208  1.00 41.14 ? 107 GLU A OE2 1 
ATOM   761  N N   . TYR A 1 101 ? 19.089  20.409  -5.627  1.00 39.64 ? 108 TYR A N   1 
ATOM   762  C CA  . TYR A 1 101 ? 20.338  19.739  -5.293  1.00 41.47 ? 108 TYR A CA  1 
ATOM   763  C C   . TYR A 1 101 ? 21.325  19.702  -6.455  1.00 42.02 ? 108 TYR A C   1 
ATOM   764  O O   . TYR A 1 101 ? 22.496  20.039  -6.291  1.00 39.83 ? 108 TYR A O   1 
ATOM   765  C CB  . TYR A 1 101 ? 20.086  18.305  -4.826  1.00 41.07 ? 108 TYR A CB  1 
ATOM   766  C CG  . TYR A 1 101 ? 21.368  17.560  -4.534  1.00 42.05 ? 108 TYR A CG  1 
ATOM   767  C CD1 . TYR A 1 101 ? 22.145  17.888  -3.423  1.00 44.37 ? 108 TYR A CD1 1 
ATOM   768  C CD2 . TYR A 1 101 ? 21.845  16.586  -5.408  1.00 39.85 ? 108 TYR A CD2 1 
ATOM   769  C CE1 . TYR A 1 101 ? 23.367  17.259  -3.186  1.00 45.01 ? 108 TYR A CE1 1 
ATOM   770  C CE2 . TYR A 1 101 ? 23.060  15.952  -5.184  1.00 41.78 ? 108 TYR A CE2 1 
ATOM   771  C CZ  . TYR A 1 101 ? 23.820  16.298  -4.075  1.00 45.29 ? 108 TYR A CZ  1 
ATOM   772  O OH  . TYR A 1 101 ? 25.034  15.689  -3.853  1.00 45.93 ? 108 TYR A OH  1 
ATOM   773  N N   . LEU A 1 102 ? 20.862  19.274  -7.623  1.00 43.21 ? 109 LEU A N   1 
ATOM   774  C CA  . LEU A 1 102 ? 21.747  19.200  -8.777  1.00 44.66 ? 109 LEU A CA  1 
ATOM   775  C C   . LEU A 1 102 ? 22.306  20.572  -9.133  1.00 44.92 ? 109 LEU A C   1 
ATOM   776  O O   . LEU A 1 102 ? 23.449  20.683  -9.562  1.00 43.91 ? 109 LEU A O   1 
ATOM   777  C CB  . LEU A 1 102 ? 21.017  18.608  -9.983  1.00 44.22 ? 109 LEU A CB  1 
ATOM   778  C CG  . LEU A 1 102 ? 20.685  17.122  -9.876  1.00 45.69 ? 109 LEU A CG  1 
ATOM   779  C CD1 . LEU A 1 102 ? 20.047  16.661  -11.172 1.00 44.94 ? 109 LEU A CD1 1 
ATOM   780  C CD2 . LEU A 1 102 ? 21.950  16.322  -9.590  1.00 44.35 ? 109 LEU A CD2 1 
ATOM   781  N N   . ALA A 1 103 ? 21.505  21.616  -8.957  1.00 45.60 ? 110 ALA A N   1 
ATOM   782  C CA  . ALA A 1 103 ? 21.973  22.961  -9.259  1.00 47.44 ? 110 ALA A CA  1 
ATOM   783  C C   . ALA A 1 103 ? 23.137  23.256  -8.323  1.00 48.91 ? 110 ALA A C   1 
ATOM   784  O O   . ALA A 1 103 ? 24.222  23.633  -8.765  1.00 49.87 ? 110 ALA A O   1 
ATOM   785  C CB  . ALA A 1 103 ? 20.864  23.966  -9.045  1.00 46.28 ? 110 ALA A CB  1 
ATOM   786  N N   . ARG A 1 104 ? 22.907  23.072  -7.026  1.00 49.32 ? 111 ARG A N   1 
ATOM   787  C CA  . ARG A 1 104 ? 23.943  23.310  -6.030  1.00 49.91 ? 111 ARG A CA  1 
ATOM   788  C C   . ARG A 1 104 ? 25.192  22.473  -6.287  1.00 49.85 ? 111 ARG A C   1 
ATOM   789  O O   . ARG A 1 104 ? 26.310  22.983  -6.215  1.00 49.26 ? 111 ARG A O   1 
ATOM   790  C CB  . ARG A 1 104 ? 23.404  23.029  -4.626  1.00 49.38 ? 111 ARG A CB  1 
ATOM   791  C CG  . ARG A 1 104 ? 22.942  24.279  -3.889  1.00 50.19 ? 111 ARG A CG  1 
ATOM   792  C CD  . ARG A 1 104 ? 22.118  23.987  -2.629  1.00 52.65 ? 111 ARG A CD  1 
ATOM   793  N NE  . ARG A 1 104 ? 22.760  23.071  -1.691  1.00 53.80 ? 111 ARG A NE  1 
ATOM   794  C CZ  . ARG A 1 104 ? 22.699  21.745  -1.783  1.00 55.01 ? 111 ARG A CZ  1 
ATOM   795  N NH1 . ARG A 1 104 ? 22.022  21.182  -2.776  1.00 57.30 ? 111 ARG A NH1 1 
ATOM   796  N NH2 . ARG A 1 104 ? 23.302  20.983  -0.882  1.00 54.36 ? 111 ARG A NH2 1 
ATOM   797  N N   . ARG A 1 105 ? 25.003  21.195  -6.598  1.00 49.81 ? 112 ARG A N   1 
ATOM   798  C CA  . ARG A 1 105 ? 26.129  20.301  -6.856  1.00 50.30 ? 112 ARG A CA  1 
ATOM   799  C C   . ARG A 1 105 ? 27.028  20.767  -7.999  1.00 51.03 ? 112 ARG A C   1 
ATOM   800  O O   . ARG A 1 105 ? 28.251  20.654  -7.916  1.00 50.49 ? 112 ARG A O   1 
ATOM   801  C CB  . ARG A 1 105 ? 25.635  18.875  -7.148  1.00 49.33 ? 112 ARG A CB  1 
ATOM   802  C CG  . ARG A 1 105 ? 26.773  17.874  -7.343  1.00 47.41 ? 112 ARG A CG  1 
ATOM   803  C CD  . ARG A 1 105 ? 26.290  16.435  -7.452  1.00 48.52 ? 112 ARG A CD  1 
ATOM   804  N NE  . ARG A 1 105 ? 25.657  16.139  -8.734  1.00 48.65 ? 112 ARG A NE  1 
ATOM   805  C CZ  . ARG A 1 105 ? 25.251  14.924  -9.090  1.00 49.10 ? 112 ARG A CZ  1 
ATOM   806  N NH1 . ARG A 1 105 ? 25.413  13.902  -8.258  1.00 48.45 ? 112 ARG A NH1 1 
ATOM   807  N NH2 . ARG A 1 105 ? 24.695  14.727  -10.277 1.00 48.81 ? 112 ARG A NH2 1 
ATOM   808  N N   . GLU A 1 106 ? 26.425  21.286  -9.063  1.00 51.72 ? 113 GLU A N   1 
ATOM   809  C CA  . GLU A 1 106 ? 27.201  21.744  -10.208 1.00 52.59 ? 113 GLU A CA  1 
ATOM   810  C C   . GLU A 1 106 ? 28.062  22.955  -9.884  1.00 51.98 ? 113 GLU A C   1 
ATOM   811  O O   . GLU A 1 106 ? 29.087  23.174  -10.517 1.00 52.40 ? 113 GLU A O   1 
ATOM   812  C CB  . GLU A 1 106 ? 26.285  22.064  -11.393 1.00 54.74 ? 113 GLU A CB  1 
ATOM   813  C CG  . GLU A 1 106 ? 25.262  20.983  -11.666 1.00 59.61 ? 113 GLU A CG  1 
ATOM   814  C CD  . GLU A 1 106 ? 24.941  20.826  -13.133 1.00 62.28 ? 113 GLU A CD  1 
ATOM   815  O OE1 . GLU A 1 106 ? 24.819  21.858  -13.829 1.00 63.59 ? 113 GLU A OE1 1 
ATOM   816  O OE2 . GLU A 1 106 ? 24.804  19.667  -13.585 1.00 63.03 ? 113 GLU A OE2 1 
ATOM   817  N N   . GLU A 1 107 ? 27.650  23.741  -8.896  1.00 51.00 ? 114 GLU A N   1 
ATOM   818  C CA  . GLU A 1 107 ? 28.425  24.923  -8.519  1.00 52.11 ? 114 GLU A CA  1 
ATOM   819  C C   . GLU A 1 107 ? 29.724  24.475  -7.859  1.00 51.27 ? 114 GLU A C   1 
ATOM   820  O O   . GLU A 1 107 ? 30.785  25.036  -8.135  1.00 52.45 ? 114 GLU A O   1 
ATOM   821  C CB  . GLU A 1 107 ? 27.648  25.814  -7.553  1.00 54.14 ? 114 GLU A CB  1 
ATOM   822  C CG  . GLU A 1 107 ? 28.341  27.125  -7.229  1.00 58.24 ? 114 GLU A CG  1 
ATOM   823  C CD  . GLU A 1 107 ? 28.829  27.843  -8.470  1.00 61.03 ? 114 GLU A CD  1 
ATOM   824  O OE1 . GLU A 1 107 ? 28.005  28.083  -9.385  1.00 62.62 ? 114 GLU A OE1 1 
ATOM   825  O OE2 . GLU A 1 107 ? 30.038  28.166  -8.523  1.00 62.03 ? 114 GLU A OE2 1 
ATOM   826  N N   . ARG A 1 108 ? 29.643  23.471  -6.988  1.00 51.23 ? 115 ARG A N   1 
ATOM   827  C CA  . ARG A 1 108 ? 30.830  22.934  -6.321  1.00 51.56 ? 115 ARG A CA  1 
ATOM   828  C C   . ARG A 1 108 ? 31.802  22.335  -7.354  1.00 52.16 ? 115 ARG A C   1 
ATOM   829  O O   . ARG A 1 108 ? 33.014  22.269  -7.061  1.00 52.20 ? 115 ARG A O   1 
ATOM   830  C CB  . ARG A 1 108 ? 30.421  21.870  -5.320  1.00 49.99 ? 115 ARG A CB  1 
ATOM   831  N N   . LYS B 1 7   ? 8.111   -10.274 -13.372 1.00 45.92 ? 14  LYS B N   1 
ATOM   832  C CA  . LYS B 1 7   ? 7.619   -9.279  -12.374 1.00 47.73 ? 14  LYS B CA  1 
ATOM   833  C C   . LYS B 1 7   ? 7.517   -7.881  -12.998 1.00 46.48 ? 14  LYS B C   1 
ATOM   834  O O   . LYS B 1 7   ? 8.382   -7.478  -13.771 1.00 46.99 ? 14  LYS B O   1 
ATOM   835  C CB  . LYS B 1 7   ? 8.571   -9.251  -11.172 1.00 49.71 ? 14  LYS B CB  1 
ATOM   836  C CG  . LYS B 1 7   ? 8.004   -8.604  -9.912  1.00 51.40 ? 14  LYS B CG  1 
ATOM   837  C CD  . LYS B 1 7   ? 8.771   -9.073  -8.685  1.00 52.93 ? 14  LYS B CD  1 
ATOM   838  C CE  . LYS B 1 7   ? 8.045   -8.722  -7.395  1.00 55.44 ? 14  LYS B CE  1 
ATOM   839  N NZ  . LYS B 1 7   ? 8.733   -9.299  -6.197  1.00 56.64 ? 14  LYS B NZ  1 
ATOM   840  N N   . PRO B 1 8   ? 6.449   -7.129  -12.674 1.00 45.10 ? 15  PRO B N   1 
ATOM   841  C CA  . PRO B 1 8   ? 6.233   -5.774  -13.201 1.00 42.78 ? 15  PRO B CA  1 
ATOM   842  C C   . PRO B 1 8   ? 7.337   -4.829  -12.733 1.00 40.75 ? 15  PRO B C   1 
ATOM   843  O O   . PRO B 1 8   ? 8.158   -5.192  -11.895 1.00 39.12 ? 15  PRO B O   1 
ATOM   844  C CB  . PRO B 1 8   ? 4.880   -5.376  -12.610 1.00 42.13 ? 15  PRO B CB  1 
ATOM   845  C CG  . PRO B 1 8   ? 4.212   -6.681  -12.359 1.00 44.28 ? 15  PRO B CG  1 
ATOM   846  C CD  . PRO B 1 8   ? 5.326   -7.524  -11.810 1.00 43.80 ? 15  PRO B CD  1 
ATOM   847  N N   . THR B 1 9   ? 7.339   -3.611  -13.263 1.00 38.73 ? 16  THR B N   1 
ATOM   848  C CA  . THR B 1 9   ? 8.340   -2.633  -12.879 1.00 35.50 ? 16  THR B CA  1 
ATOM   849  C C   . THR B 1 9   ? 8.025   -2.098  -11.490 1.00 32.97 ? 16  THR B C   1 
ATOM   850  O O   . THR B 1 9   ? 6.940   -1.581  -11.229 1.00 32.17 ? 16  THR B O   1 
ATOM   851  C CB  . THR B 1 9   ? 8.402   -1.453  -13.880 1.00 35.78 ? 16  THR B CB  1 
ATOM   852  O OG1 . THR B 1 9   ? 8.652   -1.958  -15.200 1.00 35.49 ? 16  THR B OG1 1 
ATOM   853  C CG2 . THR B 1 9   ? 9.530   -0.494  -13.501 1.00 33.15 ? 16  THR B CG2 1 
ATOM   854  N N   . THR B 1 10  ? 8.998   -2.221  -10.602 1.00 29.44 ? 17  THR B N   1 
ATOM   855  C CA  . THR B 1 10  ? 8.853   -1.772  -9.229  1.00 27.54 ? 17  THR B CA  1 
ATOM   856  C C   . THR B 1 10  ? 9.237   -0.303  -9.085  1.00 26.04 ? 17  THR B C   1 
ATOM   857  O O   . THR B 1 10  ? 9.800   0.301   -9.997  1.00 23.85 ? 17  THR B O   1 
ATOM   858  C CB  . THR B 1 10  ? 9.789   -2.556  -8.330  1.00 27.12 ? 17  THR B CB  1 
ATOM   859  O OG1 . THR B 1 10  ? 11.132  -2.248  -8.707  1.00 27.91 ? 17  THR B OG1 1 
ATOM   860  C CG2 . THR B 1 10  ? 9.571   -4.051  -8.491  1.00 24.12 ? 17  THR B CG2 1 
ATOM   861  N N   . PRO B 1 11  ? 8.915   0.299   -7.936  1.00 26.05 ? 18  PRO B N   1 
ATOM   862  C CA  . PRO B 1 11  ? 9.289   1.705   -7.752  1.00 25.60 ? 18  PRO B CA  1 
ATOM   863  C C   . PRO B 1 11  ? 10.829  1.764   -7.747  1.00 25.61 ? 18  PRO B C   1 
ATOM   864  O O   . PRO B 1 11  ? 11.440  2.740   -8.189  1.00 22.27 ? 18  PRO B O   1 
ATOM   865  C CB  . PRO B 1 11  ? 8.701   2.036   -6.388  1.00 25.22 ? 18  PRO B CB  1 
ATOM   866  C CG  . PRO B 1 11  ? 7.490   1.165   -6.329  1.00 25.94 ? 18  PRO B CG  1 
ATOM   867  C CD  . PRO B 1 11  ? 7.971   -0.142  -6.893  1.00 25.48 ? 18  PRO B CD  1 
ATOM   868  N N   . GLY B 1 12  ? 11.439  0.694   -7.237  1.00 26.09 ? 19  GLY B N   1 
ATOM   869  C CA  . GLY B 1 12  ? 12.884  0.610   -7.187  1.00 26.26 ? 19  GLY B CA  1 
ATOM   870  C C   . GLY B 1 12  ? 13.477  0.627   -8.588  1.00 26.88 ? 19  GLY B C   1 
ATOM   871  O O   . GLY B 1 12  ? 14.464  1.321   -8.832  1.00 23.05 ? 19  GLY B O   1 
ATOM   872  N N   . ASP B 1 13  ? 12.877  -0.130  -9.512  1.00 26.87 ? 20  ASP B N   1 
ATOM   873  C CA  . ASP B 1 13  ? 13.364  -0.146  -10.891 1.00 27.96 ? 20  ASP B CA  1 
ATOM   874  C C   . ASP B 1 13  ? 13.292  1.263   -11.489 1.00 27.08 ? 20  ASP B C   1 
ATOM   875  O O   . ASP B 1 13  ? 14.268  1.770   -12.047 1.00 25.37 ? 20  ASP B O   1 
ATOM   876  C CB  . ASP B 1 13  ? 12.533  -1.085  -11.777 1.00 28.09 ? 20  ASP B CB  1 
ATOM   877  C CG  . ASP B 1 13  ? 12.634  -2.538  -11.364 1.00 29.06 ? 20  ASP B CG  1 
ATOM   878  O OD1 . ASP B 1 13  ? 13.709  -2.945  -10.878 1.00 29.77 ? 20  ASP B OD1 1 
ATOM   879  O OD2 . ASP B 1 13  ? 11.639  -3.279  -11.547 1.00 27.78 ? 20  ASP B OD2 1 
ATOM   880  N N   . ILE B 1 14  ? 12.126  1.889   -11.373 1.00 26.02 ? 21  ILE B N   1 
ATOM   881  C CA  . ILE B 1 14  ? 11.932  3.233   -11.911 1.00 25.48 ? 21  ILE B CA  1 
ATOM   882  C C   . ILE B 1 14  ? 12.937  4.204   -11.299 1.00 25.64 ? 21  ILE B C   1 
ATOM   883  O O   . ILE B 1 14  ? 13.551  5.019   -11.994 1.00 22.45 ? 21  ILE B O   1 
ATOM   884  C CB  . ILE B 1 14  ? 10.490  3.754   -11.613 1.00 25.80 ? 21  ILE B CB  1 
ATOM   885  C CG1 . ILE B 1 14  ? 9.469   2.986   -12.462 1.00 24.87 ? 21  ILE B CG1 1 
ATOM   886  C CG2 . ILE B 1 14  ? 10.413  5.268   -11.837 1.00 24.32 ? 21  ILE B CG2 1 
ATOM   887  C CD1 . ILE B 1 14  ? 9.640   3.162   -13.947 1.00 28.87 ? 21  ILE B CD1 1 
ATOM   888  N N   . LEU B 1 15  ? 13.111  4.096   -9.990  1.00 26.11 ? 22  LEU B N   1 
ATOM   889  C CA  . LEU B 1 15  ? 14.015  4.980   -9.283  1.00 25.98 ? 22  LEU B CA  1 
ATOM   890  C C   . LEU B 1 15  ? 15.438  4.848   -9.782  1.00 26.29 ? 22  LEU B C   1 
ATOM   891  O O   . LEU B 1 15  ? 16.103  5.841   -10.047 1.00 28.59 ? 22  LEU B O   1 
ATOM   892  C CB  . LEU B 1 15  ? 13.953  4.697   -7.784  1.00 27.31 ? 22  LEU B CB  1 
ATOM   893  C CG  . LEU B 1 15  ? 14.845  5.564   -6.903  1.00 29.62 ? 22  LEU B CG  1 
ATOM   894  C CD1 . LEU B 1 15  ? 14.512  7.042   -7.110  1.00 27.43 ? 22  LEU B CD1 1 
ATOM   895  C CD2 . LEU B 1 15  ? 14.642  5.156   -5.451  1.00 29.12 ? 22  LEU B CD2 1 
ATOM   896  N N   . LEU B 1 16  ? 15.911  3.622   -9.933  1.00 27.27 ? 23  LEU B N   1 
ATOM   897  C CA  . LEU B 1 16  ? 17.276  3.435   -10.393 1.00 27.75 ? 23  LEU B CA  1 
ATOM   898  C C   . LEU B 1 16  ? 17.494  3.760   -11.867 1.00 26.66 ? 23  LEU B C   1 
ATOM   899  O O   . LEU B 1 16  ? 18.352  4.562   -12.218 1.00 25.85 ? 23  LEU B O   1 
ATOM   900  C CB  . LEU B 1 16  ? 17.730  1.997   -10.118 1.00 28.66 ? 23  LEU B CB  1 
ATOM   901  C CG  . LEU B 1 16  ? 19.127  1.572   -10.593 1.00 29.43 ? 23  LEU B CG  1 
ATOM   902  C CD1 . LEU B 1 16  ? 20.223  2.377   -9.862  1.00 29.46 ? 23  LEU B CD1 1 
ATOM   903  C CD2 . LEU B 1 16  ? 19.310  0.074   -10.325 1.00 28.44 ? 23  LEU B CD2 1 
ATOM   904  N N   . TYR B 1 17  ? 16.711  3.139   -12.733 1.00 26.44 ? 24  TYR B N   1 
ATOM   905  C CA  . TYR B 1 17  ? 16.890  3.335   -14.163 1.00 28.08 ? 24  TYR B CA  1 
ATOM   906  C C   . TYR B 1 17  ? 16.371  4.630   -14.781 1.00 28.72 ? 24  TYR B C   1 
ATOM   907  O O   . TYR B 1 17  ? 16.885  5.066   -15.805 1.00 27.20 ? 24  TYR B O   1 
ATOM   908  C CB  . TYR B 1 17  ? 16.304  2.134   -14.902 1.00 27.84 ? 24  TYR B CB  1 
ATOM   909  C CG  . TYR B 1 17  ? 16.923  0.825   -14.469 1.00 28.84 ? 24  TYR B CG  1 
ATOM   910  C CD1 . TYR B 1 17  ? 18.253  0.529   -14.778 1.00 29.05 ? 24  TYR B CD1 1 
ATOM   911  C CD2 . TYR B 1 17  ? 16.200  -0.096  -13.708 1.00 29.33 ? 24  TYR B CD2 1 
ATOM   912  C CE1 . TYR B 1 17  ? 18.845  -0.649  -14.337 1.00 27.64 ? 24  TYR B CE1 1 
ATOM   913  C CE2 . TYR B 1 17  ? 16.784  -1.277  -13.262 1.00 28.20 ? 24  TYR B CE2 1 
ATOM   914  C CZ  . TYR B 1 17  ? 18.107  -1.541  -13.580 1.00 28.70 ? 24  TYR B CZ  1 
ATOM   915  O OH  . TYR B 1 17  ? 18.691  -2.694  -13.121 1.00 29.44 ? 24  TYR B OH  1 
ATOM   916  N N   . GLU B 1 18  ? 15.369  5.258   -14.178 1.00 29.80 ? 25  GLU B N   1 
ATOM   917  C CA  . GLU B 1 18  ? 14.853  6.482   -14.778 1.00 31.82 ? 25  GLU B CA  1 
ATOM   918  C C   . GLU B 1 18  ? 15.189  7.773   -14.038 1.00 29.90 ? 25  GLU B C   1 
ATOM   919  O O   . GLU B 1 18  ? 14.862  8.858   -14.496 1.00 28.87 ? 25  GLU B O   1 
ATOM   920  C CB  . GLU B 1 18  ? 13.341  6.342   -15.021 1.00 33.19 ? 25  GLU B CB  1 
ATOM   921  C CG  . GLU B 1 18  ? 13.045  5.451   -16.237 1.00 38.01 ? 25  GLU B CG  1 
ATOM   922  C CD  . GLU B 1 18  ? 11.566  5.211   -16.480 1.00 41.17 ? 25  GLU B CD  1 
ATOM   923  O OE1 . GLU B 1 18  ? 10.764  6.149   -16.281 1.00 44.20 ? 25  GLU B OE1 1 
ATOM   924  O OE2 . GLU B 1 18  ? 11.204  4.086   -16.885 1.00 42.71 ? 25  GLU B OE2 1 
ATOM   925  N N   . TYR B 1 19  ? 15.867  7.662   -12.904 1.00 30.06 ? 26  TYR B N   1 
ATOM   926  C CA  . TYR B 1 19  ? 16.242  8.854   -12.161 1.00 29.23 ? 26  TYR B CA  1 
ATOM   927  C C   . TYR B 1 19  ? 17.711  8.835   -11.752 1.00 29.86 ? 26  TYR B C   1 
ATOM   928  O O   . TYR B 1 19  ? 18.495  9.670   -12.204 1.00 30.38 ? 26  TYR B O   1 
ATOM   929  C CB  . TYR B 1 19  ? 15.353  9.016   -10.921 1.00 28.97 ? 26  TYR B CB  1 
ATOM   930  C CG  . TYR B 1 19  ? 13.910  9.376   -11.233 1.00 29.81 ? 26  TYR B CG  1 
ATOM   931  C CD1 . TYR B 1 19  ? 13.540  10.694  -11.521 1.00 29.88 ? 26  TYR B CD1 1 
ATOM   932  C CD2 . TYR B 1 19  ? 12.924  8.389   -11.297 1.00 27.90 ? 26  TYR B CD2 1 
ATOM   933  C CE1 . TYR B 1 19  ? 12.228  11.022  -11.862 1.00 28.76 ? 26  TYR B CE1 1 
ATOM   934  C CE2 . TYR B 1 19  ? 11.610  8.700   -11.640 1.00 28.61 ? 26  TYR B CE2 1 
ATOM   935  C CZ  . TYR B 1 19  ? 11.270  10.017  -11.925 1.00 31.22 ? 26  TYR B CZ  1 
ATOM   936  O OH  . TYR B 1 19  ? 9.978   10.315  -12.283 1.00 30.41 ? 26  TYR B OH  1 
ATOM   937  N N   . LEU B 1 20  ? 18.093  7.867   -10.926 1.00 28.67 ? 27  LEU B N   1 
ATOM   938  C CA  . LEU B 1 20  ? 19.468  7.804   -10.450 1.00 28.98 ? 27  LEU B CA  1 
ATOM   939  C C   . LEU B 1 20  ? 20.520  7.720   -11.540 1.00 28.36 ? 27  LEU B C   1 
ATOM   940  O O   . LEU B 1 20  ? 21.460  8.511   -11.543 1.00 24.57 ? 27  LEU B O   1 
ATOM   941  C CB  . LEU B 1 20  ? 19.659  6.639   -9.469  1.00 30.05 ? 27  LEU B CB  1 
ATOM   942  C CG  . LEU B 1 20  ? 18.844  6.670   -8.172  1.00 31.77 ? 27  LEU B CG  1 
ATOM   943  C CD1 . LEU B 1 20  ? 19.370  5.622   -7.211  1.00 32.05 ? 27  LEU B CD1 1 
ATOM   944  C CD2 . LEU B 1 20  ? 18.941  8.036   -7.542  1.00 31.95 ? 27  LEU B CD2 1 
ATOM   945  N N   . GLU B 1 21  ? 20.377  6.768   -12.457 1.00 28.33 ? 28  GLU B N   1 
ATOM   946  C CA  . GLU B 1 21  ? 21.357  6.614   -13.526 1.00 30.71 ? 28  GLU B CA  1 
ATOM   947  C C   . GLU B 1 21  ? 21.357  7.769   -14.528 1.00 32.53 ? 28  GLU B C   1 
ATOM   948  O O   . GLU B 1 21  ? 22.413  8.257   -14.917 1.00 29.78 ? 28  GLU B O   1 
ATOM   949  C CB  . GLU B 1 21  ? 21.158  5.265   -14.230 1.00 33.58 ? 28  GLU B CB  1 
ATOM   950  C CG  . GLU B 1 21  ? 21.377  4.089   -13.265 1.00 34.82 ? 28  GLU B CG  1 
ATOM   951  C CD  . GLU B 1 21  ? 21.471  2.735   -13.933 1.00 37.48 ? 28  GLU B CD  1 
ATOM   952  O OE1 . GLU B 1 21  ? 21.333  2.644   -15.172 1.00 39.48 ? 28  GLU B OE1 1 
ATOM   953  O OE2 . GLU B 1 21  ? 21.693  1.748   -13.198 1.00 38.24 ? 28  GLU B OE2 1 
ATOM   954  N N   . PRO B 1 22  ? 20.171  8.229   -14.958 1.00 34.79 ? 29  PRO B N   1 
ATOM   955  C CA  . PRO B 1 22  ? 20.163  9.342   -15.917 1.00 34.71 ? 29  PRO B CA  1 
ATOM   956  C C   . PRO B 1 22  ? 20.704  10.638  -15.316 1.00 35.33 ? 29  PRO B C   1 
ATOM   957  O O   . PRO B 1 22  ? 21.337  11.431  -16.009 1.00 36.61 ? 29  PRO B O   1 
ATOM   958  C CB  . PRO B 1 22  ? 18.689  9.464   -16.297 1.00 35.01 ? 29  PRO B CB  1 
ATOM   959  C CG  . PRO B 1 22  ? 18.189  8.035   -16.143 1.00 36.45 ? 29  PRO B CG  1 
ATOM   960  C CD  . PRO B 1 22  ? 18.834  7.616   -14.850 1.00 34.05 ? 29  PRO B CD  1 
ATOM   961  N N   . LEU B 1 23  ? 20.459  10.846  -14.026 1.00 34.32 ? 30  LEU B N   1 
ATOM   962  C CA  . LEU B 1 23  ? 20.902  12.065  -13.359 1.00 35.97 ? 30  LEU B CA  1 
ATOM   963  C C   . LEU B 1 23  ? 22.280  11.973  -12.708 1.00 36.72 ? 30  LEU B C   1 
ATOM   964  O O   . LEU B 1 23  ? 22.752  12.948  -12.118 1.00 35.74 ? 30  LEU B O   1 
ATOM   965  C CB  . LEU B 1 23  ? 19.873  12.488  -12.302 1.00 36.42 ? 30  LEU B CB  1 
ATOM   966  C CG  . LEU B 1 23  ? 18.451  12.752  -12.809 1.00 36.60 ? 30  LEU B CG  1 
ATOM   967  C CD1 . LEU B 1 23  ? 17.524  13.057  -11.645 1.00 35.10 ? 30  LEU B CD1 1 
ATOM   968  C CD2 . LEU B 1 23  ? 18.474  13.911  -13.800 1.00 36.95 ? 30  LEU B CD2 1 
ATOM   969  N N   . ASP B 1 24  ? 22.925  10.814  -12.811 1.00 36.25 ? 31  ASP B N   1 
ATOM   970  C CA  . ASP B 1 24  ? 24.241  10.624  -12.215 1.00 38.39 ? 31  ASP B CA  1 
ATOM   971  C C   . ASP B 1 24  ? 24.135  10.960  -10.734 1.00 37.98 ? 31  ASP B C   1 
ATOM   972  O O   . ASP B 1 24  ? 24.934  11.719  -10.185 1.00 37.56 ? 31  ASP B O   1 
ATOM   973  C CB  . ASP B 1 24  ? 25.262  11.533  -12.906 1.00 43.58 ? 31  ASP B CB  1 
ATOM   974  C CG  . ASP B 1 24  ? 26.683  11.267  -12.450 1.00 48.46 ? 31  ASP B CG  1 
ATOM   975  O OD1 . ASP B 1 24  ? 27.036  10.083  -12.261 1.00 52.35 ? 31  ASP B OD1 1 
ATOM   976  O OD2 . ASP B 1 24  ? 27.454  12.238  -12.296 1.00 51.57 ? 31  ASP B OD2 1 
ATOM   977  N N   . LEU B 1 25  ? 23.127  10.384  -10.095 1.00 36.49 ? 32  LEU B N   1 
ATOM   978  C CA  . LEU B 1 25  ? 22.881  10.615  -8.685  1.00 36.88 ? 32  LEU B CA  1 
ATOM   979  C C   . LEU B 1 25  ? 23.184  9.339   -7.901  1.00 36.88 ? 32  LEU B C   1 
ATOM   980  O O   . LEU B 1 25  ? 22.767  8.252   -8.294  1.00 36.44 ? 32  LEU B O   1 
ATOM   981  C CB  . LEU B 1 25  ? 21.422  11.027  -8.490  1.00 34.86 ? 32  LEU B CB  1 
ATOM   982  C CG  . LEU B 1 25  ? 20.989  11.493  -7.103  1.00 39.10 ? 32  LEU B CG  1 
ATOM   983  C CD1 . LEU B 1 25  ? 21.703  12.796  -6.749  1.00 38.81 ? 32  LEU B CD1 1 
ATOM   984  C CD2 . LEU B 1 25  ? 19.485  11.685  -7.083  1.00 37.37 ? 32  LEU B CD2 1 
ATOM   985  N N   . LYS B 1 26  ? 23.916  9.464   -6.800  1.00 36.55 ? 33  LYS B N   1 
ATOM   986  C CA  . LYS B 1 26  ? 24.241  8.290   -5.995  1.00 37.70 ? 33  LYS B CA  1 
ATOM   987  C C   . LYS B 1 26  ? 23.176  7.988   -4.954  1.00 36.40 ? 33  LYS B C   1 
ATOM   988  O O   . LYS B 1 26  ? 22.451  8.879   -4.518  1.00 35.63 ? 33  LYS B O   1 
ATOM   989  C CB  . LYS B 1 26  ? 25.597  8.467   -5.303  1.00 39.86 ? 33  LYS B CB  1 
ATOM   990  C CG  . LYS B 1 26  ? 26.770  8.441   -6.262  1.00 41.66 ? 33  LYS B CG  1 
ATOM   991  C CD  . LYS B 1 26  ? 28.089  8.286   -5.531  1.00 46.27 ? 33  LYS B CD  1 
ATOM   992  C CE  . LYS B 1 26  ? 29.252  8.107   -6.509  1.00 48.75 ? 33  LYS B CE  1 
ATOM   993  N NZ  . LYS B 1 26  ? 29.471  9.308   -7.361  1.00 49.90 ? 33  LYS B NZ  1 
ATOM   994  N N   . ILE B 1 27  ? 23.096  6.722   -4.563  1.00 36.49 ? 34  ILE B N   1 
ATOM   995  C CA  . ILE B 1 27  ? 22.127  6.258   -3.576  1.00 37.11 ? 34  ILE B CA  1 
ATOM   996  C C   . ILE B 1 27  ? 22.228  7.031   -2.260  1.00 37.88 ? 34  ILE B C   1 
ATOM   997  O O   . ILE B 1 27  ? 21.212  7.347   -1.631  1.00 34.89 ? 34  ILE B O   1 
ATOM   998  C CB  . ILE B 1 27  ? 22.307  4.730   -3.316  1.00 38.26 ? 34  ILE B CB  1 
ATOM   999  C CG1 . ILE B 1 27  ? 21.868  3.954   -4.561  1.00 39.31 ? 34  ILE B CG1 1 
ATOM   1000 C CG2 . ILE B 1 27  ? 21.490  4.287   -2.103  1.00 38.00 ? 34  ILE B CG2 1 
ATOM   1001 C CD1 . ILE B 1 27  ? 21.974  2.450   -4.452  1.00 43.04 ? 34  ILE B CD1 1 
ATOM   1002 N N   . ASN B 1 28  ? 23.455  7.348   -1.860  1.00 37.73 ? 35  ASN B N   1 
ATOM   1003 C CA  . ASN B 1 28  ? 23.684  8.081   -0.627  1.00 38.51 ? 35  ASN B CA  1 
ATOM   1004 C C   . ASN B 1 28  ? 23.208  9.527   -0.735  1.00 36.90 ? 35  ASN B C   1 
ATOM   1005 O O   . ASN B 1 28  ? 22.735  10.107  0.242   1.00 33.78 ? 35  ASN B O   1 
ATOM   1006 C CB  . ASN B 1 28  ? 25.167  8.037   -0.267  1.00 43.15 ? 35  ASN B CB  1 
ATOM   1007 C CG  . ASN B 1 28  ? 25.401  7.485   1.116   1.00 46.77 ? 35  ASN B CG  1 
ATOM   1008 O OD1 . ASN B 1 28  ? 25.080  8.133   2.113   1.00 50.21 ? 35  ASN B OD1 1 
ATOM   1009 N ND2 . ASN B 1 28  ? 25.947  6.274   1.190   1.00 47.50 ? 35  ASN B ND2 1 
ATOM   1010 N N   . GLU B 1 29  ? 23.336  10.106  -1.923  1.00 35.77 ? 36  GLU B N   1 
ATOM   1011 C CA  . GLU B 1 29  ? 22.882  11.474  -2.137  1.00 35.19 ? 36  GLU B CA  1 
ATOM   1012 C C   . GLU B 1 29  ? 21.363  11.504  -2.048  1.00 33.79 ? 36  GLU B C   1 
ATOM   1013 O O   . GLU B 1 29  ? 20.783  12.399  -1.438  1.00 34.66 ? 36  GLU B O   1 
ATOM   1014 C CB  . GLU B 1 29  ? 23.318  11.975  -3.509  1.00 35.69 ? 36  GLU B CB  1 
ATOM   1015 C CG  . GLU B 1 29  ? 24.814  12.097  -3.676  1.00 36.98 ? 36  GLU B CG  1 
ATOM   1016 C CD  . GLU B 1 29  ? 25.187  12.592  -5.051  1.00 38.29 ? 36  GLU B CD  1 
ATOM   1017 O OE1 . GLU B 1 29  ? 24.979  11.844  -6.032  1.00 39.36 ? 36  GLU B OE1 1 
ATOM   1018 O OE2 . GLU B 1 29  ? 25.676  13.736  -5.150  1.00 38.70 ? 36  GLU B OE2 1 
ATOM   1019 N N   . LEU B 1 30  ? 20.721  10.517  -2.662  1.00 31.73 ? 37  LEU B N   1 
ATOM   1020 C CA  . LEU B 1 30  ? 19.273  10.430  -2.638  1.00 30.79 ? 37  LEU B CA  1 
ATOM   1021 C C   . LEU B 1 30  ? 18.777  10.269  -1.205  1.00 30.68 ? 37  LEU B C   1 
ATOM   1022 O O   . LEU B 1 30  ? 17.819  10.923  -0.797  1.00 31.68 ? 37  LEU B O   1 
ATOM   1023 C CB  . LEU B 1 30  ? 18.793  9.251   -3.488  1.00 29.61 ? 37  LEU B CB  1 
ATOM   1024 C CG  . LEU B 1 30  ? 17.278  9.004   -3.453  1.00 29.96 ? 37  LEU B CG  1 
ATOM   1025 C CD1 . LEU B 1 30  ? 16.524  10.243  -3.954  1.00 29.53 ? 37  LEU B CD1 1 
ATOM   1026 C CD2 . LEU B 1 30  ? 16.946  7.810   -4.314  1.00 30.13 ? 37  LEU B CD2 1 
ATOM   1027 N N   . ALA B 1 31  ? 19.431  9.392   -0.442  1.00 29.94 ? 38  ALA B N   1 
ATOM   1028 C CA  . ALA B 1 31  ? 19.042  9.164   0.948   1.00 30.66 ? 38  ALA B CA  1 
ATOM   1029 C C   . ALA B 1 31  ? 19.094  10.476  1.725   1.00 30.24 ? 38  ALA B C   1 
ATOM   1030 O O   . ALA B 1 31  ? 18.236  10.739  2.550   1.00 30.33 ? 38  ALA B O   1 
ATOM   1031 C CB  . ALA B 1 31  ? 19.955  8.123   1.605   1.00 28.32 ? 38  ALA B CB  1 
ATOM   1032 N N   . GLU B 1 32  ? 20.105  11.293  1.453   1.00 32.78 ? 39  GLU B N   1 
ATOM   1033 C CA  . GLU B 1 32  ? 20.243  12.581  2.121   1.00 35.32 ? 39  GLU B CA  1 
ATOM   1034 C C   . GLU B 1 32  ? 19.100  13.498  1.700   1.00 35.79 ? 39  GLU B C   1 
ATOM   1035 O O   . GLU B 1 32  ? 18.486  14.168  2.533   1.00 34.72 ? 39  GLU B O   1 
ATOM   1036 C CB  . GLU B 1 32  ? 21.576  13.225  1.748   1.00 40.64 ? 39  GLU B CB  1 
ATOM   1037 C CG  . GLU B 1 32  ? 22.594  13.265  2.867   1.00 48.45 ? 39  GLU B CG  1 
ATOM   1038 C CD  . GLU B 1 32  ? 23.936  13.800  2.403   1.00 52.70 ? 39  GLU B CD  1 
ATOM   1039 O OE1 . GLU B 1 32  ? 24.927  13.047  2.506   1.00 55.48 ? 39  GLU B OE1 1 
ATOM   1040 O OE2 . GLU B 1 32  ? 24.001  14.959  1.932   1.00 55.32 ? 39  GLU B OE2 1 
ATOM   1041 N N   . LEU B 1 33  ? 18.830  13.540  0.397   1.00 33.52 ? 40  LEU B N   1 
ATOM   1042 C CA  . LEU B 1 33  ? 17.741  14.361  -0.112  1.00 32.37 ? 40  LEU B CA  1 
ATOM   1043 C C   . LEU B 1 33  ? 16.428  13.915  0.536   1.00 32.01 ? 40  LEU B C   1 
ATOM   1044 O O   . LEU B 1 33  ? 15.619  14.749  0.943   1.00 32.48 ? 40  LEU B O   1 
ATOM   1045 C CB  . LEU B 1 33  ? 17.622  14.224  -1.635  1.00 32.86 ? 40  LEU B CB  1 
ATOM   1046 C CG  . LEU B 1 33  ? 18.759  14.751  -2.514  1.00 33.11 ? 40  LEU B CG  1 
ATOM   1047 C CD1 . LEU B 1 33  ? 18.385  14.602  -3.970  1.00 31.36 ? 40  LEU B CD1 1 
ATOM   1048 C CD2 . LEU B 1 33  ? 19.022  16.212  -2.202  1.00 36.09 ? 40  LEU B CD2 1 
ATOM   1049 N N   . LEU B 1 34  ? 16.233  12.599  0.635   1.00 29.38 ? 41  LEU B N   1 
ATOM   1050 C CA  . LEU B 1 34  ? 15.017  12.029  1.214   1.00 28.73 ? 41  LEU B CA  1 
ATOM   1051 C C   . LEU B 1 34  ? 14.943  12.131  2.736   1.00 30.56 ? 41  LEU B C   1 
ATOM   1052 O O   . LEU B 1 34  ? 13.856  12.150  3.304   1.00 31.91 ? 41  LEU B O   1 
ATOM   1053 C CB  . LEU B 1 34  ? 14.876  10.559  0.806   1.00 27.55 ? 41  LEU B CB  1 
ATOM   1054 C CG  . LEU B 1 34  ? 14.616  10.234  -0.672  1.00 28.13 ? 41  LEU B CG  1 
ATOM   1055 C CD1 . LEU B 1 34  ? 14.837  8.761   -0.902  1.00 24.65 ? 41  LEU B CD1 1 
ATOM   1056 C CD2 . LEU B 1 34  ? 13.190  10.626  -1.063  1.00 28.49 ? 41  LEU B CD2 1 
ATOM   1057 N N   . HIS B 1 35  ? 16.098  12.204  3.386   1.00 31.85 ? 42  HIS B N   1 
ATOM   1058 C CA  . HIS B 1 35  ? 16.178  12.281  4.842   1.00 35.10 ? 42  HIS B CA  1 
ATOM   1059 C C   . HIS B 1 35  ? 15.806  10.941  5.465   1.00 34.25 ? 42  HIS B C   1 
ATOM   1060 O O   . HIS B 1 35  ? 14.982  10.870  6.378   1.00 33.76 ? 42  HIS B O   1 
ATOM   1061 C CB  . HIS B 1 35  ? 15.262  13.374  5.401   1.00 39.46 ? 42  HIS B CB  1 
ATOM   1062 C CG  . HIS B 1 35  ? 15.491  13.668  6.853   1.00 45.18 ? 42  HIS B CG  1 
ATOM   1063 N ND1 . HIS B 1 35  ? 16.620  14.313  7.311   1.00 47.75 ? 42  HIS B ND1 1 
ATOM   1064 C CD2 . HIS B 1 35  ? 14.755  13.375  7.950   1.00 47.11 ? 42  HIS B CD2 1 
ATOM   1065 C CE1 . HIS B 1 35  ? 16.569  14.403  8.631   1.00 48.38 ? 42  HIS B CE1 1 
ATOM   1066 N NE2 . HIS B 1 35  ? 15.446  13.841  9.042   1.00 46.58 ? 42  HIS B NE2 1 
ATOM   1067 N N   . VAL B 1 36  ? 16.417  9.882   4.941   1.00 33.67 ? 43  VAL B N   1 
ATOM   1068 C CA  . VAL B 1 36  ? 16.215  8.522   5.431   1.00 33.87 ? 43  VAL B CA  1 
ATOM   1069 C C   . VAL B 1 36  ? 17.579  7.844   5.436   1.00 34.76 ? 43  VAL B C   1 
ATOM   1070 O O   . VAL B 1 36  ? 18.549  8.387   4.914   1.00 35.26 ? 43  VAL B O   1 
ATOM   1071 C CB  . VAL B 1 36  ? 15.256  7.675   4.520   1.00 32.69 ? 43  VAL B CB  1 
ATOM   1072 C CG1 . VAL B 1 36  ? 13.905  8.351   4.397   1.00 28.93 ? 43  VAL B CG1 1 
ATOM   1073 C CG2 . VAL B 1 36  ? 15.879  7.459   3.147   1.00 31.85 ? 43  VAL B CG2 1 
ATOM   1074 N N   . HIS B 1 37  ? 17.658  6.660   6.029   1.00 36.89 ? 44  HIS B N   1 
ATOM   1075 C CA  . HIS B 1 37  ? 18.915  5.924   6.059   1.00 39.58 ? 44  HIS B CA  1 
ATOM   1076 C C   . HIS B 1 37  ? 19.198  5.349   4.668   1.00 38.96 ? 44  HIS B C   1 
ATOM   1077 O O   . HIS B 1 37  ? 18.271  5.030   3.924   1.00 39.90 ? 44  HIS B O   1 
ATOM   1078 C CB  . HIS B 1 37  ? 18.837  4.791   7.088   1.00 42.22 ? 44  HIS B CB  1 
ATOM   1079 C CG  . HIS B 1 37  ? 18.717  5.266   8.503   1.00 46.18 ? 44  HIS B CG  1 
ATOM   1080 N ND1 . HIS B 1 37  ? 19.764  5.856   9.183   1.00 48.30 ? 44  HIS B ND1 1 
ATOM   1081 C CD2 . HIS B 1 37  ? 17.672  5.257   9.361   1.00 47.91 ? 44  HIS B CD2 1 
ATOM   1082 C CE1 . HIS B 1 37  ? 19.369  6.188   10.396  1.00 49.34 ? 44  HIS B CE1 1 
ATOM   1083 N NE2 . HIS B 1 37  ? 18.098  5.836   10.533  1.00 49.49 ? 44  HIS B NE2 1 
ATOM   1084 N N   . ARG B 1 38  ? 20.474  5.219   4.320   1.00 39.00 ? 45  ARG B N   1 
ATOM   1085 C CA  . ARG B 1 38  ? 20.866  4.674   3.024   1.00 39.29 ? 45  ARG B CA  1 
ATOM   1086 C C   . ARG B 1 38  ? 20.224  3.304   2.823   1.00 39.08 ? 45  ARG B C   1 
ATOM   1087 O O   . ARG B 1 38  ? 19.748  2.979   1.735   1.00 37.74 ? 45  ARG B O   1 
ATOM   1088 C CB  . ARG B 1 38  ? 22.389  4.519   2.937   1.00 40.83 ? 45  ARG B CB  1 
ATOM   1089 C CG  . ARG B 1 38  ? 22.888  4.024   1.570   1.00 44.44 ? 45  ARG B CG  1 
ATOM   1090 C CD  . ARG B 1 38  ? 24.010  2.975   1.669   1.00 46.02 ? 45  ARG B CD  1 
ATOM   1091 N NE  . ARG B 1 38  ? 24.803  2.923   0.439   1.00 49.39 ? 45  ARG B NE  1 
ATOM   1092 C CZ  . ARG B 1 38  ? 25.625  1.930   0.100   1.00 49.64 ? 45  ARG B CZ  1 
ATOM   1093 N NH1 . ARG B 1 38  ? 25.773  0.880   0.895   1.00 48.40 ? 45  ARG B NH1 1 
ATOM   1094 N NH2 . ARG B 1 38  ? 26.308  1.991   -1.036  1.00 48.39 ? 45  ARG B NH2 1 
ATOM   1095 N N   . ASN B 1 39  ? 20.225  2.506   3.887   1.00 39.16 ? 46  ASN B N   1 
ATOM   1096 C CA  . ASN B 1 39  ? 19.663  1.163   3.857   1.00 39.42 ? 46  ASN B CA  1 
ATOM   1097 C C   . ASN B 1 39  ? 18.208  1.129   3.385   1.00 37.06 ? 46  ASN B C   1 
ATOM   1098 O O   . ASN B 1 39  ? 17.751  0.134   2.826   1.00 35.34 ? 46  ASN B O   1 
ATOM   1099 C CB  . ASN B 1 39  ? 19.799  0.516   5.242   1.00 43.36 ? 46  ASN B CB  1 
ATOM   1100 C CG  . ASN B 1 39  ? 18.559  -0.254  5.654   1.00 49.11 ? 46  ASN B CG  1 
ATOM   1101 O OD1 . ASN B 1 39  ? 17.717  0.252   6.402   1.00 52.18 ? 46  ASN B OD1 1 
ATOM   1102 N ND2 . ASN B 1 39  ? 18.431  -1.479  5.157   1.00 52.42 ? 46  ASN B ND2 1 
ATOM   1103 N N   . SER B 1 40  ? 17.478  2.213   3.605   1.00 36.04 ? 47  SER B N   1 
ATOM   1104 C CA  . SER B 1 40  ? 16.087  2.257   3.187   1.00 34.20 ? 47  SER B CA  1 
ATOM   1105 C C   . SER B 1 40  ? 15.969  2.452   1.679   1.00 33.15 ? 47  SER B C   1 
ATOM   1106 O O   . SER B 1 40  ? 15.087  1.882   1.038   1.00 32.36 ? 47  SER B O   1 
ATOM   1107 C CB  . SER B 1 40  ? 15.352  3.366   3.933   1.00 34.75 ? 47  SER B CB  1 
ATOM   1108 O OG  . SER B 1 40  ? 15.320  3.076   5.317   1.00 33.45 ? 47  SER B OG  1 
ATOM   1109 N N   . VAL B 1 41  ? 16.860  3.256   1.112   1.00 31.60 ? 48  VAL B N   1 
ATOM   1110 C CA  . VAL B 1 41  ? 16.844  3.473   -0.328  1.00 30.16 ? 48  VAL B CA  1 
ATOM   1111 C C   . VAL B 1 41  ? 17.260  2.188   -1.039  1.00 30.17 ? 48  VAL B C   1 
ATOM   1112 O O   . VAL B 1 41  ? 16.577  1.735   -1.956  1.00 28.72 ? 48  VAL B O   1 
ATOM   1113 C CB  . VAL B 1 41  ? 17.787  4.610   -0.757  1.00 30.05 ? 48  VAL B CB  1 
ATOM   1114 C CG1 . VAL B 1 41  ? 17.766  4.747   -2.270  1.00 30.67 ? 48  VAL B CG1 1 
ATOM   1115 C CG2 . VAL B 1 41  ? 17.346  5.933   -0.122  1.00 29.45 ? 48  VAL B CG2 1 
ATOM   1116 N N   . SER B 1 42  ? 18.376  1.596   -0.610  1.00 29.84 ? 49  SER B N   1 
ATOM   1117 C CA  . SER B 1 42  ? 18.857  0.355   -1.217  1.00 30.92 ? 49  SER B CA  1 
ATOM   1118 C C   . SER B 1 42  ? 17.834  -0.787  -1.168  1.00 30.12 ? 49  SER B C   1 
ATOM   1119 O O   . SER B 1 42  ? 17.710  -1.559  -2.118  1.00 30.33 ? 49  SER B O   1 
ATOM   1120 C CB  . SER B 1 42  ? 20.157  -0.107  -0.547  1.00 30.79 ? 49  SER B CB  1 
ATOM   1121 O OG  . SER B 1 42  ? 21.245  0.729   -0.904  1.00 35.17 ? 49  SER B OG  1 
ATOM   1122 N N   . ALA B 1 43  ? 17.119  -0.908  -0.056  1.00 29.58 ? 50  ALA B N   1 
ATOM   1123 C CA  . ALA B 1 43  ? 16.129  -1.964  0.077   1.00 29.94 ? 50  ALA B CA  1 
ATOM   1124 C C   . ALA B 1 43  ? 15.024  -1.746  -0.948  1.00 31.21 ? 50  ALA B C   1 
ATOM   1125 O O   . ALA B 1 43  ? 14.511  -2.687  -1.539  1.00 29.12 ? 50  ALA B O   1 
ATOM   1126 C CB  . ALA B 1 43  ? 15.552  -1.962  1.473   1.00 28.17 ? 50  ALA B CB  1 
ATOM   1127 N N   . LEU B 1 44  ? 14.662  -0.485  -1.144  1.00 34.04 ? 51  LEU B N   1 
ATOM   1128 C CA  . LEU B 1 44  ? 13.624  -0.131  -2.096  1.00 35.17 ? 51  LEU B CA  1 
ATOM   1129 C C   . LEU B 1 44  ? 14.074  -0.520  -3.502  1.00 34.48 ? 51  LEU B C   1 
ATOM   1130 O O   . LEU B 1 44  ? 13.344  -1.166  -4.252  1.00 32.33 ? 51  LEU B O   1 
ATOM   1131 C CB  . LEU B 1 44  ? 13.360  1.369   -2.031  1.00 35.06 ? 51  LEU B CB  1 
ATOM   1132 C CG  . LEU B 1 44  ? 12.253  1.880   -2.944  1.00 38.05 ? 51  LEU B CG  1 
ATOM   1133 C CD1 . LEU B 1 44  ? 10.943  1.221   -2.557  1.00 37.09 ? 51  LEU B CD1 1 
ATOM   1134 C CD2 . LEU B 1 44  ? 12.152  3.387   -2.822  1.00 38.30 ? 51  LEU B CD2 1 
ATOM   1135 N N   . ILE B 1 45  ? 15.295  -0.133  -3.841  1.00 35.15 ? 52  ILE B N   1 
ATOM   1136 C CA  . ILE B 1 45  ? 15.858  -0.417  -5.149  1.00 37.16 ? 52  ILE B CA  1 
ATOM   1137 C C   . ILE B 1 45  ? 16.024  -1.905  -5.440  1.00 38.30 ? 52  ILE B C   1 
ATOM   1138 O O   . ILE B 1 45  ? 15.784  -2.347  -6.565  1.00 38.33 ? 52  ILE B O   1 
ATOM   1139 C CB  . ILE B 1 45  ? 17.212  0.312   -5.313  1.00 37.60 ? 52  ILE B CB  1 
ATOM   1140 C CG1 . ILE B 1 45  ? 16.961  1.818   -5.402  1.00 37.92 ? 52  ILE B CG1 1 
ATOM   1141 C CG2 . ILE B 1 45  ? 17.947  -0.196  -6.544  1.00 37.20 ? 52  ILE B CG2 1 
ATOM   1142 C CD1 . ILE B 1 45  ? 18.203  2.662   -5.319  1.00 36.70 ? 52  ILE B CD1 1 
ATOM   1143 N N   . ASN B 1 46  ? 16.426  -2.685  -4.439  1.00 39.30 ? 53  ASN B N   1 
ATOM   1144 C CA  . ASN B 1 46  ? 16.609  -4.119  -4.646  1.00 41.04 ? 53  ASN B CA  1 
ATOM   1145 C C   . ASN B 1 46  ? 15.303  -4.881  -4.475  1.00 42.50 ? 53  ASN B C   1 
ATOM   1146 O O   . ASN B 1 46  ? 15.283  -6.113  -4.449  1.00 42.63 ? 53  ASN B O   1 
ATOM   1147 C CB  . ASN B 1 46  ? 17.672  -4.676  -3.694  1.00 40.87 ? 53  ASN B CB  1 
ATOM   1148 C CG  . ASN B 1 46  ? 19.047  -4.088  -3.951  1.00 41.88 ? 53  ASN B CG  1 
ATOM   1149 O OD1 . ASN B 1 46  ? 19.359  -3.678  -5.070  1.00 41.48 ? 53  ASN B OD1 1 
ATOM   1150 N ND2 . ASN B 1 46  ? 19.881  -4.053  -2.917  1.00 41.63 ? 53  ASN B ND2 1 
ATOM   1151 N N   . ASN B 1 47  ? 14.213  -4.129  -4.367  1.00 42.68 ? 54  ASN B N   1 
ATOM   1152 C CA  . ASN B 1 47  ? 12.882  -4.692  -4.213  1.00 44.74 ? 54  ASN B CA  1 
ATOM   1153 C C   . ASN B 1 47  ? 12.764  -5.575  -2.960  1.00 45.03 ? 54  ASN B C   1 
ATOM   1154 O O   . ASN B 1 47  ? 12.028  -6.561  -2.957  1.00 45.27 ? 54  ASN B O   1 
ATOM   1155 C CB  . ASN B 1 47  ? 12.499  -5.512  -5.461  1.00 45.12 ? 54  ASN B CB  1 
ATOM   1156 C CG  . ASN B 1 47  ? 12.832  -4.800  -6.788  1.00 46.80 ? 54  ASN B CG  1 
ATOM   1157 O OD1 . ASN B 1 47  ? 12.836  -3.569  -6.882  1.00 42.32 ? 54  ASN B OD1 1 
ATOM   1158 N ND2 . ASN B 1 47  ? 13.086  -5.594  -7.825  1.00 47.74 ? 54  ASN B ND2 1 
ATOM   1159 N N   . ASN B 1 48  ? 13.477  -5.215  -1.896  1.00 44.42 ? 55  ASN B N   1 
ATOM   1160 C CA  . ASN B 1 48  ? 13.435  -5.989  -0.653  1.00 43.99 ? 55  ASN B CA  1 
ATOM   1161 C C   . ASN B 1 48  ? 12.416  -5.459  0.344   1.00 43.34 ? 55  ASN B C   1 
ATOM   1162 O O   . ASN B 1 48  ? 12.040  -6.152  1.287   1.00 42.78 ? 55  ASN B O   1 
ATOM   1163 C CB  . ASN B 1 48  ? 14.812  -6.015  0.025   1.00 45.07 ? 55  ASN B CB  1 
ATOM   1164 C CG  . ASN B 1 48  ? 15.840  -6.787  -0.769  1.00 45.28 ? 55  ASN B CG  1 
ATOM   1165 O OD1 . ASN B 1 48  ? 15.568  -7.886  -1.247  1.00 45.86 ? 55  ASN B OD1 1 
ATOM   1166 N ND2 . ASN B 1 48  ? 17.034  -6.220  -0.904  1.00 46.28 ? 55  ASN B ND2 1 
ATOM   1167 N N   . ARG B 1 49  ? 11.981  -4.221  0.147   1.00 42.31 ? 56  ARG B N   1 
ATOM   1168 C CA  . ARG B 1 49  ? 11.004  -3.609  1.035   1.00 42.37 ? 56  ARG B CA  1 
ATOM   1169 C C   . ARG B 1 49  ? 9.961   -2.874  0.204   1.00 39.84 ? 56  ARG B C   1 
ATOM   1170 O O   . ARG B 1 49  ? 10.298  -2.070  -0.665  1.00 38.43 ? 56  ARG B O   1 
ATOM   1171 C CB  . ARG B 1 49  ? 11.697  -2.635  2.001   1.00 44.26 ? 56  ARG B CB  1 
ATOM   1172 C CG  . ARG B 1 49  ? 10.745  -1.668  2.706   1.00 50.44 ? 56  ARG B CG  1 
ATOM   1173 C CD  . ARG B 1 49  ? 11.480  -0.641  3.593   1.00 55.73 ? 56  ARG B CD  1 
ATOM   1174 N NE  . ARG B 1 49  ? 10.659  0.549   3.851   1.00 58.19 ? 56  ARG B NE  1 
ATOM   1175 C CZ  . ARG B 1 49  ? 11.030  1.586   4.605   1.00 58.84 ? 56  ARG B CZ  1 
ATOM   1176 N NH1 . ARG B 1 49  ? 12.219  1.598   5.201   1.00 57.88 ? 56  ARG B NH1 1 
ATOM   1177 N NH2 . ARG B 1 49  ? 10.212  2.627   4.748   1.00 57.29 ? 56  ARG B NH2 1 
ATOM   1178 N N   . LYS B 1 50  ? 8.692   -3.157  0.466   1.00 37.67 ? 57  LYS B N   1 
ATOM   1179 C CA  . LYS B 1 50  ? 7.621   -2.503  -0.266  1.00 36.56 ? 57  LYS B CA  1 
ATOM   1180 C C   . LYS B 1 50  ? 7.643   -0.999  -0.008  1.00 34.44 ? 57  LYS B C   1 
ATOM   1181 O O   . LYS B 1 50  ? 8.057   -0.545  1.056   1.00 32.75 ? 57  LYS B O   1 
ATOM   1182 C CB  . LYS B 1 50  ? 6.262   -3.071  0.147   1.00 38.84 ? 57  LYS B CB  1 
ATOM   1183 C CG  . LYS B 1 50  ? 6.020   -4.484  -0.352  1.00 43.60 ? 57  LYS B CG  1 
ATOM   1184 C CD  . LYS B 1 50  ? 4.600   -4.932  -0.059  1.00 45.49 ? 57  LYS B CD  1 
ATOM   1185 C CE  . LYS B 1 50  ? 4.354   -6.338  -0.594  1.00 45.84 ? 57  LYS B CE  1 
ATOM   1186 N NZ  . LYS B 1 50  ? 4.429   -6.424  -2.085  1.00 44.97 ? 57  LYS B NZ  1 
ATOM   1187 N N   . LEU B 1 51  ? 7.197   -0.233  -0.994  1.00 31.35 ? 58  LEU B N   1 
ATOM   1188 C CA  . LEU B 1 51  ? 7.138   1.215   -0.892  1.00 29.59 ? 58  LEU B CA  1 
ATOM   1189 C C   . LEU B 1 51  ? 6.024   1.613   0.075   1.00 29.87 ? 58  LEU B C   1 
ATOM   1190 O O   . LEU B 1 51  ? 4.889   1.151   -0.062  1.00 28.72 ? 58  LEU B O   1 
ATOM   1191 C CB  . LEU B 1 51  ? 6.843   1.801   -2.272  1.00 29.51 ? 58  LEU B CB  1 
ATOM   1192 C CG  . LEU B 1 51  ? 6.485   3.280   -2.377  1.00 31.18 ? 58  LEU B CG  1 
ATOM   1193 C CD1 . LEU B 1 51  ? 7.762   4.093   -2.273  1.00 29.64 ? 58  LEU B CD1 1 
ATOM   1194 C CD2 . LEU B 1 51  ? 5.778   3.552   -3.708  1.00 29.50 ? 58  LEU B CD2 1 
ATOM   1195 N N   . THR B 1 52  ? 6.338   2.460   1.051   1.00 28.15 ? 59  THR B N   1 
ATOM   1196 C CA  . THR B 1 52  ? 5.315   2.912   1.988   1.00 26.94 ? 59  THR B CA  1 
ATOM   1197 C C   . THR B 1 52  ? 4.741   4.211   1.454   1.00 27.34 ? 59  THR B C   1 
ATOM   1198 O O   . THR B 1 52  ? 5.331   4.833   0.572   1.00 26.22 ? 59  THR B O   1 
ATOM   1199 C CB  . THR B 1 52  ? 5.881   3.187   3.397   1.00 28.27 ? 59  THR B CB  1 
ATOM   1200 O OG1 . THR B 1 52  ? 6.967   4.118   3.309   1.00 26.75 ? 59  THR B OG1 1 
ATOM   1201 C CG2 . THR B 1 52  ? 6.358   1.889   4.046   1.00 28.93 ? 59  THR B CG2 1 
ATOM   1202 N N   . THR B 1 53  ? 3.584   4.609   1.972   1.00 26.26 ? 60  THR B N   1 
ATOM   1203 C CA  . THR B 1 53  ? 2.939   5.849   1.554   1.00 28.64 ? 60  THR B CA  1 
ATOM   1204 C C   . THR B 1 53  ? 3.836   7.041   1.891   1.00 26.75 ? 60  THR B C   1 
ATOM   1205 O O   . THR B 1 53  ? 3.967   7.977   1.104   1.00 25.51 ? 60  THR B O   1 
ATOM   1206 C CB  . THR B 1 53  ? 1.573   6.017   2.260   1.00 30.35 ? 60  THR B CB  1 
ATOM   1207 O OG1 . THR B 1 53  ? 0.709   4.944   1.877   1.00 34.68 ? 60  THR B OG1 1 
ATOM   1208 C CG2 . THR B 1 53  ? 0.919   7.334   1.871   1.00 30.32 ? 60  THR B CG2 1 
ATOM   1209 N N   . GLU B 1 54  ? 4.460   6.978   3.063   1.00 26.25 ? 61  GLU B N   1 
ATOM   1210 C CA  . GLU B 1 54  ? 5.352   8.031   3.542   1.00 27.16 ? 61  GLU B CA  1 
ATOM   1211 C C   . GLU B 1 54  ? 6.542   8.221   2.603   1.00 26.21 ? 61  GLU B C   1 
ATOM   1212 O O   . GLU B 1 54  ? 6.875   9.342   2.224   1.00 26.25 ? 61  GLU B O   1 
ATOM   1213 C CB  . GLU B 1 54  ? 5.859   7.684   4.948   1.00 27.93 ? 61  GLU B CB  1 
ATOM   1214 C CG  . GLU B 1 54  ? 6.810   8.720   5.544   1.00 34.19 ? 61  GLU B CG  1 
ATOM   1215 C CD  . GLU B 1 54  ? 7.292   8.347   6.938   1.00 36.90 ? 61  GLU B CD  1 
ATOM   1216 O OE1 . GLU B 1 54  ? 6.439   8.058   7.800   1.00 38.77 ? 61  GLU B OE1 1 
ATOM   1217 O OE2 . GLU B 1 54  ? 8.517   8.349   7.180   1.00 39.37 ? 61  GLU B OE2 1 
ATOM   1218 N N   . MET B 1 55  ? 7.191   7.117   2.255   1.00 25.44 ? 62  MET B N   1 
ATOM   1219 C CA  . MET B 1 55  ? 8.337   7.150   1.365   1.00 25.63 ? 62  MET B CA  1 
ATOM   1220 C C   . MET B 1 55  ? 7.893   7.640   -0.014  1.00 24.79 ? 62  MET B C   1 
ATOM   1221 O O   . MET B 1 55  ? 8.683   8.228   -0.746  1.00 23.57 ? 62  MET B O   1 
ATOM   1222 C CB  . MET B 1 55  ? 8.966   5.753   1.274   1.00 22.60 ? 62  MET B CB  1 
ATOM   1223 C CG  . MET B 1 55  ? 10.094  5.633   0.251   1.00 21.49 ? 62  MET B CG  1 
ATOM   1224 S SD  . MET B 1 55  ? 11.552  6.650   0.566   1.00 12.66 ? 62  MET B SD  1 
ATOM   1225 C CE  . MET B 1 55  ? 12.411  5.583   1.596   1.00 21.47 ? 62  MET B CE  1 
ATOM   1226 N N   . ALA B 1 56  ? 6.624   7.394   -0.357  1.00 24.78 ? 63  ALA B N   1 
ATOM   1227 C CA  . ALA B 1 56  ? 6.075   7.831   -1.643  1.00 26.58 ? 63  ALA B CA  1 
ATOM   1228 C C   . ALA B 1 56  ? 6.004   9.356   -1.649  1.00 26.07 ? 63  ALA B C   1 
ATOM   1229 O O   . ALA B 1 56  ? 6.310   9.991   -2.652  1.00 26.72 ? 63  ALA B O   1 
ATOM   1230 C CB  . ALA B 1 56  ? 4.672   7.229   -1.871  1.00 25.50 ? 63  ALA B CB  1 
ATOM   1231 N N   . PHE B 1 57  ? 5.591   9.938   -0.529  1.00 25.88 ? 64  PHE B N   1 
ATOM   1232 C CA  . PHE B 1 57  ? 5.528   11.392  -0.416  1.00 28.28 ? 64  PHE B CA  1 
ATOM   1233 C C   . PHE B 1 57  ? 6.923   11.989  -0.535  1.00 25.69 ? 64  PHE B C   1 
ATOM   1234 O O   . PHE B 1 57  ? 7.106   13.012  -1.177  1.00 25.82 ? 64  PHE B O   1 
ATOM   1235 C CB  . PHE B 1 57  ? 4.935   11.824  0.923   1.00 32.56 ? 64  PHE B CB  1 
ATOM   1236 C CG  . PHE B 1 57  ? 3.443   11.926  0.916   1.00 35.76 ? 64  PHE B CG  1 
ATOM   1237 C CD1 . PHE B 1 57  ? 2.649   10.795  1.047   1.00 36.42 ? 64  PHE B CD1 1 
ATOM   1238 C CD2 . PHE B 1 57  ? 2.830   13.162  0.789   1.00 38.30 ? 64  PHE B CD2 1 
ATOM   1239 C CE1 . PHE B 1 57  ? 1.261   10.896  1.043   1.00 37.99 ? 64  PHE B CE1 1 
ATOM   1240 C CE2 . PHE B 1 57  ? 1.445   13.274  0.784   1.00 42.04 ? 64  PHE B CE2 1 
ATOM   1241 C CZ  . PHE B 1 57  ? 0.659   12.138  0.917   1.00 39.79 ? 64  PHE B CZ  1 
ATOM   1242 N N   . ARG B 1 58  ? 7.899   11.355  0.107   1.00 23.71 ? 65  ARG B N   1 
ATOM   1243 C CA  . ARG B 1 58  ? 9.279   11.829  0.047   1.00 22.49 ? 65  ARG B CA  1 
ATOM   1244 C C   . ARG B 1 58  ? 9.765   11.803  -1.393  1.00 21.74 ? 65  ARG B C   1 
ATOM   1245 O O   . ARG B 1 58  ? 10.362  12.758  -1.868  1.00 18.46 ? 65  ARG B O   1 
ATOM   1246 C CB  . ARG B 1 58  ? 10.200  10.941  0.876   1.00 23.19 ? 65  ARG B CB  1 
ATOM   1247 C CG  . ARG B 1 58  ? 9.957   10.976  2.381   1.00 27.91 ? 65  ARG B CG  1 
ATOM   1248 C CD  . ARG B 1 58  ? 10.904  9.986   3.097   1.00 31.00 ? 65  ARG B CD  1 
ATOM   1249 N NE  . ARG B 1 58  ? 10.548  9.758   4.497   1.00 33.50 ? 65  ARG B NE  1 
ATOM   1250 C CZ  . ARG B 1 58  ? 10.853  10.561  5.509   1.00 36.42 ? 65  ARG B CZ  1 
ATOM   1251 N NH1 . ARG B 1 58  ? 11.545  11.664  5.298   1.00 35.86 ? 65  ARG B NH1 1 
ATOM   1252 N NH2 . ARG B 1 58  ? 10.431  10.271  6.731   1.00 36.08 ? 65  ARG B NH2 1 
ATOM   1253 N N   . LEU B 1 59  ? 9.511   10.697  -2.088  1.00 21.75 ? 66  LEU B N   1 
ATOM   1254 C CA  . LEU B 1 59  ? 9.939   10.570  -3.472  1.00 22.57 ? 66  LEU B CA  1 
ATOM   1255 C C   . LEU B 1 59  ? 9.237   11.612  -4.339  1.00 23.15 ? 66  LEU B C   1 
ATOM   1256 O O   . LEU B 1 59  ? 9.843   12.205  -5.234  1.00 21.95 ? 66  LEU B O   1 
ATOM   1257 C CB  . LEU B 1 59  ? 9.657   9.157   -3.993  1.00 24.82 ? 66  LEU B CB  1 
ATOM   1258 C CG  . LEU B 1 59  ? 10.534  8.050   -3.397  1.00 25.80 ? 66  LEU B CG  1 
ATOM   1259 C CD1 . LEU B 1 59  ? 9.999   6.685   -3.807  1.00 25.05 ? 66  LEU B CD1 1 
ATOM   1260 C CD2 . LEU B 1 59  ? 11.976  8.226   -3.861  1.00 24.24 ? 66  LEU B CD2 1 
ATOM   1261 N N   . ALA B 1 60  ? 7.961   11.840  -4.055  1.00 24.00 ? 67  ALA B N   1 
ATOM   1262 C CA  . ALA B 1 60  ? 7.181   12.816  -4.793  1.00 23.39 ? 67  ALA B CA  1 
ATOM   1263 C C   . ALA B 1 60  ? 7.828   14.182  -4.634  1.00 24.77 ? 67  ALA B C   1 
ATOM   1264 O O   . ALA B 1 60  ? 7.949   14.934  -5.600  1.00 22.23 ? 67  ALA B O   1 
ATOM   1265 C CB  . ALA B 1 60  ? 5.754   12.853  -4.266  1.00 22.20 ? 67  ALA B CB  1 
ATOM   1266 N N   . LYS B 1 61  ? 8.248   14.490  -3.408  1.00 25.40 ? 68  LYS B N   1 
ATOM   1267 C CA  . LYS B 1 61  ? 8.883   15.771  -3.101  1.00 27.59 ? 68  LYS B CA  1 
ATOM   1268 C C   . LYS B 1 61  ? 10.185  15.960  -3.852  1.00 27.45 ? 68  LYS B C   1 
ATOM   1269 O O   . LYS B 1 61  ? 10.356  16.934  -4.581  1.00 27.03 ? 68  LYS B O   1 
ATOM   1270 C CB  . LYS B 1 61  ? 9.175   15.883  -1.599  1.00 31.17 ? 68  LYS B CB  1 
ATOM   1271 C CG  . LYS B 1 61  ? 8.317   16.889  -0.854  1.00 36.42 ? 68  LYS B CG  1 
ATOM   1272 C CD  . LYS B 1 61  ? 8.388   18.250  -1.550  1.00 42.29 ? 68  LYS B CD  1 
ATOM   1273 C CE  . LYS B 1 61  ? 8.006   19.412  -0.632  1.00 45.71 ? 68  LYS B CE  1 
ATOM   1274 N NZ  . LYS B 1 61  ? 6.544   19.512  -0.340  1.00 44.19 ? 68  LYS B NZ  1 
ATOM   1275 N N   . VAL B 1 62  ? 11.106  15.021  -3.664  1.00 28.12 ? 69  VAL B N   1 
ATOM   1276 C CA  . VAL B 1 62  ? 12.406  15.092  -4.300  1.00 28.33 ? 69  VAL B CA  1 
ATOM   1277 C C   . VAL B 1 62  ? 12.344  15.197  -5.816  1.00 29.21 ? 69  VAL B C   1 
ATOM   1278 O O   . VAL B 1 62  ? 12.988  16.062  -6.415  1.00 28.26 ? 69  VAL B O   1 
ATOM   1279 C CB  . VAL B 1 62  ? 13.267  13.868  -3.929  1.00 29.14 ? 69  VAL B CB  1 
ATOM   1280 C CG1 . VAL B 1 62  ? 14.505  13.803  -4.807  1.00 29.97 ? 69  VAL B CG1 1 
ATOM   1281 C CG2 . VAL B 1 62  ? 13.675  13.952  -2.468  1.00 30.48 ? 69  VAL B CG2 1 
ATOM   1282 N N   . PHE B 1 63  ? 11.548  14.323  -6.429  1.00 29.36 ? 70  PHE B N   1 
ATOM   1283 C CA  . PHE B 1 63  ? 11.448  14.264  -7.875  1.00 29.31 ? 70  PHE B CA  1 
ATOM   1284 C C   . PHE B 1 63  ? 10.318  15.050  -8.526  1.00 30.83 ? 70  PHE B C   1 
ATOM   1285 O O   . PHE B 1 63  ? 10.174  15.015  -9.746  1.00 31.93 ? 70  PHE B O   1 
ATOM   1286 C CB  . PHE B 1 63  ? 11.391  12.796  -8.303  1.00 26.60 ? 70  PHE B CB  1 
ATOM   1287 C CG  . PHE B 1 63  ? 12.629  12.026  -7.944  1.00 25.17 ? 70  PHE B CG  1 
ATOM   1288 C CD1 . PHE B 1 63  ? 13.851  12.325  -8.554  1.00 26.51 ? 70  PHE B CD1 1 
ATOM   1289 C CD2 . PHE B 1 63  ? 12.593  11.046  -6.964  1.00 24.57 ? 70  PHE B CD2 1 
ATOM   1290 C CE1 . PHE B 1 63  ? 15.013  11.663  -8.191  1.00 25.91 ? 70  PHE B CE1 1 
ATOM   1291 C CE2 . PHE B 1 63  ? 13.751  10.373  -6.588  1.00 24.61 ? 70  PHE B CE2 1 
ATOM   1292 C CZ  . PHE B 1 63  ? 14.963  10.681  -7.199  1.00 26.23 ? 70  PHE B CZ  1 
ATOM   1293 N N   . ASP B 1 64  ? 9.524   15.756  -7.724  1.00 30.82 ? 71  ASP B N   1 
ATOM   1294 C CA  . ASP B 1 64  ? 8.421   16.570  -8.245  1.00 30.11 ? 71  ASP B CA  1 
ATOM   1295 C C   . ASP B 1 64  ? 7.397   15.784  -9.082  1.00 29.15 ? 71  ASP B C   1 
ATOM   1296 O O   . ASP B 1 64  ? 7.141   16.094  -10.245 1.00 26.81 ? 71  ASP B O   1 
ATOM   1297 C CB  . ASP B 1 64  ? 8.999   17.739  -9.060  1.00 33.63 ? 71  ASP B CB  1 
ATOM   1298 C CG  . ASP B 1 64  ? 7.947   18.752  -9.471  1.00 35.05 ? 71  ASP B CG  1 
ATOM   1299 O OD1 . ASP B 1 64  ? 7.017   19.028  -8.683  1.00 36.75 ? 71  ASP B OD1 1 
ATOM   1300 O OD2 . ASP B 1 64  ? 8.063   19.290  -10.589 1.00 41.19 ? 71  ASP B OD2 1 
ATOM   1301 N N   . THR B 1 65  ? 6.822   14.752  -8.482  1.00 27.18 ? 72  THR B N   1 
ATOM   1302 C CA  . THR B 1 65  ? 5.813   13.947  -9.160  1.00 26.95 ? 72  THR B CA  1 
ATOM   1303 C C   . THR B 1 65  ? 4.676   13.872  -8.166  1.00 25.74 ? 72  THR B C   1 
ATOM   1304 O O   . THR B 1 65  ? 4.761   14.442  -7.074  1.00 25.89 ? 72  THR B O   1 
ATOM   1305 C CB  . THR B 1 65  ? 6.289   12.492  -9.423  1.00 25.97 ? 72  THR B CB  1 
ATOM   1306 O OG1 . THR B 1 65  ? 6.451   11.821  -8.171  1.00 25.85 ? 72  THR B OG1 1 
ATOM   1307 C CG2 . THR B 1 65  ? 7.612   12.463  -10.164 1.00 23.75 ? 72  THR B CG2 1 
ATOM   1308 N N   . THR B 1 66  ? 3.612   13.177  -8.540  1.00 25.04 ? 73  THR B N   1 
ATOM   1309 C CA  . THR B 1 66  ? 2.502   13.000  -7.628  1.00 24.32 ? 73  THR B CA  1 
ATOM   1310 C C   . THR B 1 66  ? 2.885   11.818  -6.757  1.00 23.75 ? 73  THR B C   1 
ATOM   1311 O O   . THR B 1 66  ? 3.810   11.071  -7.080  1.00 21.57 ? 73  THR B O   1 
ATOM   1312 C CB  . THR B 1 66  ? 1.189   12.662  -8.354  1.00 25.57 ? 73  THR B CB  1 
ATOM   1313 O OG1 . THR B 1 66  ? 1.387   11.536  -9.225  1.00 25.19 ? 73  THR B OG1 1 
ATOM   1314 C CG2 . THR B 1 66  ? 0.709   13.860  -9.149  1.00 25.91 ? 73  THR B CG2 1 
ATOM   1315 N N   . VAL B 1 67  ? 2.181   11.657  -5.649  1.00 24.79 ? 74  VAL B N   1 
ATOM   1316 C CA  . VAL B 1 67  ? 2.440   10.555  -4.754  1.00 24.47 ? 74  VAL B CA  1 
ATOM   1317 C C   . VAL B 1 67  ? 1.835   9.326   -5.433  1.00 24.80 ? 74  VAL B C   1 
ATOM   1318 O O   . VAL B 1 67  ? 2.360   8.213   -5.319  1.00 23.97 ? 74  VAL B O   1 
ATOM   1319 C CB  . VAL B 1 67  ? 1.783   10.814  -3.373  1.00 25.90 ? 74  VAL B CB  1 
ATOM   1320 C CG1 . VAL B 1 67  ? 0.264   10.780  -3.498  1.00 28.91 ? 74  VAL B CG1 1 
ATOM   1321 C CG2 . VAL B 1 67  ? 2.275   9.803   -2.360  1.00 28.79 ? 74  VAL B CG2 1 
ATOM   1322 N N   . ASP B 1 68  ? 0.745   9.556   -6.168  1.00 24.88 ? 75  ASP B N   1 
ATOM   1323 C CA  . ASP B 1 68  ? 0.027   8.500   -6.889  1.00 24.25 ? 75  ASP B CA  1 
ATOM   1324 C C   . ASP B 1 68  ? 0.948   7.731   -7.830  1.00 24.16 ? 75  ASP B C   1 
ATOM   1325 O O   . ASP B 1 68  ? 0.883   6.509   -7.914  1.00 24.19 ? 75  ASP B O   1 
ATOM   1326 C CB  . ASP B 1 68  ? -1.120  9.090   -7.719  1.00 24.37 ? 75  ASP B CB  1 
ATOM   1327 C CG  . ASP B 1 68  ? -2.100  9.911   -6.888  1.00 26.07 ? 75  ASP B CG  1 
ATOM   1328 O OD1 . ASP B 1 68  ? -3.133  9.364   -6.448  1.00 23.02 ? 75  ASP B OD1 1 
ATOM   1329 O OD2 . ASP B 1 68  ? -1.829  11.115  -6.677  1.00 28.02 ? 75  ASP B OD2 1 
ATOM   1330 N N   . PHE B 1 69  ? 1.798   8.458   -8.547  1.00 23.32 ? 76  PHE B N   1 
ATOM   1331 C CA  . PHE B 1 69  ? 2.712   7.836   -9.483  1.00 20.33 ? 76  PHE B CA  1 
ATOM   1332 C C   . PHE B 1 69  ? 3.495   6.706   -8.833  1.00 21.19 ? 76  PHE B C   1 
ATOM   1333 O O   . PHE B 1 69  ? 3.562   5.607   -9.372  1.00 18.75 ? 76  PHE B O   1 
ATOM   1334 C CB  . PHE B 1 69  ? 3.682   8.873   -10.038 1.00 22.75 ? 76  PHE B CB  1 
ATOM   1335 C CG  . PHE B 1 69  ? 4.836   8.277   -10.786 1.00 24.25 ? 76  PHE B CG  1 
ATOM   1336 C CD1 . PHE B 1 69  ? 4.634   7.600   -11.988 1.00 24.58 ? 76  PHE B CD1 1 
ATOM   1337 C CD2 . PHE B 1 69  ? 6.122   8.380   -10.284 1.00 22.61 ? 76  PHE B CD2 1 
ATOM   1338 C CE1 . PHE B 1 69  ? 5.702   7.043   -12.679 1.00 25.23 ? 76  PHE B CE1 1 
ATOM   1339 C CE2 . PHE B 1 69  ? 7.193   7.825   -10.969 1.00 25.07 ? 76  PHE B CE2 1 
ATOM   1340 C CZ  . PHE B 1 69  ? 6.983   7.154   -12.168 1.00 25.12 ? 76  PHE B CZ  1 
ATOM   1341 N N   . TRP B 1 70  ? 4.097   6.974   -7.678  1.00 21.40 ? 77  TRP B N   1 
ATOM   1342 C CA  . TRP B 1 70  ? 4.880   5.948   -7.003  1.00 22.26 ? 77  TRP B CA  1 
ATOM   1343 C C   . TRP B 1 70  ? 4.009   4.833   -6.409  1.00 21.87 ? 77  TRP B C   1 
ATOM   1344 O O   . TRP B 1 70  ? 4.350   3.656   -6.505  1.00 21.76 ? 77  TRP B O   1 
ATOM   1345 C CB  . TRP B 1 70  ? 5.775   6.578   -5.924  1.00 19.71 ? 77  TRP B CB  1 
ATOM   1346 C CG  . TRP B 1 70  ? 6.810   7.550   -6.492  1.00 21.76 ? 77  TRP B CG  1 
ATOM   1347 C CD1 . TRP B 1 70  ? 6.733   8.917   -6.505  1.00 23.94 ? 77  TRP B CD1 1 
ATOM   1348 C CD2 . TRP B 1 70  ? 8.037   7.216   -7.172  1.00 20.82 ? 77  TRP B CD2 1 
ATOM   1349 N NE1 . TRP B 1 70  ? 7.830   9.452   -7.147  1.00 22.91 ? 77  TRP B NE1 1 
ATOM   1350 C CE2 . TRP B 1 70  ? 8.642   8.430   -7.566  1.00 21.64 ? 77  TRP B CE2 1 
ATOM   1351 C CE3 . TRP B 1 70  ? 8.679   6.006   -7.485  1.00 22.40 ? 77  TRP B CE3 1 
ATOM   1352 C CZ2 . TRP B 1 70  ? 9.863   8.472   -8.259  1.00 23.34 ? 77  TRP B CZ2 1 
ATOM   1353 C CZ3 . TRP B 1 70  ? 9.888   6.047   -8.173  1.00 21.47 ? 77  TRP B CZ3 1 
ATOM   1354 C CH2 . TRP B 1 70  ? 10.467  7.274   -8.553  1.00 23.95 ? 77  TRP B CH2 1 
ATOM   1355 N N   . LEU B 1 71  ? 2.880   5.200   -5.814  1.00 22.91 ? 78  LEU B N   1 
ATOM   1356 C CA  . LEU B 1 71  ? 1.988   4.210   -5.221  1.00 23.50 ? 78  LEU B CA  1 
ATOM   1357 C C   . LEU B 1 71  ? 1.399   3.233   -6.239  1.00 23.55 ? 78  LEU B C   1 
ATOM   1358 O O   . LEU B 1 71  ? 1.228   2.053   -5.940  1.00 24.10 ? 78  LEU B O   1 
ATOM   1359 C CB  . LEU B 1 71  ? 0.859   4.906   -4.459  1.00 23.07 ? 78  LEU B CB  1 
ATOM   1360 C CG  . LEU B 1 71  ? 1.275   5.675   -3.197  1.00 25.12 ? 78  LEU B CG  1 
ATOM   1361 C CD1 . LEU B 1 71  ? 0.056   6.358   -2.567  1.00 22.44 ? 78  LEU B CD1 1 
ATOM   1362 C CD2 . LEU B 1 71  ? 1.915   4.700   -2.217  1.00 21.70 ? 78  LEU B CD2 1 
ATOM   1363 N N   . ASN B 1 72  ? 1.098   3.715   -7.440  1.00 24.14 ? 79  ASN B N   1 
ATOM   1364 C CA  . ASN B 1 72  ? 0.524   2.849   -8.458  1.00 23.22 ? 79  ASN B CA  1 
ATOM   1365 C C   . ASN B 1 72  ? 1.510   1.799   -8.950  1.00 23.31 ? 79  ASN B C   1 
ATOM   1366 O O   . ASN B 1 72  ? 1.122   0.687   -9.310  1.00 21.11 ? 79  ASN B O   1 
ATOM   1367 C CB  . ASN B 1 72  ? -0.018  3.686   -9.616  1.00 23.21 ? 79  ASN B CB  1 
ATOM   1368 C CG  . ASN B 1 72  ? -1.414  4.209   -9.341  1.00 27.64 ? 79  ASN B CG  1 
ATOM   1369 O OD1 . ASN B 1 72  ? -1.650  4.931   -8.367  1.00 31.15 ? 79  ASN B OD1 1 
ATOM   1370 N ND2 . ASN B 1 72  ? -2.355  3.837   -10.192 1.00 31.03 ? 79  ASN B ND2 1 
ATOM   1371 N N   . LEU B 1 73  ? 2.793   2.140   -8.967  1.00 23.34 ? 80  LEU B N   1 
ATOM   1372 C CA  . LEU B 1 73  ? 3.779   1.160   -9.386  1.00 21.57 ? 80  LEU B CA  1 
ATOM   1373 C C   . LEU B 1 73  ? 3.781   0.049   -8.327  1.00 21.78 ? 80  LEU B C   1 
ATOM   1374 O O   . LEU B 1 73  ? 3.836   -1.128  -8.664  1.00 21.50 ? 80  LEU B O   1 
ATOM   1375 C CB  . LEU B 1 73  ? 5.172   1.792   -9.502  1.00 21.96 ? 80  LEU B CB  1 
ATOM   1376 C CG  . LEU B 1 73  ? 5.384   2.868   -10.582 1.00 23.14 ? 80  LEU B CG  1 
ATOM   1377 C CD1 . LEU B 1 73  ? 6.699   3.570   -10.360 1.00 19.23 ? 80  LEU B CD1 1 
ATOM   1378 C CD2 . LEU B 1 73  ? 5.349   2.229   -11.960 1.00 20.36 ? 80  LEU B CD2 1 
ATOM   1379 N N   . GLN B 1 74  ? 3.703   0.417   -7.050  1.00 21.37 ? 81  GLN B N   1 
ATOM   1380 C CA  . GLN B 1 74  ? 3.704   -0.592  -5.983  1.00 22.78 ? 81  GLN B CA  1 
ATOM   1381 C C   . GLN B 1 74  ? 2.420   -1.422  -6.015  1.00 21.57 ? 81  GLN B C   1 
ATOM   1382 O O   . GLN B 1 74  ? 2.460   -2.634  -5.825  1.00 21.33 ? 81  GLN B O   1 
ATOM   1383 C CB  . GLN B 1 74  ? 3.858   0.063   -4.599  1.00 22.86 ? 81  GLN B CB  1 
ATOM   1384 C CG  . GLN B 1 74  ? 4.002   -0.946  -3.455  1.00 22.91 ? 81  GLN B CG  1 
ATOM   1385 C CD  . GLN B 1 74  ? 5.242   -1.821  -3.590  1.00 23.23 ? 81  GLN B CD  1 
ATOM   1386 O OE1 . GLN B 1 74  ? 6.367   -1.323  -3.585  1.00 23.40 ? 81  GLN B OE1 1 
ATOM   1387 N NE2 . GLN B 1 74  ? 5.036   -3.134  -3.712  1.00 20.16 ? 81  GLN B NE2 1 
ATOM   1388 N N   . ALA B 1 75  ? 1.287   -0.764  -6.262  1.00 20.28 ? 82  ALA B N   1 
ATOM   1389 C CA  . ALA B 1 75  ? -0.005  -1.450  -6.331  1.00 21.41 ? 82  ALA B CA  1 
ATOM   1390 C C   . ALA B 1 75  ? -0.006  -2.542  -7.395  1.00 19.96 ? 82  ALA B C   1 
ATOM   1391 O O   . ALA B 1 75  ? -0.524  -3.634  -7.164  1.00 22.12 ? 82  ALA B O   1 
ATOM   1392 C CB  . ALA B 1 75  ? -1.142  -0.441  -6.623  1.00 20.14 ? 82  ALA B CB  1 
ATOM   1393 N N   . ALA B 1 76  ? 0.559   -2.255  -8.563  1.00 19.83 ? 83  ALA B N   1 
ATOM   1394 C CA  . ALA B 1 76  ? 0.577   -3.246  -9.632  1.00 18.92 ? 83  ALA B CA  1 
ATOM   1395 C C   . ALA B 1 76  ? 1.434   -4.449  -9.246  1.00 19.30 ? 83  ALA B C   1 
ATOM   1396 O O   . ALA B 1 76  ? 1.090   -5.588  -9.543  1.00 18.05 ? 83  ALA B O   1 
ATOM   1397 C CB  . ALA B 1 76  ? 1.081   -2.618  -10.938 1.00 18.83 ? 83  ALA B CB  1 
ATOM   1398 N N   . VAL B 1 77  ? 2.558   -4.199  -8.587  1.00 21.48 ? 84  VAL B N   1 
ATOM   1399 C CA  . VAL B 1 77  ? 3.423   -5.286  -8.152  1.00 21.74 ? 84  VAL B CA  1 
ATOM   1400 C C   . VAL B 1 77  ? 2.692   -6.140  -7.109  1.00 23.38 ? 84  VAL B C   1 
ATOM   1401 O O   . VAL B 1 77  ? 2.706   -7.370  -7.195  1.00 25.49 ? 84  VAL B O   1 
ATOM   1402 C CB  . VAL B 1 77  ? 4.733   -4.730  -7.547  1.00 23.04 ? 84  VAL B CB  1 
ATOM   1403 C CG1 . VAL B 1 77  ? 5.502   -5.831  -6.831  1.00 20.07 ? 84  VAL B CG1 1 
ATOM   1404 C CG2 . VAL B 1 77  ? 5.576   -4.120  -8.650  1.00 23.60 ? 84  VAL B CG2 1 
ATOM   1405 N N   . ASP B 1 78  ? 2.062   -5.489  -6.131  1.00 22.75 ? 85  ASP B N   1 
ATOM   1406 C CA  . ASP B 1 78  ? 1.324   -6.202  -5.079  1.00 23.60 ? 85  ASP B CA  1 
ATOM   1407 C C   . ASP B 1 78  ? 0.279   -7.178  -5.661  1.00 23.58 ? 85  ASP B C   1 
ATOM   1408 O O   . ASP B 1 78  ? 0.186   -8.328  -5.227  1.00 22.45 ? 85  ASP B O   1 
ATOM   1409 C CB  . ASP B 1 78  ? 0.593   -5.226  -4.135  1.00 20.62 ? 85  ASP B CB  1 
ATOM   1410 C CG  . ASP B 1 78  ? 1.537   -4.392  -3.268  1.00 23.09 ? 85  ASP B CG  1 
ATOM   1411 O OD1 . ASP B 1 78  ? 2.725   -4.741  -3.118  1.00 27.14 ? 85  ASP B OD1 1 
ATOM   1412 O OD2 . ASP B 1 78  ? 1.077   -3.379  -2.712  1.00 24.51 ? 85  ASP B OD2 1 
ATOM   1413 N N   . LEU B 1 79  ? -0.515  -6.708  -6.626  1.00 23.65 ? 86  LEU B N   1 
ATOM   1414 C CA  . LEU B 1 79  ? -1.538  -7.559  -7.227  1.00 24.13 ? 86  LEU B CA  1 
ATOM   1415 C C   . LEU B 1 79  ? -0.863  -8.710  -7.959  1.00 22.84 ? 86  LEU B C   1 
ATOM   1416 O O   . LEU B 1 79  ? -1.314  -9.847  -7.882  1.00 21.90 ? 86  LEU B O   1 
ATOM   1417 C CB  . LEU B 1 79  ? -2.420  -6.770  -8.197  1.00 24.71 ? 86  LEU B CB  1 
ATOM   1418 C CG  . LEU B 1 79  ? -3.352  -5.708  -7.605  1.00 28.33 ? 86  LEU B CG  1 
ATOM   1419 C CD1 . LEU B 1 79  ? -4.095  -5.000  -8.744  1.00 32.56 ? 86  LEU B CD1 1 
ATOM   1420 C CD2 . LEU B 1 79  ? -4.334  -6.343  -6.661  1.00 28.60 ? 86  LEU B CD2 1 
ATOM   1421 N N   . TRP B 1 80  ? 0.228   -8.402  -8.657  1.00 21.83 ? 87  TRP B N   1 
ATOM   1422 C CA  . TRP B 1 80  ? 0.971   -9.408  -9.388  1.00 23.93 ? 87  TRP B CA  1 
ATOM   1423 C C   . TRP B 1 80  ? 1.439   -10.513 -8.439  1.00 24.44 ? 87  TRP B C   1 
ATOM   1424 O O   . TRP B 1 80  ? 1.344   -11.694 -8.770  1.00 24.48 ? 87  TRP B O   1 
ATOM   1425 C CB  . TRP B 1 80  ? 2.188   -8.785  -10.069 1.00 25.59 ? 87  TRP B CB  1 
ATOM   1426 C CG  . TRP B 1 80  ? 2.980   -9.752  -10.869 1.00 27.67 ? 87  TRP B CG  1 
ATOM   1427 C CD1 . TRP B 1 80  ? 2.783   -10.089 -12.177 1.00 30.93 ? 87  TRP B CD1 1 
ATOM   1428 C CD2 . TRP B 1 80  ? 4.088   -10.530 -10.414 1.00 31.10 ? 87  TRP B CD2 1 
ATOM   1429 N NE1 . TRP B 1 80  ? 3.704   -11.026 -12.569 1.00 30.39 ? 87  TRP B NE1 1 
ATOM   1430 C CE2 . TRP B 1 80  ? 4.521   -11.315 -11.509 1.00 33.37 ? 87  TRP B CE2 1 
ATOM   1431 C CE3 . TRP B 1 80  ? 4.762   -10.640 -9.192  1.00 33.47 ? 87  TRP B CE3 1 
ATOM   1432 C CZ2 . TRP B 1 80  ? 5.597   -12.204 -11.414 1.00 35.98 ? 87  TRP B CZ2 1 
ATOM   1433 C CZ3 . TRP B 1 80  ? 5.831   -11.523 -9.094  1.00 37.00 ? 87  TRP B CZ3 1 
ATOM   1434 C CH2 . TRP B 1 80  ? 6.241   -12.293 -10.204 1.00 38.02 ? 87  TRP B CH2 1 
ATOM   1435 N N   . GLU B 1 81  ? 1.943   -10.136 -7.264  1.00 24.84 ? 88  GLU B N   1 
ATOM   1436 C CA  . GLU B 1 81  ? 2.426   -11.131 -6.312  1.00 27.48 ? 88  GLU B CA  1 
ATOM   1437 C C   . GLU B 1 81  ? 1.320   -12.074 -5.851  1.00 26.76 ? 88  GLU B C   1 
ATOM   1438 O O   . GLU B 1 81  ? 1.543   -13.276 -5.742  1.00 23.75 ? 88  GLU B O   1 
ATOM   1439 C CB  . GLU B 1 81  ? 3.091   -10.462 -5.104  1.00 31.21 ? 88  GLU B CB  1 
ATOM   1440 C CG  . GLU B 1 81  ? 4.283   -9.590  -5.478  1.00 38.03 ? 88  GLU B CG  1 
ATOM   1441 C CD  . GLU B 1 81  ? 5.003   -9.026  -4.272  1.00 42.84 ? 88  GLU B CD  1 
ATOM   1442 O OE1 . GLU B 1 81  ? 4.320   -8.693  -3.284  1.00 45.44 ? 88  GLU B OE1 1 
ATOM   1443 O OE2 . GLU B 1 81  ? 6.250   -8.898  -4.312  1.00 45.77 ? 88  GLU B OE2 1 
ATOM   1444 N N   . VAL B 1 82  ? 0.130   -11.546 -5.586  1.00 25.33 ? 89  VAL B N   1 
ATOM   1445 C CA  . VAL B 1 82  ? -0.969  -12.404 -5.152  1.00 25.38 ? 89  VAL B CA  1 
ATOM   1446 C C   . VAL B 1 82  ? -1.497  -13.270 -6.300  1.00 26.81 ? 89  VAL B C   1 
ATOM   1447 O O   . VAL B 1 82  ? -1.859  -14.427 -6.077  1.00 27.39 ? 89  VAL B O   1 
ATOM   1448 C CB  . VAL B 1 82  ? -2.139  -11.589 -4.539  1.00 23.28 ? 89  VAL B CB  1 
ATOM   1449 C CG1 . VAL B 1 82  ? -3.298  -12.509 -4.201  1.00 21.72 ? 89  VAL B CG1 1 
ATOM   1450 C CG2 . VAL B 1 82  ? -1.668  -10.890 -3.272  1.00 21.82 ? 89  VAL B CG2 1 
ATOM   1451 N N   . GLU B 1 83  ? -1.537  -12.725 -7.518  1.00 24.67 ? 90  GLU B N   1 
ATOM   1452 C CA  . GLU B 1 83  ? -2.015  -13.495 -8.663  1.00 26.92 ? 90  GLU B CA  1 
ATOM   1453 C C   . GLU B 1 83  ? -1.088  -14.674 -8.933  1.00 26.91 ? 90  GLU B C   1 
ATOM   1454 O O   . GLU B 1 83  ? -1.528  -15.723 -9.387  1.00 25.24 ? 90  GLU B O   1 
ATOM   1455 C CB  . GLU B 1 83  ? -2.093  -12.618 -9.927  1.00 26.87 ? 90  GLU B CB  1 
ATOM   1456 C CG  . GLU B 1 83  ? -3.129  -11.509 -9.869  1.00 27.77 ? 90  GLU B CG  1 
ATOM   1457 C CD  . GLU B 1 83  ? -4.563  -12.001 -10.017 1.00 28.82 ? 90  GLU B CD  1 
ATOM   1458 O OE1 . GLU B 1 83  ? -4.795  -13.229 -9.987  1.00 28.52 ? 90  GLU B OE1 1 
ATOM   1459 O OE2 . GLU B 1 83  ? -5.464  -11.143 -10.162 1.00 28.86 ? 90  GLU B OE2 1 
ATOM   1460 N N   . ASN B 1 84  ? 0.196   -14.497 -8.639  1.00 28.39 ? 91  ASN B N   1 
ATOM   1461 C CA  . ASN B 1 84  ? 1.170   -15.545 -8.893  1.00 30.83 ? 91  ASN B CA  1 
ATOM   1462 C C   . ASN B 1 84  ? 1.463   -16.512 -7.748  1.00 30.69 ? 91  ASN B C   1 
ATOM   1463 O O   . ASN B 1 84  ? 2.314   -17.379 -7.876  1.00 29.47 ? 91  ASN B O   1 
ATOM   1464 C CB  . ASN B 1 84  ? 2.471   -14.930 -9.408  1.00 33.50 ? 91  ASN B CB  1 
ATOM   1465 C CG  . ASN B 1 84  ? 2.335   -14.414 -10.830 1.00 36.16 ? 91  ASN B CG  1 
ATOM   1466 O OD1 . ASN B 1 84  ? 1.910   -13.274 -11.057 1.00 36.29 ? 91  ASN B OD1 1 
ATOM   1467 N ND2 . ASN B 1 84  ? 2.674   -15.265 -11.799 1.00 32.08 ? 91  ASN B ND2 1 
ATOM   1468 N N   . ASN B 1 85  ? 0.756   -16.362 -6.636  1.00 30.74 ? 92  ASN B N   1 
ATOM   1469 C CA  . ASN B 1 85  ? 0.937   -17.260 -5.506  1.00 33.01 ? 92  ASN B CA  1 
ATOM   1470 C C   . ASN B 1 85  ? -0.139  -18.349 -5.664  1.00 32.92 ? 92  ASN B C   1 
ATOM   1471 O O   . ASN B 1 85  ? -1.307  -18.138 -5.329  1.00 31.02 ? 92  ASN B O   1 
ATOM   1472 C CB  . ASN B 1 85  ? 0.750   -16.493 -4.196  1.00 33.96 ? 92  ASN B CB  1 
ATOM   1473 C CG  . ASN B 1 85  ? 1.099   -17.325 -2.983  1.00 36.56 ? 92  ASN B CG  1 
ATOM   1474 O OD1 . ASN B 1 85  ? 0.647   -18.461 -2.853  1.00 36.03 ? 92  ASN B OD1 1 
ATOM   1475 N ND2 . ASN B 1 85  ? 1.908   -16.763 -2.084  1.00 35.86 ? 92  ASN B ND2 1 
ATOM   1476 N N   . MET B 1 86  ? 0.246   -19.506 -6.192  1.00 35.64 ? 93  MET B N   1 
ATOM   1477 C CA  . MET B 1 86  ? -0.722  -20.576 -6.414  1.00 37.79 ? 93  MET B CA  1 
ATOM   1478 C C   . MET B 1 86  ? -1.421  -21.057 -5.147  1.00 37.67 ? 93  MET B C   1 
ATOM   1479 O O   . MET B 1 86  ? -2.612  -21.364 -5.164  1.00 35.65 ? 93  MET B O   1 
ATOM   1480 C CB  . MET B 1 86  ? -0.062  -21.761 -7.119  1.00 42.00 ? 93  MET B CB  1 
ATOM   1481 C CG  . MET B 1 86  ? -1.059  -22.860 -7.487  1.00 48.13 ? 93  MET B CG  1 
ATOM   1482 S SD  . MET B 1 86  ? -2.417  -22.277 -8.545  1.00 52.55 ? 93  MET B SD  1 
ATOM   1483 C CE  . MET B 1 86  ? -3.203  -23.817 -8.963  1.00 52.41 ? 93  MET B CE  1 
ATOM   1484 N N   . ARG B 1 87  ? -0.689  -21.129 -4.044  1.00 38.64 ? 94  ARG B N   1 
ATOM   1485 C CA  . ARG B 1 87  ? -1.297  -21.572 -2.800  1.00 39.78 ? 94  ARG B CA  1 
ATOM   1486 C C   . ARG B 1 87  ? -2.450  -20.630 -2.453  1.00 38.15 ? 94  ARG B C   1 
ATOM   1487 O O   . ARG B 1 87  ? -3.538  -21.074 -2.099  1.00 38.93 ? 94  ARG B O   1 
ATOM   1488 C CB  . ARG B 1 87  ? -0.257  -21.594 -1.681  1.00 43.79 ? 94  ARG B CB  1 
ATOM   1489 C CG  . ARG B 1 87  ? -0.764  -22.134 -0.356  1.00 49.11 ? 94  ARG B CG  1 
ATOM   1490 C CD  . ARG B 1 87  ? 0.394   -22.373 0.614   1.00 52.79 ? 94  ARG B CD  1 
ATOM   1491 N NE  . ARG B 1 87  ? -0.072  -22.675 1.965   1.00 55.93 ? 94  ARG B NE  1 
ATOM   1492 C CZ  . ARG B 1 87  ? 0.727   -22.976 2.984   1.00 58.00 ? 94  ARG B CZ  1 
ATOM   1493 N NH1 . ARG B 1 87  ? 2.045   -23.021 2.810   1.00 58.83 ? 94  ARG B NH1 1 
ATOM   1494 N NH2 . ARG B 1 87  ? 0.211   -23.224 4.182   1.00 57.97 ? 94  ARG B NH2 1 
ATOM   1495 N N   . THR B 1 88  ? -2.220  -19.330 -2.578  1.00 36.11 ? 95  THR B N   1 
ATOM   1496 C CA  . THR B 1 88  ? -3.265  -18.361 -2.274  1.00 35.30 ? 95  THR B CA  1 
ATOM   1497 C C   . THR B 1 88  ? -4.424  -18.458 -3.265  1.00 34.20 ? 95  THR B C   1 
ATOM   1498 O O   . THR B 1 88  ? -5.586  -18.333 -2.881  1.00 32.62 ? 95  THR B O   1 
ATOM   1499 C CB  . THR B 1 88  ? -2.711  -16.928 -2.294  1.00 34.34 ? 95  THR B CB  1 
ATOM   1500 O OG1 . THR B 1 88  ? -1.665  -16.813 -1.329  1.00 33.82 ? 95  THR B OG1 1 
ATOM   1501 C CG2 . THR B 1 88  ? -3.795  -15.934 -1.961  1.00 32.90 ? 95  THR B CG2 1 
ATOM   1502 N N   . GLN B 1 89  ? -4.109  -18.674 -4.537  1.00 32.80 ? 96  GLN B N   1 
ATOM   1503 C CA  . GLN B 1 89  ? -5.146  -18.791 -5.557  1.00 34.74 ? 96  GLN B CA  1 
ATOM   1504 C C   . GLN B 1 89  ? -6.061  -19.996 -5.296  1.00 35.96 ? 96  GLN B C   1 
ATOM   1505 O O   . GLN B 1 89  ? -7.292  -19.899 -5.406  1.00 35.41 ? 96  GLN B O   1 
ATOM   1506 C CB  . GLN B 1 89  ? -4.516  -18.901 -6.951  1.00 31.78 ? 96  GLN B CB  1 
ATOM   1507 C CG  . GLN B 1 89  ? -3.898  -17.601 -7.470  1.00 31.79 ? 96  GLN B CG  1 
ATOM   1508 C CD  . GLN B 1 89  ? -4.820  -16.399 -7.304  1.00 30.33 ? 96  GLN B CD  1 
ATOM   1509 O OE1 . GLN B 1 89  ? -5.976  -16.429 -7.716  1.00 28.95 ? 96  GLN B OE1 1 
ATOM   1510 N NE2 . GLN B 1 89  ? -4.309  -15.339 -6.699  1.00 27.99 ? 96  GLN B NE2 1 
ATOM   1511 N N   . GLU B 1 90  ? -5.464  -21.132 -4.959  1.00 35.82 ? 97  GLU B N   1 
ATOM   1512 C CA  . GLU B 1 90  ? -6.256  -22.323 -4.680  1.00 38.95 ? 97  GLU B CA  1 
ATOM   1513 C C   . GLU B 1 90  ? -7.213  -22.025 -3.532  1.00 39.14 ? 97  GLU B C   1 
ATOM   1514 O O   . GLU B 1 90  ? -8.369  -22.432 -3.551  1.00 39.13 ? 97  GLU B O   1 
ATOM   1515 C CB  . GLU B 1 90  ? -5.345  -23.500 -4.318  1.00 39.41 ? 97  GLU B CB  1 
ATOM   1516 C CG  . GLU B 1 90  ? -4.543  -24.037 -5.497  1.00 41.85 ? 97  GLU B CG  1 
ATOM   1517 C CD  . GLU B 1 90  ? -3.709  -25.255 -5.136  1.00 43.39 ? 97  GLU B CD  1 
ATOM   1518 O OE1 . GLU B 1 90  ? -3.990  -25.884 -4.096  1.00 45.54 ? 97  GLU B OE1 1 
ATOM   1519 O OE2 . GLU B 1 90  ? -2.783  -25.597 -5.897  1.00 44.33 ? 97  GLU B OE2 1 
ATOM   1520 N N   . GLU B 1 91  ? -6.733  -21.282 -2.543  1.00 39.45 ? 98  GLU B N   1 
ATOM   1521 C CA  . GLU B 1 91  ? -7.560  -20.936 -1.399  1.00 40.74 ? 98  GLU B CA  1 
ATOM   1522 C C   . GLU B 1 91  ? -8.716  -20.028 -1.791  1.00 40.54 ? 98  GLU B C   1 
ATOM   1523 O O   . GLU B 1 91  ? -9.837  -20.187 -1.307  1.00 41.91 ? 98  GLU B O   1 
ATOM   1524 C CB  . GLU B 1 91  ? -6.712  -20.259 -0.330  1.00 42.64 ? 98  GLU B CB  1 
ATOM   1525 C CG  . GLU B 1 91  ? -7.384  -20.232 1.012   1.00 47.90 ? 98  GLU B CG  1 
ATOM   1526 C CD  . GLU B 1 91  ? -6.415  -19.914 2.120   1.00 51.77 ? 98  GLU B CD  1 
ATOM   1527 O OE1 . GLU B 1 91  ? -5.229  -20.300 1.987   1.00 53.46 ? 98  GLU B OE1 1 
ATOM   1528 O OE2 . GLU B 1 91  ? -6.838  -19.295 3.122   1.00 52.47 ? 98  GLU B OE2 1 
ATOM   1529 N N   . LEU B 1 92  ? -8.447  -19.067 -2.667  1.00 39.91 ? 99  LEU B N   1 
ATOM   1530 C CA  . LEU B 1 92  ? -9.492  -18.157 -3.115  1.00 40.76 ? 99  LEU B CA  1 
ATOM   1531 C C   . LEU B 1 92  ? -10.496 -18.943 -3.941  1.00 41.96 ? 99  LEU B C   1 
ATOM   1532 O O   . LEU B 1 92  ? -11.635 -18.517 -4.122  1.00 42.38 ? 99  LEU B O   1 
ATOM   1533 C CB  . LEU B 1 92  ? -8.892  -17.027 -3.957  1.00 40.09 ? 99  LEU B CB  1 
ATOM   1534 C CG  . LEU B 1 92  ? -7.938  -16.104 -3.195  1.00 39.46 ? 99  LEU B CG  1 
ATOM   1535 C CD1 . LEU B 1 92  ? -7.067  -15.311 -4.158  1.00 37.06 ? 99  LEU B CD1 1 
ATOM   1536 C CD2 . LEU B 1 92  ? -8.759  -15.187 -2.299  1.00 36.95 ? 99  LEU B CD2 1 
ATOM   1537 N N   . GLY B 1 93  ? -10.053 -20.095 -4.432  1.00 42.53 ? 100 GLY B N   1 
ATOM   1538 C CA  . GLY B 1 93  ? -10.898 -20.958 -5.230  1.00 44.73 ? 100 GLY B CA  1 
ATOM   1539 C C   . GLY B 1 93  ? -12.036 -21.599 -4.461  1.00 46.30 ? 100 GLY B C   1 
ATOM   1540 O O   . GLY B 1 93  ? -13.142 -21.706 -4.983  1.00 46.47 ? 100 GLY B O   1 
ATOM   1541 N N   . ARG B 1 94  ? -11.788 -22.030 -3.226  1.00 47.03 ? 101 ARG B N   1 
ATOM   1542 C CA  . ARG B 1 94  ? -12.860 -22.639 -2.450  1.00 47.75 ? 101 ARG B CA  1 
ATOM   1543 C C   . ARG B 1 94  ? -13.576 -21.696 -1.485  1.00 47.78 ? 101 ARG B C   1 
ATOM   1544 O O   . ARG B 1 94  ? -14.367 -22.143 -0.659  1.00 48.16 ? 101 ARG B O   1 
ATOM   1545 C CB  . ARG B 1 94  ? -12.367 -23.883 -1.693  1.00 49.13 ? 101 ARG B CB  1 
ATOM   1546 C CG  . ARG B 1 94  ? -10.997 -23.782 -1.055  1.00 50.55 ? 101 ARG B CG  1 
ATOM   1547 C CD  . ARG B 1 94  ? -9.920  -24.171 -2.045  1.00 52.27 ? 101 ARG B CD  1 
ATOM   1548 N NE  . ARG B 1 94  ? -10.003 -25.570 -2.458  1.00 51.16 ? 101 ARG B NE  1 
ATOM   1549 C CZ  . ARG B 1 94  ? -9.272  -26.097 -3.435  1.00 51.01 ? 101 ARG B CZ  1 
ATOM   1550 N NH1 . ARG B 1 94  ? -8.411  -25.336 -4.098  1.00 50.93 ? 101 ARG B NH1 1 
ATOM   1551 N NH2 . ARG B 1 94  ? -9.395  -27.378 -3.752  1.00 48.83 ? 101 ARG B NH2 1 
ATOM   1552 N N   . ILE B 1 95  ? -13.315 -20.396 -1.588  1.00 47.55 ? 102 ILE B N   1 
ATOM   1553 C CA  . ILE B 1 95  ? -13.987 -19.438 -0.714  1.00 47.39 ? 102 ILE B CA  1 
ATOM   1554 C C   . ILE B 1 95  ? -15.435 -19.330 -1.160  1.00 48.46 ? 102 ILE B C   1 
ATOM   1555 O O   . ILE B 1 95  ? -15.718 -19.146 -2.345  1.00 48.27 ? 102 ILE B O   1 
ATOM   1556 C CB  . ILE B 1 95  ? -13.341 -18.025 -0.766  1.00 46.39 ? 102 ILE B CB  1 
ATOM   1557 C CG1 . ILE B 1 95  ? -12.095 -17.991 0.121   1.00 45.71 ? 102 ILE B CG1 1 
ATOM   1558 C CG2 . ILE B 1 95  ? -14.345 -16.967 -0.319  1.00 43.72 ? 102 ILE B CG2 1 
ATOM   1559 C CD1 . ILE B 1 95  ? -11.398 -16.654 0.140   1.00 46.04 ? 102 ILE B CD1 1 
ATOM   1560 N N   . GLU B 1 96  ? -16.345 -19.453 -0.202  1.00 49.29 ? 103 GLU B N   1 
ATOM   1561 C CA  . GLU B 1 96  ? -17.774 -19.376 -0.463  1.00 51.65 ? 103 GLU B CA  1 
ATOM   1562 C C   . GLU B 1 96  ? -18.181 -17.913 -0.335  1.00 51.59 ? 103 GLU B C   1 
ATOM   1563 O O   . GLU B 1 96  ? -17.739 -17.234 0.591   1.00 51.57 ? 103 GLU B O   1 
ATOM   1564 C CB  . GLU B 1 96  ? -18.518 -20.223 0.573   1.00 53.58 ? 103 GLU B CB  1 
ATOM   1565 C CG  . GLU B 1 96  ? -20.020 -20.294 0.390   1.00 56.67 ? 103 GLU B CG  1 
ATOM   1566 C CD  . GLU B 1 96  ? -20.714 -20.847 1.619   1.00 59.07 ? 103 GLU B CD  1 
ATOM   1567 O OE1 . GLU B 1 96  ? -20.204 -21.839 2.183   1.00 59.61 ? 103 GLU B OE1 1 
ATOM   1568 O OE2 . GLU B 1 96  ? -21.763 -20.294 2.020   1.00 59.96 ? 103 GLU B OE2 1 
ATOM   1569 N N   . THR B 1 97  ? -19.022 -17.429 -1.246  1.00 50.23 ? 104 THR B N   1 
ATOM   1570 C CA  . THR B 1 97  ? -19.445 -16.033 -1.206  1.00 49.66 ? 104 THR B CA  1 
ATOM   1571 C C   . THR B 1 97  ? -20.636 -15.797 -0.277  1.00 49.21 ? 104 THR B C   1 
ATOM   1572 O O   . THR B 1 97  ? -21.405 -16.713 0.016   1.00 47.38 ? 104 THR B O   1 
ATOM   1573 C CB  . THR B 1 97  ? -19.803 -15.511 -2.614  1.00 50.93 ? 104 THR B CB  1 
ATOM   1574 O OG1 . THR B 1 97  ? -21.154 -15.867 -2.931  1.00 52.01 ? 104 THR B OG1 1 
ATOM   1575 C CG2 . THR B 1 97  ? -18.867 -16.110 -3.661  1.00 48.71 ? 104 THR B CG2 1 
ATOM   1576 N N   . VAL B 1 98  ? -20.778 -14.553 0.180   1.00 49.51 ? 105 VAL B N   1 
ATOM   1577 C CA  . VAL B 1 98  ? -21.851 -14.172 1.089   1.00 49.51 ? 105 VAL B CA  1 
ATOM   1578 C C   . VAL B 1 98  ? -23.228 -14.492 0.506   1.00 51.35 ? 105 VAL B C   1 
ATOM   1579 O O   . VAL B 1 98  ? -24.240 -14.447 1.211   1.00 50.70 ? 105 VAL B O   1 
ATOM   1580 C CB  . VAL B 1 98  ? -21.775 -12.667 1.432   1.00 47.97 ? 105 VAL B CB  1 
ATOM   1581 C CG1 . VAL B 1 98  ? -22.398 -11.842 0.319   1.00 47.88 ? 105 VAL B CG1 1 
ATOM   1582 C CG2 . VAL B 1 98  ? -22.463 -12.396 2.761   1.00 47.89 ? 105 VAL B CG2 1 
ATOM   1583 N N   . ALA B 1 99  ? -23.256 -14.816 -0.783  1.00 52.26 ? 106 ALA B N   1 
ATOM   1584 C CA  . ALA B 1 99  ? -24.497 -15.152 -1.470  1.00 53.78 ? 106 ALA B CA  1 
ATOM   1585 C C   . ALA B 1 99  ? -24.901 -16.570 -1.086  1.00 54.07 ? 106 ALA B C   1 
ATOM   1586 O O   . ALA B 1 99  ? -25.880 -16.775 -0.365  1.00 54.46 ? 106 ALA B O   1 
ATOM   1587 C CB  . ALA B 1 99  ? -24.304 -15.048 -2.976  1.00 53.48 ? 106 ALA B CB  1 
ATOM   1588 N N   . GLU B 1 100 ? -24.141 -17.547 -1.573  1.00 53.66 ? 107 GLU B N   1 
ATOM   1589 C CA  . GLU B 1 100 ? -24.410 -18.942 -1.260  1.00 53.85 ? 107 GLU B CA  1 
ATOM   1590 C C   . GLU B 1 100 ? -24.619 -19.144 0.235   1.00 53.24 ? 107 GLU B C   1 
ATOM   1591 O O   . GLU B 1 100 ? -25.353 -20.035 0.647   1.00 54.91 ? 107 GLU B O   1 
ATOM   1592 C CB  . GLU B 1 100 ? -23.251 -19.840 -1.711  1.00 56.26 ? 107 GLU B CB  1 
ATOM   1593 C CG  . GLU B 1 100 ? -23.114 -20.056 -3.209  1.00 60.49 ? 107 GLU B CG  1 
ATOM   1594 C CD  . GLU B 1 100 ? -22.587 -18.839 -3.936  1.00 61.85 ? 107 GLU B CD  1 
ATOM   1595 O OE1 . GLU B 1 100 ? -21.805 -18.081 -3.326  1.00 62.57 ? 107 GLU B OE1 1 
ATOM   1596 O OE2 . GLU B 1 100 ? -22.936 -18.652 -5.122  1.00 62.48 ? 107 GLU B OE2 1 
ATOM   1597 N N   . TYR B 1 101 ? -23.969 -18.321 1.047   1.00 51.04 ? 108 TYR B N   1 
ATOM   1598 C CA  . TYR B 1 101 ? -24.094 -18.462 2.490   1.00 49.73 ? 108 TYR B CA  1 
ATOM   1599 C C   . TYR B 1 101 ? -25.435 -17.985 3.033   1.00 49.93 ? 108 TYR B C   1 
ATOM   1600 O O   . TYR B 1 101 ? -26.261 -18.788 3.467   1.00 49.70 ? 108 TYR B O   1 
ATOM   1601 C CB  . TYR B 1 101 ? -22.980 -17.701 3.210   1.00 47.14 ? 108 TYR B CB  1 
ATOM   1602 C CG  . TYR B 1 101 ? -22.999 -17.924 4.700   1.00 43.92 ? 108 TYR B CG  1 
ATOM   1603 C CD1 . TYR B 1 101 ? -22.660 -19.165 5.237   1.00 44.81 ? 108 TYR B CD1 1 
ATOM   1604 C CD2 . TYR B 1 101 ? -23.418 -16.923 5.570   1.00 43.72 ? 108 TYR B CD2 1 
ATOM   1605 C CE1 . TYR B 1 101 ? -22.741 -19.411 6.611   1.00 44.56 ? 108 TYR B CE1 1 
ATOM   1606 C CE2 . TYR B 1 101 ? -23.504 -17.153 6.946   1.00 44.50 ? 108 TYR B CE2 1 
ATOM   1607 C CZ  . TYR B 1 101 ? -23.164 -18.401 7.458   1.00 44.59 ? 108 TYR B CZ  1 
ATOM   1608 O OH  . TYR B 1 101 ? -23.238 -18.636 8.812   1.00 47.11 ? 108 TYR B OH  1 
ATOM   1609 N N   . LEU B 1 102 ? -25.632 -16.667 3.016   1.00 49.26 ? 109 LEU B N   1 
ATOM   1610 C CA  . LEU B 1 102 ? -26.857 -16.054 3.521   1.00 50.23 ? 109 LEU B CA  1 
ATOM   1611 C C   . LEU B 1 102 ? -28.098 -16.851 3.101   1.00 51.08 ? 109 LEU B C   1 
ATOM   1612 O O   . LEU B 1 102 ? -29.113 -16.852 3.807   1.00 51.45 ? 109 LEU B O   1 
ATOM   1613 C CB  . LEU B 1 102 ? -26.968 -14.586 3.022   1.00 49.07 ? 109 LEU B CB  1 
ATOM   1614 N N   . ALA B 1 103 ? -28.001 -17.538 1.965   1.00 51.89 ? 110 ALA B N   1 
ATOM   1615 C CA  . ALA B 1 103 ? -29.106 -18.315 1.441   1.00 52.11 ? 110 ALA B CA  1 
ATOM   1616 C C   . ALA B 1 103 ? -29.236 -19.596 2.249   1.00 52.72 ? 110 ALA B C   1 
ATOM   1617 O O   . ALA B 1 103 ? -30.223 -19.791 2.964   1.00 53.10 ? 110 ALA B O   1 
ATOM   1618 C CB  . ALA B 1 103 ? -28.856 -18.624 -0.029  1.00 52.56 ? 110 ALA B CB  1 
ATOM   1619 N N   . ARG B 1 104 ? -28.222 -20.455 2.141   1.00 52.26 ? 111 ARG B N   1 
ATOM   1620 C CA  . ARG B 1 104 ? -28.196 -21.736 2.842   1.00 52.37 ? 111 ARG B CA  1 
ATOM   1621 C C   . ARG B 1 104 ? -28.083 -21.568 4.353   1.00 53.58 ? 111 ARG B C   1 
ATOM   1622 O O   . ARG B 1 104 ? -28.700 -20.624 4.898   1.00 53.97 ? 111 ARG B O   1 
ATOM   1623 C CB  . ARG B 1 104 ? -27.037 -22.608 2.321   1.00 51.43 ? 111 ARG B CB  1 
HETATM 1624 S S   . SO4 C 2 .   ? 0.635   -6.267  1.336   1.00 36.13 ? 121 SO4 A S   1 
HETATM 1625 O O1  . SO4 C 2 .   ? 0.888   -6.822  -0.034  1.00 40.37 ? 121 SO4 A O1  1 
HETATM 1626 O O2  . SO4 C 2 .   ? -0.790  -5.839  1.417   1.00 42.80 ? 121 SO4 A O2  1 
HETATM 1627 O O3  . SO4 C 2 .   ? 0.821   -7.326  2.402   1.00 44.59 ? 121 SO4 A O3  1 
HETATM 1628 O O4  . SO4 C 2 .   ? 1.582   -5.101  1.561   1.00 42.79 ? 121 SO4 A O4  1 
HETATM 1629 S S   . SO4 D 2 .   ? 14.528  5.721   7.850   1.00 57.55 ? 121 SO4 B S   1 
HETATM 1630 O O1  . SO4 D 2 .   ? 15.549  5.044   7.035   1.00 54.62 ? 121 SO4 B O1  1 
HETATM 1631 O O2  . SO4 D 2 .   ? 14.134  4.845   8.973   1.00 56.76 ? 121 SO4 B O2  1 
HETATM 1632 O O3  . SO4 D 2 .   ? 15.094  6.980   8.371   1.00 54.59 ? 121 SO4 B O3  1 
HETATM 1633 O O4  . SO4 D 2 .   ? 13.346  6.024   7.012   1.00 55.19 ? 121 SO4 B O4  1 
HETATM 1634 S S   . SO4 E 2 .   ? 23.765  -2.218  -0.666  1.00 59.09 ? 122 SO4 B S   1 
HETATM 1635 O O1  . SO4 E 2 .   ? 25.079  -2.751  -0.263  1.00 56.96 ? 122 SO4 B O1  1 
HETATM 1636 O O2  . SO4 E 2 .   ? 22.903  -3.319  -1.123  1.00 57.49 ? 122 SO4 B O2  1 
HETATM 1637 O O3  . SO4 E 2 .   ? 23.129  -1.543  0.485   1.00 58.51 ? 122 SO4 B O3  1 
HETATM 1638 O O4  . SO4 E 2 .   ? 23.955  -1.253  -1.763  1.00 57.33 ? 122 SO4 B O4  1 
HETATM 1639 S S   . SO4 F 2 .   ? 22.691  6.117   7.077   1.00 59.02 ? 123 SO4 B S   1 
HETATM 1640 O O1  . SO4 F 2 .   ? 23.733  5.369   6.347   1.00 57.75 ? 123 SO4 B O1  1 
HETATM 1641 O O2  . SO4 F 2 .   ? 21.923  5.198   7.932   1.00 55.75 ? 123 SO4 B O2  1 
HETATM 1642 O O3  . SO4 F 2 .   ? 23.312  7.156   7.916   1.00 57.31 ? 123 SO4 B O3  1 
HETATM 1643 O O4  . SO4 F 2 .   ? 21.789  6.774   6.117   1.00 58.03 ? 123 SO4 B O4  1 
HETATM 1644 O O   . HOH G 3 .   ? -10.830 -11.999 -5.603  1.00 30.35 ? 122 HOH A O   1 
HETATM 1645 O O   . HOH G 3 .   ? -26.493 -14.393 9.476   1.00 45.09 ? 123 HOH A O   1 
HETATM 1646 O O   . HOH G 3 .   ? -9.822  -1.043  8.805   1.00 29.52 ? 124 HOH A O   1 
HETATM 1647 O O   . HOH G 3 .   ? -10.317 -15.882 19.114  1.00 38.15 ? 125 HOH A O   1 
HETATM 1648 O O   . HOH G 3 .   ? 24.811  18.213  -10.717 1.00 42.47 ? 126 HOH A O   1 
HETATM 1649 O O   . HOH G 3 .   ? 20.072  17.861  1.201   1.00 47.62 ? 127 HOH A O   1 
HETATM 1650 O O   . HOH G 3 .   ? -7.618  0.023   7.990   1.00 40.43 ? 128 HOH A O   1 
HETATM 1651 O O   . HOH G 3 .   ? -2.757  -2.226  1.806   1.00 37.94 ? 129 HOH A O   1 
HETATM 1652 O O   . HOH G 3 .   ? -13.400 2.245   -2.212  1.00 40.54 ? 130 HOH A O   1 
HETATM 1653 O O   . HOH G 3 .   ? -14.144 -7.689  17.638  1.00 39.39 ? 131 HOH A O   1 
HETATM 1654 O O   . HOH G 3 .   ? 10.528  20.399  1.019   1.00 47.27 ? 132 HOH A O   1 
HETATM 1655 O O   . HOH G 3 .   ? -1.215  -9.745  0.944   1.00 32.80 ? 133 HOH A O   1 
HETATM 1656 O O   . HOH G 3 .   ? -17.557 -13.364 -5.946  1.00 42.24 ? 134 HOH A O   1 
HETATM 1657 O O   . HOH G 3 .   ? -7.401  10.274  2.565   1.00 40.39 ? 135 HOH A O   1 
HETATM 1658 O O   . HOH G 3 .   ? -20.034 3.890   6.930   1.00 54.43 ? 136 HOH A O   1 
HETATM 1659 O O   . HOH G 3 .   ? -27.345 -16.155 8.190   1.00 43.03 ? 137 HOH A O   1 
HETATM 1660 O O   . HOH G 3 .   ? -27.533 -18.632 7.800   1.00 47.00 ? 138 HOH A O   1 
HETATM 1661 O O   . HOH G 3 .   ? -19.906 -10.460 16.233  1.00 53.24 ? 139 HOH A O   1 
HETATM 1662 O O   . HOH G 3 .   ? -18.884 -13.609 16.298  1.00 45.62 ? 140 HOH A O   1 
HETATM 1663 O O   . HOH G 3 .   ? -12.411 -21.786 3.160   1.00 53.13 ? 141 HOH A O   1 
HETATM 1664 O O   . HOH G 3 .   ? -5.266  -17.233 9.424   1.00 37.41 ? 142 HOH A O   1 
HETATM 1665 O O   . HOH G 3 .   ? -3.568  0.302   0.095   1.00 45.31 ? 143 HOH A O   1 
HETATM 1666 O O   . HOH G 3 .   ? 34.273  25.676  -9.295  1.00 57.67 ? 144 HOH A O   1 
HETATM 1667 O O   . HOH G 3 .   ? 8.586   10.076  10.318  1.00 54.17 ? 145 HOH A O   1 
HETATM 1668 O O   . HOH G 3 .   ? -5.683  -12.785 4.392   1.00 35.68 ? 146 HOH A O   1 
HETATM 1669 O O   . HOH G 3 .   ? -15.080 -10.638 -7.240  1.00 35.81 ? 147 HOH A O   1 
HETATM 1670 O O   . HOH G 3 .   ? -16.849 -3.108  -6.616  1.00 36.52 ? 148 HOH A O   1 
HETATM 1671 O O   . HOH G 3 .   ? -19.332 -2.284  -4.743  1.00 40.23 ? 149 HOH A O   1 
HETATM 1672 O O   . HOH G 3 .   ? -8.268  -20.724 9.056   1.00 35.46 ? 150 HOH A O   1 
HETATM 1673 O O   . HOH H 3 .   ? 9.682   8.633   -14.739 1.00 24.87 ? 124 HOH B O   1 
HETATM 1674 O O   . HOH H 3 .   ? 10.751  -1.361  -5.359  1.00 28.12 ? 125 HOH B O   1 
HETATM 1675 O O   . HOH H 3 .   ? 9.489   2.075   1.488   1.00 35.89 ? 126 HOH B O   1 
HETATM 1676 O O   . HOH H 3 .   ? 21.963  3.065   6.236   1.00 37.75 ? 127 HOH B O   1 
HETATM 1677 O O   . HOH H 3 .   ? 9.609   -5.169  -4.415  1.00 40.54 ? 128 HOH B O   1 
HETATM 1678 O O   . HOH H 3 .   ? -8.771  -18.576 -7.586  1.00 38.06 ? 129 HOH B O   1 
HETATM 1679 O O   . HOH H 3 .   ? 8.297   4.389   5.800   1.00 39.66 ? 130 HOH B O   1 
HETATM 1680 O O   . HOH H 3 .   ? -4.067  -15.756 -10.526 1.00 26.99 ? 131 HOH B O   1 
HETATM 1681 O O   . HOH H 3 .   ? 7.712   -1.534  3.503   1.00 36.50 ? 132 HOH B O   1 
HETATM 1682 O O   . HOH H 3 .   ? -7.271  -14.064 -8.725  1.00 27.36 ? 133 HOH B O   1 
HETATM 1683 O O   . HOH H 3 .   ? 9.540   12.573  -13.696 1.00 36.02 ? 134 HOH B O   1 
HETATM 1684 O O   . HOH H 3 .   ? 13.113  18.000  -8.323  1.00 31.04 ? 135 HOH B O   1 
HETATM 1685 O O   . HOH H 3 .   ? 9.042   18.921  -5.749  1.00 36.87 ? 136 HOH B O   1 
HETATM 1686 O O   . HOH H 3 .   ? -0.767  -18.611 -9.474  1.00 48.86 ? 137 HOH B O   1 
HETATM 1687 O O   . HOH H 3 .   ? 24.807  7.031   -13.551 1.00 44.88 ? 138 HOH B O   1 
HETATM 1688 O O   . HOH H 3 .   ? -5.422  -18.286 5.560   1.00 45.51 ? 139 HOH B O   1 
HETATM 1689 O O   . HOH H 3 .   ? -1.493  -3.312  -2.317  1.00 31.78 ? 140 HOH B O   1 
HETATM 1690 O O   . HOH H 3 .   ? 22.652  15.357  -13.610 1.00 47.99 ? 141 HOH B O   1 
HETATM 1691 O O   . HOH H 3 .   ? -2.429  6.761   -4.830  1.00 49.72 ? 142 HOH B O   1 
HETATM 1692 O O   . HOH H 3 .   ? -1.295  3.556   0.279   1.00 47.01 ? 143 HOH B O   1 
HETATM 1693 O O   . HOH H 3 .   ? 12.714  14.487  -11.164 1.00 35.55 ? 144 HOH B O   1 
HETATM 1694 O O   . HOH H 3 .   ? 2.204   1.931   4.913   1.00 46.05 ? 145 HOH B O   1 
HETATM 1695 O O   . HOH H 3 .   ? 3.681   5.209   5.422   1.00 34.22 ? 146 HOH B O   1 
HETATM 1696 O O   . HOH H 3 .   ? 16.486  16.938  4.552   1.00 48.35 ? 147 HOH B O   1 
HETATM 1697 O O   . HOH H 3 .   ? 7.466   -8.677  -18.457 1.00 37.73 ? 148 HOH B O   1 
HETATM 1698 O O   . HOH H 3 .   ? 4.515   -1.754  -13.841 0.50 40.63 ? 149 HOH B O   1 
HETATM 1699 O O   . HOH H 3 .   ? 15.365  12.050  -15.092 1.00 46.47 ? 150 HOH B O   1 
HETATM 1700 O O   . HOH H 3 .   ? 7.811   -5.035  3.210   1.00 39.14 ? 151 HOH B O   1 
HETATM 1701 O O   . HOH H 3 .   ? 1.925   -22.328 -9.605  1.00 35.82 ? 152 HOH B O   1 
HETATM 1702 O O   . HOH H 3 .   ? 26.871  5.498   -2.508  1.00 30.07 ? 153 HOH B O   1 
# 
